data_8UGO
#
_entry.id   8UGO
#
_cell.length_a   48.681
_cell.length_b   169.209
_cell.length_c   183.183
_cell.angle_alpha   90.00
_cell.angle_beta   90.00
_cell.angle_gamma   90.00
#
_symmetry.space_group_name_H-M   'P 21 21 21'
#
loop_
_entity.id
_entity.type
_entity.pdbx_description
1 polymer 'Lipoyl synthase, mitochondrial'
2 polymer 'Glycine cleavage system H protein, mitochondrial'
3 non-polymer "5'-DEOXYADENOSINE"
4 non-polymer 'IRON/SULFUR CLUSTER'
5 non-polymer 'FE3-S4 CLUSTER'
6 non-polymer DI(HYDROXYETHYL)ETHER
7 non-polymer 'TETRAETHYLENE GLYCOL'
8 non-polymer METHIONINE
9 non-polymer '6-THIOOCTANOIC ACID'
10 non-polymer 'NONAETHYLENE GLYCOL'
11 non-polymer 'TRIETHYLENE GLYCOL'
12 non-polymer 'PHOSPHATE ION'
13 water water
#
loop_
_entity_poly.entity_id
_entity_poly.type
_entity_poly.pdbx_seq_one_letter_code
_entity_poly.pdbx_strand_id
1 'polypeptide(L)'
;MSLRCGDAARTLGPRVFGRYFCSPVRPLSSLPDKKKELLQNGPDLQDFVSGDLADRSTWDEYKGNLKRQKGERLRLPPWL
KTEIPMGKNYNKLKNTLRNLNLHTVCEEARCPNIGECWGGGEYATATATIMLMGDTCTRGCRFCSVKTARNPPPLDASEP
YNTAKAIAEWGLDYVVLTSVDRDDMPDGGAEHIAKTVSYLKERNPKILVECLTPDFRGDLKAIEKVALSGLDVYAHNVET
VPELQSKVRDPRANFDQSLRVLKHAKKVQPDVISKTSIMLGLGENDEQVYATMKALREADVDCLTLGQYMQPTRRHLKVE
EYITPEKFKYWEKVGNELGFHYTASGPLVRSSYKAGEFFLKNLVAKRA
;
A,B,D
2 'polypeptide(L)'
;MALRVVRSVRALLCTLRAVPSPAAPCPPRPWQLGVGAVRTLRTGPALLSVRKFTEKHEWVTTENGIGTVGISNFAQEALG
DVVYCSLPEVGTKLNKQDEFGALESVKAASELYSPLSGEVTEINEALAENPGLVNKSCYEDGWLIKMTLSNPSELDELMS
EEAYEKYIKSIEE
;
E,C,F
#
loop_
_chem_comp.id
_chem_comp.type
_chem_comp.name
_chem_comp.formula
2PE non-polymer 'NONAETHYLENE GLYCOL' 'C18 H38 O10'
5AD non-polymer 5'-DEOXYADENOSINE 'C10 H13 N5 O3'
F3S non-polymer 'FE3-S4 CLUSTER' 'Fe3 S4'
PEG non-polymer DI(HYDROXYETHYL)ETHER 'C4 H10 O3'
PG4 non-polymer 'TETRAETHYLENE GLYCOL' 'C8 H18 O5'
PGE non-polymer 'TRIETHYLENE GLYCOL' 'C6 H14 O4'
PO4 non-polymer 'PHOSPHATE ION' 'O4 P -3'
SF4 non-polymer 'IRON/SULFUR CLUSTER' 'Fe4 S4'
YVI non-polymer '6-THIOOCTANOIC ACID' 'C8 H16 O2 S'
#
# COMPACT_ATOMS: atom_id res chain seq x y z
N LYS A 67 5.01 -41.22 37.24
CA LYS A 67 6.29 -40.74 36.72
C LYS A 67 6.08 -39.53 35.81
N ARG A 68 5.26 -39.70 34.78
CA ARG A 68 4.85 -38.59 33.93
C ARG A 68 3.38 -38.23 34.06
N GLN A 69 2.57 -39.09 34.69
CA GLN A 69 1.17 -38.82 34.98
C GLN A 69 0.66 -39.90 35.93
N LYS A 70 -0.17 -39.48 36.90
CA LYS A 70 -0.65 -40.23 38.06
C LYS A 70 0.45 -40.24 39.13
N GLY A 71 1.62 -39.68 38.85
CA GLY A 71 2.60 -39.44 39.89
C GLY A 71 2.93 -37.96 39.95
N GLU A 72 3.01 -37.34 38.78
CA GLU A 72 3.34 -35.92 38.67
C GLU A 72 2.42 -35.31 37.62
N ARG A 73 2.73 -34.07 37.23
CA ARG A 73 2.06 -33.37 36.14
C ARG A 73 3.10 -32.89 35.15
N LEU A 74 2.78 -32.99 33.87
CA LEU A 74 3.61 -32.41 32.83
C LEU A 74 3.20 -30.95 32.60
N ARG A 75 4.19 -30.08 32.49
CA ARG A 75 3.93 -28.68 32.23
C ARG A 75 3.52 -28.48 30.77
N LEU A 76 2.62 -27.53 30.55
CA LEU A 76 2.08 -27.29 29.21
C LEU A 76 3.17 -26.77 28.29
N PRO A 77 3.45 -27.43 27.17
CA PRO A 77 4.46 -26.92 26.24
C PRO A 77 4.00 -25.65 25.57
N PRO A 78 4.92 -24.83 25.05
CA PRO A 78 4.52 -23.55 24.47
C PRO A 78 3.72 -23.66 23.19
N TRP A 79 3.87 -24.75 22.44
CA TRP A 79 3.14 -24.88 21.17
C TRP A 79 1.67 -25.23 21.36
N LEU A 80 1.19 -25.33 22.60
CA LEU A 80 -0.21 -25.62 22.88
C LEU A 80 -0.96 -24.44 23.46
N LYS A 81 -0.29 -23.32 23.71
CA LYS A 81 -0.92 -22.13 24.28
C LYS A 81 -1.69 -21.38 23.21
N THR A 82 -2.96 -21.10 23.49
CA THR A 82 -3.81 -20.33 22.59
C THR A 82 -4.36 -19.12 23.33
N GLU A 83 -5.06 -18.25 22.61
CA GLU A 83 -5.58 -17.02 23.17
C GLU A 83 -7.01 -17.22 23.66
N ILE A 84 -7.43 -16.29 24.52
CA ILE A 84 -8.83 -16.28 24.97
C ILE A 84 -9.74 -15.96 23.80
N PRO A 85 -10.80 -16.72 23.55
CA PRO A 85 -11.69 -16.42 22.44
C PRO A 85 -12.30 -15.03 22.58
N MET A 86 -12.34 -14.31 21.47
CA MET A 86 -12.66 -12.88 21.47
C MET A 86 -13.11 -12.48 20.08
N GLY A 87 -13.85 -11.38 20.01
CA GLY A 87 -14.10 -10.72 18.74
C GLY A 87 -15.57 -10.74 18.36
N LYS A 88 -15.85 -10.22 17.16
CA LYS A 88 -17.22 -10.10 16.67
C LYS A 88 -17.73 -11.41 16.09
N ASN A 89 -16.88 -12.13 15.33
CA ASN A 89 -17.29 -13.42 14.79
C ASN A 89 -17.59 -14.41 15.91
N TYR A 90 -16.79 -14.38 16.98
CA TYR A 90 -16.99 -15.29 18.10
C TYR A 90 -18.30 -15.01 18.83
N ASN A 91 -18.66 -13.73 18.98
CA ASN A 91 -19.92 -13.39 19.64
C ASN A 91 -21.12 -13.57 18.72
N LYS A 92 -20.94 -13.37 17.40
CA LYS A 92 -22.01 -13.65 16.46
C LYS A 92 -22.42 -15.11 16.53
N LEU A 93 -21.44 -16.02 16.49
CA LEU A 93 -21.75 -17.44 16.60
C LEU A 93 -22.39 -17.76 17.95
N LYS A 94 -21.91 -17.13 19.02
CA LYS A 94 -22.47 -17.38 20.34
C LYS A 94 -23.92 -16.91 20.41
N ASN A 95 -24.19 -15.71 19.90
CA ASN A 95 -25.55 -15.19 19.92
C ASN A 95 -26.51 -16.10 19.16
N THR A 96 -26.07 -16.62 18.01
CA THR A 96 -26.91 -17.52 17.23
C THR A 96 -27.24 -18.78 18.00
N LEU A 97 -26.23 -19.40 18.63
CA LEU A 97 -26.44 -20.65 19.32
C LEU A 97 -27.35 -20.49 20.52
N ARG A 98 -27.23 -19.38 21.26
CA ARG A 98 -28.08 -19.17 22.42
C ARG A 98 -29.52 -18.86 22.02
N ASN A 99 -29.70 -18.09 20.94
CA ASN A 99 -31.05 -17.78 20.47
C ASN A 99 -31.79 -19.04 20.03
N LEU A 100 -31.07 -19.97 19.41
CA LEU A 100 -31.67 -21.18 18.87
C LEU A 100 -31.58 -22.37 19.83
N ASN A 101 -30.98 -22.19 21.00
CA ASN A 101 -30.81 -23.24 21.99
C ASN A 101 -30.00 -24.41 21.41
N LEU A 102 -28.81 -24.09 20.93
CA LEU A 102 -27.91 -25.07 20.35
C LEU A 102 -26.62 -25.12 21.16
N HIS A 103 -25.96 -26.27 21.12
CA HIS A 103 -24.68 -26.48 21.79
C HIS A 103 -23.61 -26.81 20.77
N THR A 104 -22.35 -26.65 21.18
CA THR A 104 -21.22 -27.04 20.36
C THR A 104 -20.27 -27.91 21.17
N VAL A 105 -19.57 -28.79 20.48
CA VAL A 105 -18.52 -29.57 21.12
C VAL A 105 -17.35 -28.66 21.49
N CYS A 106 -17.15 -27.58 20.74
CA CYS A 106 -16.07 -26.64 21.04
C CYS A 106 -16.15 -26.14 22.47
N GLU A 107 -17.36 -25.75 22.89
CA GLU A 107 -17.52 -25.20 24.23
C GLU A 107 -17.51 -26.29 25.29
N GLU A 108 -18.29 -27.35 25.09
CA GLU A 108 -18.48 -28.34 26.15
C GLU A 108 -17.24 -29.20 26.36
N ALA A 109 -16.48 -29.48 25.30
CA ALA A 109 -15.21 -30.17 25.45
C ALA A 109 -14.06 -29.22 25.75
N ARG A 110 -14.34 -27.92 25.85
CA ARG A 110 -13.35 -26.90 26.23
C ARG A 110 -12.17 -26.88 25.25
N CYS A 111 -12.49 -26.81 23.97
CA CYS A 111 -11.46 -26.89 22.95
C CYS A 111 -10.60 -25.63 22.95
N PRO A 112 -9.27 -25.76 22.91
CA PRO A 112 -8.40 -24.57 22.89
C PRO A 112 -8.39 -23.84 21.56
N ASN A 113 -9.03 -24.37 20.52
CA ASN A 113 -9.02 -23.76 19.20
C ASN A 113 -10.22 -22.85 18.94
N ILE A 114 -11.05 -22.60 19.96
CA ILE A 114 -12.29 -21.84 19.76
C ILE A 114 -11.99 -20.48 19.14
N GLY A 115 -10.99 -19.78 19.69
CA GLY A 115 -10.63 -18.48 19.15
C GLY A 115 -10.33 -18.51 17.66
N GLU A 116 -9.66 -19.57 17.21
CA GLU A 116 -9.28 -19.68 15.80
C GLU A 116 -10.46 -20.08 14.93
N CYS A 117 -11.15 -21.17 15.29
CA CYS A 117 -12.25 -21.66 14.46
C CYS A 117 -13.42 -20.69 14.45
N TRP A 118 -13.85 -20.24 15.64
CA TRP A 118 -15.07 -19.46 15.75
C TRP A 118 -14.90 -18.04 15.24
N GLY A 119 -13.69 -17.49 15.29
CA GLY A 119 -13.55 -16.09 14.97
C GLY A 119 -12.47 -15.77 13.96
N GLY A 120 -11.41 -15.12 14.44
CA GLY A 120 -10.39 -14.54 13.60
C GLY A 120 -10.07 -13.17 14.16
N GLY A 121 -9.86 -12.19 13.28
CA GLY A 121 -9.79 -10.80 13.71
C GLY A 121 -11.13 -10.10 13.59
N GLU A 122 -12.20 -10.86 13.35
CA GLU A 122 -13.47 -10.29 12.93
C GLU A 122 -13.65 -10.20 11.44
N TYR A 123 -12.66 -10.64 10.65
CA TYR A 123 -12.65 -10.53 9.20
C TYR A 123 -12.25 -11.85 8.57
N ALA A 124 -12.98 -12.92 8.90
CA ALA A 124 -12.56 -14.26 8.50
C ALA A 124 -13.79 -15.14 8.29
N THR A 125 -13.54 -16.45 8.17
CA THR A 125 -14.55 -17.45 7.82
C THR A 125 -14.84 -18.26 9.09
N ALA A 126 -15.81 -17.78 9.86
CA ALA A 126 -16.11 -18.36 11.17
C ALA A 126 -16.89 -19.66 11.03
N THR A 127 -16.50 -20.68 11.81
CA THR A 127 -17.17 -21.96 11.81
C THR A 127 -17.12 -22.57 13.21
N ALA A 128 -18.08 -23.46 13.48
CA ALA A 128 -18.17 -24.14 14.76
C ALA A 128 -18.89 -25.47 14.57
N THR A 129 -18.53 -26.45 15.38
CA THR A 129 -19.08 -27.81 15.30
C THR A 129 -20.23 -27.93 16.28
N ILE A 130 -21.47 -27.93 15.75
CA ILE A 130 -22.65 -28.01 16.59
C ILE A 130 -22.79 -29.40 17.16
N MET A 131 -23.06 -29.48 18.47
CA MET A 131 -23.23 -30.75 19.17
C MET A 131 -24.72 -30.98 19.40
N LEU A 132 -25.25 -32.04 18.79
CA LEU A 132 -26.68 -32.30 18.82
C LEU A 132 -27.06 -33.10 20.07
N MET A 133 -28.37 -33.14 20.33
CA MET A 133 -28.99 -33.97 21.37
C MET A 133 -28.58 -33.53 22.78
N GLY A 134 -28.30 -32.25 22.97
CA GLY A 134 -28.06 -31.70 24.29
C GLY A 134 -26.58 -31.62 24.63
N ASP A 135 -26.33 -31.08 25.83
CA ASP A 135 -24.98 -30.90 26.34
C ASP A 135 -24.63 -31.90 27.44
N THR A 136 -25.40 -32.98 27.54
CA THR A 136 -25.20 -33.99 28.57
C THR A 136 -25.22 -35.38 27.94
N CYS A 137 -24.12 -36.12 28.13
CA CYS A 137 -23.92 -37.42 27.52
C CYS A 137 -24.26 -38.54 28.51
N THR A 138 -24.62 -39.70 27.96
CA THR A 138 -24.85 -40.87 28.78
C THR A 138 -23.56 -41.59 29.17
N ARG A 139 -22.44 -41.21 28.58
CA ARG A 139 -21.17 -41.89 28.79
C ARG A 139 -20.21 -40.99 29.57
N GLY A 140 -19.20 -41.64 30.16
CA GLY A 140 -18.22 -40.91 30.94
C GLY A 140 -16.81 -41.20 30.49
N CYS A 141 -16.49 -40.81 29.25
CA CYS A 141 -15.14 -40.98 28.74
C CYS A 141 -14.16 -40.18 29.61
N ARG A 142 -13.08 -40.83 30.01
CA ARG A 142 -12.13 -40.24 30.96
CA ARG A 142 -12.13 -40.24 30.96
C ARG A 142 -11.38 -39.04 30.38
N PHE A 143 -11.43 -38.84 29.06
CA PHE A 143 -10.74 -37.72 28.42
C PHE A 143 -11.66 -36.56 28.09
N CYS A 144 -12.98 -36.77 28.17
CA CYS A 144 -13.97 -35.83 27.64
C CYS A 144 -14.59 -35.04 28.78
N SER A 145 -14.62 -33.72 28.64
CA SER A 145 -15.19 -32.85 29.65
C SER A 145 -16.66 -32.57 29.43
N VAL A 146 -17.29 -33.19 28.44
CA VAL A 146 -18.74 -33.07 28.28
C VAL A 146 -19.42 -33.70 29.49
N LYS A 147 -20.46 -33.03 29.98
CA LYS A 147 -21.16 -33.47 31.18
C LYS A 147 -21.71 -34.88 31.00
N THR A 148 -21.96 -35.54 32.13
CA THR A 148 -22.45 -36.91 32.16
C THR A 148 -23.68 -36.98 33.05
N ALA A 149 -24.68 -37.75 32.60
CA ALA A 149 -25.84 -38.02 33.43
C ALA A 149 -26.53 -39.28 32.94
N ARG A 150 -27.12 -40.00 33.90
CA ARG A 150 -27.82 -41.24 33.58
C ARG A 150 -29.14 -40.97 32.86
N ASN A 151 -29.81 -39.86 33.18
CA ASN A 151 -31.09 -39.50 32.60
C ASN A 151 -30.97 -38.12 31.93
N PRO A 152 -30.43 -38.07 30.72
CA PRO A 152 -30.34 -36.79 30.00
C PRO A 152 -31.72 -36.26 29.68
N PRO A 153 -31.85 -34.96 29.42
CA PRO A 153 -33.15 -34.39 29.04
C PRO A 153 -33.64 -34.97 27.73
N PRO A 154 -34.94 -34.90 27.45
CA PRO A 154 -35.45 -35.46 26.20
C PRO A 154 -35.02 -34.62 24.99
N LEU A 155 -35.13 -35.24 23.82
CA LEU A 155 -34.67 -34.62 22.59
C LEU A 155 -35.55 -33.44 22.20
N ASP A 156 -34.92 -32.35 21.76
CA ASP A 156 -35.61 -31.21 21.19
C ASP A 156 -35.79 -31.49 19.70
N ALA A 157 -37.04 -31.76 19.29
CA ALA A 157 -37.32 -32.10 17.91
C ALA A 157 -37.03 -30.96 16.96
N SER A 158 -36.99 -29.72 17.45
CA SER A 158 -36.71 -28.57 16.61
C SER A 158 -35.23 -28.34 16.37
N GLU A 159 -34.36 -29.02 17.13
CA GLU A 159 -32.92 -28.83 16.97
C GLU A 159 -32.43 -29.17 15.56
N PRO A 160 -32.86 -30.26 14.91
CA PRO A 160 -32.47 -30.47 13.51
C PRO A 160 -32.89 -29.32 12.61
N TYR A 161 -34.02 -28.67 12.92
CA TYR A 161 -34.51 -27.57 12.10
C TYR A 161 -33.80 -26.26 12.45
N ASN A 162 -33.52 -26.03 13.73
CA ASN A 162 -32.81 -24.81 14.12
C ASN A 162 -31.34 -24.87 13.73
N THR A 163 -30.76 -26.07 13.64
CA THR A 163 -29.37 -26.18 13.22
C THR A 163 -29.20 -25.69 11.78
N ALA A 164 -30.11 -26.07 10.89
CA ALA A 164 -30.04 -25.60 9.51
C ALA A 164 -30.22 -24.09 9.43
N LYS A 165 -30.96 -23.49 10.35
CA LYS A 165 -31.07 -22.04 10.39
C LYS A 165 -29.75 -21.39 10.75
N ALA A 166 -29.04 -21.95 11.73
CA ALA A 166 -27.77 -21.37 12.16
C ALA A 166 -26.72 -21.47 11.06
N ILE A 167 -26.68 -22.60 10.35
CA ILE A 167 -25.69 -22.76 9.28
C ILE A 167 -26.04 -21.89 8.09
N ALA A 168 -27.34 -21.77 7.77
CA ALA A 168 -27.75 -20.84 6.73
C ALA A 168 -27.35 -19.41 7.10
N GLU A 169 -27.43 -19.07 8.39
CA GLU A 169 -27.02 -17.74 8.82
C GLU A 169 -25.52 -17.53 8.66
N TRP A 170 -24.72 -18.54 9.01
CA TRP A 170 -23.27 -18.42 8.90
C TRP A 170 -22.79 -18.53 7.46
N GLY A 171 -23.60 -19.11 6.57
CA GLY A 171 -23.22 -19.21 5.17
C GLY A 171 -22.15 -20.23 4.88
N LEU A 172 -22.10 -21.31 5.66
CA LEU A 172 -21.02 -22.28 5.53
C LEU A 172 -21.23 -23.13 4.27
N ASP A 173 -20.13 -23.33 3.52
CA ASP A 173 -20.14 -24.32 2.46
C ASP A 173 -19.85 -25.72 2.99
N TYR A 174 -19.12 -25.80 4.10
CA TYR A 174 -18.78 -27.06 4.76
C TYR A 174 -19.22 -26.95 6.21
N VAL A 175 -19.89 -27.99 6.70
CA VAL A 175 -20.42 -28.00 8.06
C VAL A 175 -20.10 -29.33 8.71
N VAL A 176 -19.63 -29.29 9.95
CA VAL A 176 -19.38 -30.48 10.76
C VAL A 176 -20.42 -30.53 11.86
N LEU A 177 -21.06 -31.70 12.00
CA LEU A 177 -22.04 -31.95 13.04
C LEU A 177 -21.56 -33.09 13.92
N THR A 178 -21.86 -33.02 15.21
CA THR A 178 -21.55 -34.09 16.14
C THR A 178 -22.64 -34.11 17.21
N SER A 179 -22.47 -34.98 18.20
CA SER A 179 -23.48 -35.16 19.22
C SER A 179 -22.87 -35.84 20.42
N VAL A 180 -23.55 -35.71 21.55
CA VAL A 180 -23.30 -36.57 22.70
C VAL A 180 -23.87 -37.94 22.36
N ASP A 181 -23.49 -38.96 23.11
CA ASP A 181 -24.13 -40.25 22.96
C ASP A 181 -25.42 -40.29 23.76
N ARG A 182 -26.45 -40.91 23.19
CA ARG A 182 -27.75 -41.05 23.83
C ARG A 182 -28.10 -42.54 23.88
N ASP A 183 -27.41 -43.27 24.74
CA ASP A 183 -27.70 -44.68 24.93
C ASP A 183 -29.09 -44.89 25.52
N ASP A 184 -29.71 -43.84 26.08
CA ASP A 184 -31.07 -43.94 26.58
C ASP A 184 -32.09 -43.97 25.46
N MET A 185 -31.72 -43.59 24.24
CA MET A 185 -32.59 -43.55 23.07
C MET A 185 -32.61 -44.90 22.37
N PRO A 186 -33.80 -45.36 21.96
CA PRO A 186 -33.89 -46.67 21.28
C PRO A 186 -33.01 -46.79 20.05
N ASP A 187 -32.84 -45.73 19.28
CA ASP A 187 -31.99 -45.74 18.10
C ASP A 187 -30.69 -44.96 18.30
N GLY A 188 -30.35 -44.65 19.55
CA GLY A 188 -29.15 -43.88 19.84
C GLY A 188 -29.20 -42.47 19.30
N GLY A 189 -30.40 -42.03 18.91
CA GLY A 189 -30.58 -40.71 18.32
C GLY A 189 -30.16 -40.60 16.87
N ALA A 190 -30.03 -41.72 16.15
CA ALA A 190 -29.60 -41.67 14.76
C ALA A 190 -30.58 -40.89 13.90
N GLU A 191 -31.88 -41.10 14.11
CA GLU A 191 -32.88 -40.38 13.34
C GLU A 191 -32.82 -38.88 13.61
N HIS A 192 -32.52 -38.50 14.86
CA HIS A 192 -32.35 -37.08 15.18
C HIS A 192 -31.18 -36.48 14.41
N ILE A 193 -30.09 -37.23 14.27
CA ILE A 193 -28.93 -36.75 13.51
C ILE A 193 -29.26 -36.71 12.02
N ALA A 194 -29.74 -37.82 11.47
CA ALA A 194 -30.04 -37.88 10.05
C ALA A 194 -31.04 -36.81 9.64
N LYS A 195 -31.94 -36.42 10.54
CA LYS A 195 -32.90 -35.38 10.22
C LYS A 195 -32.22 -34.03 10.05
N THR A 196 -31.22 -33.74 10.89
CA THR A 196 -30.48 -32.49 10.76
C THR A 196 -29.78 -32.42 9.41
N VAL A 197 -29.18 -33.53 8.98
CA VAL A 197 -28.53 -33.57 7.67
C VAL A 197 -29.55 -33.32 6.56
N SER A 198 -30.75 -33.88 6.70
CA SER A 198 -31.77 -33.72 5.67
C SER A 198 -32.23 -32.27 5.57
N TYR A 199 -32.43 -31.61 6.72
CA TYR A 199 -32.81 -30.20 6.69
C TYR A 199 -31.73 -29.34 6.06
N LEU A 200 -30.45 -29.69 6.26
CA LEU A 200 -29.36 -28.97 5.61
C LEU A 200 -29.41 -29.14 4.11
N LYS A 201 -29.40 -30.39 3.63
CA LYS A 201 -29.44 -30.65 2.20
C LYS A 201 -30.71 -30.12 1.55
N GLU A 202 -31.81 -30.03 2.30
CA GLU A 202 -33.03 -29.45 1.75
C GLU A 202 -32.85 -27.96 1.48
N ARG A 203 -32.22 -27.24 2.41
CA ARG A 203 -31.96 -25.81 2.23
C ARG A 203 -30.78 -25.54 1.32
N ASN A 204 -29.86 -26.49 1.18
CA ASN A 204 -28.68 -26.32 0.34
C ASN A 204 -28.18 -27.69 -0.12
N PRO A 205 -28.58 -28.15 -1.30
CA PRO A 205 -28.14 -29.48 -1.74
C PRO A 205 -26.64 -29.60 -1.98
N LYS A 206 -25.99 -28.52 -2.41
CA LYS A 206 -24.56 -28.57 -2.67
C LYS A 206 -23.71 -28.46 -1.42
N ILE A 207 -24.31 -28.16 -0.26
CA ILE A 207 -23.52 -28.01 0.95
C ILE A 207 -22.87 -29.34 1.32
N LEU A 208 -21.67 -29.26 1.87
CA LEU A 208 -20.93 -30.42 2.34
C LEU A 208 -21.12 -30.54 3.85
N VAL A 209 -21.61 -31.69 4.30
CA VAL A 209 -21.82 -31.93 5.73
C VAL A 209 -21.00 -33.14 6.15
N GLU A 210 -20.27 -32.99 7.25
CA GLU A 210 -19.50 -34.06 7.87
C GLU A 210 -20.13 -34.38 9.21
N CYS A 211 -20.31 -35.66 9.50
CA CYS A 211 -20.96 -36.11 10.73
C CYS A 211 -19.95 -36.88 11.57
N LEU A 212 -19.69 -36.40 12.78
CA LEU A 212 -18.94 -37.14 13.79
C LEU A 212 -19.99 -37.83 14.67
N THR A 213 -20.30 -39.09 14.35
CA THR A 213 -21.40 -39.79 14.99
C THR A 213 -20.89 -40.69 16.11
N PRO A 214 -21.74 -41.01 17.08
CA PRO A 214 -21.41 -42.07 18.05
C PRO A 214 -21.32 -43.44 17.40
N ASP A 215 -20.91 -44.45 18.17
CA ASP A 215 -20.86 -45.81 17.65
C ASP A 215 -22.23 -46.48 17.64
N PHE A 216 -23.22 -45.90 18.32
CA PHE A 216 -24.55 -46.47 18.45
C PHE A 216 -24.53 -47.88 19.04
N ARG A 217 -23.47 -48.18 19.81
CA ARG A 217 -23.24 -49.53 20.35
C ARG A 217 -23.31 -50.60 19.27
N GLY A 218 -22.80 -50.25 18.09
CA GLY A 218 -22.75 -51.18 16.97
C GLY A 218 -24.07 -51.46 16.29
N ASP A 219 -25.11 -50.68 16.59
CA ASP A 219 -26.42 -50.86 15.95
C ASP A 219 -26.30 -50.57 14.46
N LEU A 220 -26.42 -51.61 13.64
CA LEU A 220 -26.26 -51.41 12.20
C LEU A 220 -27.40 -50.60 11.59
N LYS A 221 -28.61 -50.69 12.17
CA LYS A 221 -29.72 -49.91 11.65
C LYS A 221 -29.57 -48.43 12.00
N ALA A 222 -28.96 -48.12 13.14
CA ALA A 222 -28.71 -46.73 13.49
C ALA A 222 -27.66 -46.11 12.57
N ILE A 223 -26.60 -46.85 12.27
CA ILE A 223 -25.55 -46.35 11.38
C ILE A 223 -26.11 -46.12 9.97
N GLU A 224 -26.93 -47.06 9.48
CA GLU A 224 -27.53 -46.92 8.17
C GLU A 224 -28.35 -45.64 8.07
N LYS A 225 -29.14 -45.34 9.09
CA LYS A 225 -29.97 -44.15 9.08
C LYS A 225 -29.14 -42.89 8.88
N VAL A 226 -27.96 -42.83 9.48
CA VAL A 226 -27.10 -41.66 9.35
C VAL A 226 -26.41 -41.64 7.98
N ALA A 227 -25.85 -42.78 7.57
CA ALA A 227 -25.14 -42.85 6.29
C ALA A 227 -26.05 -42.66 5.09
N LEU A 228 -27.38 -42.74 5.28
CA LEU A 228 -28.34 -42.48 4.22
C LEU A 228 -28.88 -41.06 4.24
N SER A 229 -28.54 -40.26 5.25
CA SER A 229 -29.08 -38.90 5.36
C SER A 229 -28.60 -38.00 4.23
N GLY A 230 -27.57 -38.39 3.49
CA GLY A 230 -27.02 -37.56 2.44
C GLY A 230 -25.68 -36.93 2.77
N LEU A 231 -25.11 -37.25 3.92
CA LEU A 231 -23.84 -36.64 4.31
C LEU A 231 -22.75 -36.98 3.32
N ASP A 232 -21.68 -36.19 3.37
CA ASP A 232 -20.53 -36.38 2.50
C ASP A 232 -19.37 -37.08 3.20
N VAL A 233 -19.17 -36.80 4.48
CA VAL A 233 -18.11 -37.42 5.28
C VAL A 233 -18.75 -38.06 6.51
N TYR A 234 -18.43 -39.34 6.73
CA TYR A 234 -18.87 -40.05 7.92
C TYR A 234 -17.67 -40.23 8.83
N ALA A 235 -17.67 -39.53 9.95
CA ALA A 235 -16.56 -39.58 10.90
C ALA A 235 -16.98 -40.32 12.16
N HIS A 236 -16.11 -41.19 12.64
CA HIS A 236 -16.25 -41.76 13.98
C HIS A 236 -14.86 -42.07 14.53
N ASN A 237 -14.56 -41.55 15.72
CA ASN A 237 -13.20 -41.57 16.26
C ASN A 237 -12.93 -42.84 17.05
N VAL A 238 -11.75 -43.45 16.81
CA VAL A 238 -11.28 -44.55 17.64
C VAL A 238 -10.60 -44.05 18.91
N GLU A 239 -10.21 -42.77 18.95
CA GLU A 239 -9.70 -42.09 20.12
C GLU A 239 -8.28 -42.52 20.51
N THR A 240 -8.07 -43.81 20.76
CA THR A 240 -6.78 -44.31 21.21
C THR A 240 -6.50 -45.68 20.60
N VAL A 241 -5.35 -46.24 20.94
CA VAL A 241 -4.94 -47.56 20.46
C VAL A 241 -5.80 -48.62 21.11
N PRO A 242 -5.93 -49.81 20.52
CA PRO A 242 -6.81 -50.84 21.12
C PRO A 242 -6.44 -51.20 22.55
N GLU A 243 -5.17 -51.13 22.93
CA GLU A 243 -4.77 -51.51 24.28
C GLU A 243 -5.35 -50.57 25.33
N LEU A 244 -5.55 -49.29 24.99
CA LEU A 244 -5.99 -48.28 25.94
C LEU A 244 -7.48 -47.96 25.85
N GLN A 245 -8.24 -48.76 25.10
CA GLN A 245 -9.67 -48.48 24.95
C GLN A 245 -10.39 -48.49 26.30
N SER A 246 -10.10 -49.49 27.15
CA SER A 246 -10.78 -49.60 28.43
C SER A 246 -10.33 -48.54 29.43
N LYS A 247 -9.13 -47.98 29.27
CA LYS A 247 -8.65 -46.97 30.22
C LYS A 247 -9.14 -45.57 29.84
N VAL A 248 -9.35 -45.32 28.55
CA VAL A 248 -9.63 -43.98 28.05
C VAL A 248 -11.11 -43.77 27.78
N ARG A 249 -11.74 -44.69 27.04
CA ARG A 249 -13.11 -44.50 26.61
C ARG A 249 -14.09 -45.08 27.61
N ASP A 250 -15.35 -44.68 27.48
CA ASP A 250 -16.43 -45.34 28.19
C ASP A 250 -16.48 -46.81 27.75
N PRO A 251 -16.62 -47.76 28.68
CA PRO A 251 -16.49 -49.17 28.30
C PRO A 251 -17.51 -49.63 27.27
N ARG A 252 -18.57 -48.86 27.02
CA ARG A 252 -19.53 -49.21 25.98
C ARG A 252 -18.97 -49.03 24.58
N ALA A 253 -17.78 -48.47 24.45
CA ALA A 253 -17.07 -48.37 23.18
C ALA A 253 -15.83 -49.24 23.20
N ASN A 254 -15.45 -49.73 22.02
CA ASN A 254 -14.21 -50.49 21.87
C ASN A 254 -13.74 -50.34 20.43
N PHE A 255 -12.51 -50.79 20.19
CA PHE A 255 -11.89 -50.57 18.88
C PHE A 255 -12.59 -51.36 17.78
N ASP A 256 -12.93 -52.63 18.05
CA ASP A 256 -13.58 -53.44 17.02
C ASP A 256 -14.96 -52.88 16.69
N GLN A 257 -15.67 -52.36 17.69
CA GLN A 257 -16.97 -51.76 17.44
C GLN A 257 -16.85 -50.48 16.63
N SER A 258 -15.88 -49.62 16.99
CA SER A 258 -15.67 -48.40 16.22
C SER A 258 -15.27 -48.71 14.79
N LEU A 259 -14.44 -49.75 14.59
CA LEU A 259 -14.06 -50.14 13.24
C LEU A 259 -15.26 -50.65 12.47
N ARG A 260 -16.17 -51.36 13.16
CA ARG A 260 -17.37 -51.86 12.50
C ARG A 260 -18.28 -50.72 12.06
N VAL A 261 -18.27 -49.60 12.77
CA VAL A 261 -19.09 -48.46 12.37
C VAL A 261 -18.57 -47.86 11.07
N LEU A 262 -17.27 -47.58 11.00
CA LEU A 262 -16.69 -46.97 9.80
C LEU A 262 -16.79 -47.92 8.61
N LYS A 263 -16.62 -49.22 8.85
CA LYS A 263 -16.73 -50.18 7.76
C LYS A 263 -18.16 -50.28 7.24
N HIS A 264 -19.14 -50.20 8.13
CA HIS A 264 -20.52 -50.37 7.70
C HIS A 264 -21.05 -49.15 6.95
N ALA A 265 -20.63 -47.94 7.33
CA ALA A 265 -21.09 -46.75 6.64
C ALA A 265 -20.68 -46.77 5.16
N LYS A 266 -19.51 -47.33 4.85
CA LYS A 266 -19.10 -47.47 3.46
C LYS A 266 -20.03 -48.41 2.70
N LYS A 267 -20.43 -49.52 3.31
CA LYS A 267 -21.31 -50.46 2.63
C LYS A 267 -22.73 -49.95 2.56
N VAL A 268 -23.09 -48.96 3.39
CA VAL A 268 -24.40 -48.33 3.28
C VAL A 268 -24.40 -47.27 2.19
N GLN A 269 -23.28 -46.57 2.01
CA GLN A 269 -23.15 -45.57 0.95
C GLN A 269 -21.69 -45.54 0.53
N PRO A 270 -21.33 -46.22 -0.57
CA PRO A 270 -19.92 -46.32 -0.97
C PRO A 270 -19.31 -44.99 -1.40
N ASP A 271 -20.11 -43.96 -1.62
CA ASP A 271 -19.59 -42.68 -2.07
C ASP A 271 -19.23 -41.74 -0.93
N VAL A 272 -19.60 -42.05 0.32
CA VAL A 272 -19.19 -41.20 1.43
C VAL A 272 -17.72 -41.45 1.76
N ILE A 273 -17.11 -40.46 2.39
CA ILE A 273 -15.74 -40.54 2.84
C ILE A 273 -15.75 -40.88 4.33
N SER A 274 -15.00 -41.92 4.70
CA SER A 274 -14.88 -42.32 6.08
C SER A 274 -13.68 -41.63 6.72
N LYS A 275 -13.82 -41.32 8.01
CA LYS A 275 -12.81 -40.51 8.70
C LYS A 275 -12.81 -40.88 10.18
N THR A 276 -11.61 -40.84 10.78
CA THR A 276 -11.46 -41.18 12.19
C THR A 276 -10.30 -40.38 12.77
N SER A 277 -10.28 -40.28 14.10
CA SER A 277 -9.26 -39.50 14.79
C SER A 277 -8.67 -40.30 15.95
N ILE A 278 -7.40 -40.05 16.22
CA ILE A 278 -6.69 -40.66 17.34
C ILE A 278 -6.05 -39.55 18.16
N MET A 279 -6.06 -39.73 19.48
CA MET A 279 -5.34 -38.84 20.39
C MET A 279 -4.05 -39.51 20.83
N LEU A 280 -2.96 -38.76 20.80
CA LEU A 280 -1.68 -39.21 21.32
C LEU A 280 -1.41 -38.56 22.67
N GLY A 281 -0.54 -39.20 23.45
CA GLY A 281 -0.19 -38.71 24.76
C GLY A 281 -0.91 -39.37 25.91
N LEU A 282 -1.65 -40.45 25.67
CA LEU A 282 -2.37 -41.16 26.70
C LEU A 282 -1.62 -42.39 27.21
N GLY A 283 -0.37 -42.58 26.79
CA GLY A 283 0.44 -43.69 27.24
C GLY A 283 0.76 -44.73 26.18
N GLU A 284 0.26 -44.56 24.97
CA GLU A 284 0.56 -45.49 23.89
C GLU A 284 2.01 -45.37 23.45
N ASN A 285 2.50 -46.37 22.72
CA ASN A 285 3.81 -46.31 22.10
C ASN A 285 3.65 -46.30 20.58
N ASP A 286 4.76 -46.02 19.90
CA ASP A 286 4.73 -45.84 18.45
C ASP A 286 4.30 -47.11 17.74
N GLU A 287 4.73 -48.27 18.25
CA GLU A 287 4.33 -49.54 17.65
C GLU A 287 2.81 -49.71 17.67
N GLN A 288 2.18 -49.34 18.77
CA GLN A 288 0.72 -49.44 18.87
C GLN A 288 0.04 -48.44 17.94
N VAL A 289 0.63 -47.26 17.76
CA VAL A 289 0.05 -46.26 16.87
C VAL A 289 0.08 -46.74 15.42
N TYR A 290 1.24 -47.24 14.98
CA TYR A 290 1.35 -47.70 13.59
C TYR A 290 0.45 -48.90 13.33
N ALA A 291 0.34 -49.80 14.31
CA ALA A 291 -0.58 -50.92 14.16
C ALA A 291 -2.02 -50.44 14.06
N THR A 292 -2.37 -49.37 14.78
CA THR A 292 -3.73 -48.83 14.71
C THR A 292 -3.98 -48.21 13.33
N MET A 293 -3.06 -47.39 12.86
CA MET A 293 -3.20 -46.79 11.53
C MET A 293 -3.27 -47.85 10.45
N LYS A 294 -2.48 -48.92 10.60
CA LYS A 294 -2.48 -50.00 9.61
C LYS A 294 -3.81 -50.74 9.60
N ALA A 295 -4.39 -50.97 10.78
CA ALA A 295 -5.69 -51.62 10.84
C ALA A 295 -6.79 -50.74 10.24
N LEU A 296 -6.57 -49.42 10.20
CA LEU A 296 -7.59 -48.52 9.68
C LEU A 296 -7.63 -48.55 8.15
N ARG A 297 -6.46 -48.64 7.52
CA ARG A 297 -6.43 -48.75 6.05
C ARG A 297 -7.05 -50.05 5.59
N GLU A 298 -6.83 -51.15 6.33
CA GLU A 298 -7.46 -52.42 5.98
C GLU A 298 -8.97 -52.37 6.17
N ALA A 299 -9.48 -51.44 6.97
CA ALA A 299 -10.90 -51.19 7.08
C ALA A 299 -11.39 -50.15 6.08
N ASP A 300 -10.51 -49.69 5.18
CA ASP A 300 -10.87 -48.78 4.09
C ASP A 300 -11.25 -47.39 4.60
N VAL A 301 -10.65 -46.94 5.70
CA VAL A 301 -10.88 -45.59 6.19
C VAL A 301 -10.07 -44.62 5.34
N ASP A 302 -10.74 -43.56 4.86
CA ASP A 302 -10.11 -42.66 3.91
C ASP A 302 -9.25 -41.61 4.59
N CYS A 303 -9.75 -41.00 5.66
CA CYS A 303 -9.10 -39.86 6.28
C CYS A 303 -8.78 -40.15 7.74
N LEU A 304 -7.72 -39.51 8.23
CA LEU A 304 -7.19 -39.76 9.55
C LEU A 304 -6.75 -38.45 10.18
N THR A 305 -6.99 -38.32 11.49
CA THR A 305 -6.60 -37.16 12.26
C THR A 305 -5.83 -37.62 13.48
N LEU A 306 -4.68 -36.98 13.74
CA LEU A 306 -3.91 -37.22 14.95
C LEU A 306 -3.66 -35.91 15.65
N GLY A 307 -3.87 -35.90 16.97
CA GLY A 307 -3.69 -34.70 17.77
C GLY A 307 -3.25 -35.04 19.17
N GLN A 308 -2.76 -34.01 19.85
CA GLN A 308 -2.31 -34.14 21.23
C GLN A 308 -3.50 -34.17 22.17
N TYR A 309 -3.56 -35.17 23.04
CA TYR A 309 -4.52 -35.16 24.11
C TYR A 309 -4.12 -34.13 25.15
N MET A 310 -5.09 -33.33 25.61
CA MET A 310 -4.85 -32.31 26.60
C MET A 310 -5.91 -32.41 27.69
N GLN A 311 -5.47 -32.44 28.93
CA GLN A 311 -6.36 -32.59 30.08
C GLN A 311 -7.35 -31.44 30.14
N PRO A 312 -8.66 -31.70 30.00
CA PRO A 312 -9.63 -30.60 29.97
C PRO A 312 -10.07 -30.14 31.35
N THR A 313 -10.04 -31.04 32.32
CA THR A 313 -10.49 -30.74 33.68
C THR A 313 -9.56 -31.46 34.65
N ARG A 314 -9.31 -30.83 35.81
CA ARG A 314 -8.44 -31.41 36.82
C ARG A 314 -8.90 -32.80 37.26
N ARG A 315 -10.17 -33.15 37.02
CA ARG A 315 -10.67 -34.47 37.37
C ARG A 315 -10.63 -35.45 36.22
N HIS A 316 -10.08 -35.07 35.07
CA HIS A 316 -9.92 -35.96 33.94
C HIS A 316 -8.47 -36.41 33.83
N LEU A 317 -8.22 -37.33 32.90
CA LEU A 317 -6.92 -37.98 32.79
C LEU A 317 -5.79 -36.96 32.64
N LYS A 318 -4.66 -37.26 33.26
CA LYS A 318 -3.46 -36.46 33.08
C LYS A 318 -2.73 -36.87 31.81
N VAL A 319 -2.08 -35.89 31.18
CA VAL A 319 -1.32 -36.17 29.97
C VAL A 319 -0.11 -37.03 30.34
N GLU A 320 0.04 -38.16 29.65
CA GLU A 320 1.17 -39.05 29.90
C GLU A 320 2.43 -38.58 29.18
N GLU A 321 2.28 -37.98 28.01
CA GLU A 321 3.42 -37.52 27.21
C GLU A 321 2.94 -36.42 26.28
N TYR A 322 3.78 -35.40 26.12
CA TYR A 322 3.52 -34.33 25.15
C TYR A 322 4.35 -34.60 23.90
N ILE A 323 3.66 -34.93 22.81
CA ILE A 323 4.31 -35.28 21.56
C ILE A 323 4.82 -34.02 20.89
N THR A 324 6.08 -34.05 20.43
CA THR A 324 6.67 -32.88 19.81
C THR A 324 5.99 -32.59 18.47
N PRO A 325 6.05 -31.33 18.00
CA PRO A 325 5.52 -31.03 16.66
C PRO A 325 6.16 -31.83 15.55
N GLU A 326 7.47 -32.09 15.64
CA GLU A 326 8.15 -32.87 14.60
C GLU A 326 7.59 -34.28 14.51
N LYS A 327 7.24 -34.87 15.65
CA LYS A 327 6.71 -36.23 15.66
C LYS A 327 5.34 -36.31 15.00
N PHE A 328 4.54 -35.25 15.10
CA PHE A 328 3.27 -35.22 14.38
C PHE A 328 3.50 -35.11 12.87
N LYS A 329 4.54 -34.37 12.47
CA LYS A 329 4.87 -34.29 11.05
C LYS A 329 5.32 -35.65 10.52
N TYR A 330 5.98 -36.46 11.36
CA TYR A 330 6.32 -37.81 10.95
C TYR A 330 5.06 -38.65 10.73
N TRP A 331 4.11 -38.58 11.67
CA TRP A 331 2.90 -39.38 11.53
C TRP A 331 2.08 -38.98 10.32
N GLU A 332 2.21 -37.74 9.87
CA GLU A 332 1.58 -37.34 8.61
C GLU A 332 2.19 -38.10 7.44
N LYS A 333 3.50 -38.32 7.47
CA LYS A 333 4.16 -39.07 6.40
C LYS A 333 3.71 -40.52 6.40
N VAL A 334 3.55 -41.12 7.58
CA VAL A 334 3.10 -42.51 7.67
C VAL A 334 1.70 -42.65 7.09
N GLY A 335 0.82 -41.69 7.38
CA GLY A 335 -0.49 -41.70 6.77
C GLY A 335 -0.44 -41.65 5.26
N ASN A 336 0.50 -40.86 4.71
CA ASN A 336 0.68 -40.81 3.27
C ASN A 336 1.27 -42.11 2.75
N GLU A 337 2.17 -42.73 3.52
CA GLU A 337 2.76 -44.00 3.10
C GLU A 337 1.72 -45.11 3.10
N LEU A 338 0.81 -45.11 4.07
CA LEU A 338 -0.22 -46.14 4.16
C LEU A 338 -1.33 -45.98 3.13
N GLY A 339 -1.53 -44.77 2.61
CA GLY A 339 -2.52 -44.55 1.58
C GLY A 339 -3.76 -43.78 1.99
N PHE A 340 -3.77 -43.14 3.16
CA PHE A 340 -4.89 -42.29 3.52
C PHE A 340 -5.00 -41.13 2.56
N HIS A 341 -6.24 -40.76 2.21
CA HIS A 341 -6.43 -39.65 1.28
C HIS A 341 -5.96 -38.32 1.86
N TYR A 342 -6.04 -38.17 3.18
CA TYR A 342 -5.31 -37.11 3.86
C TYR A 342 -5.10 -37.51 5.31
N THR A 343 -4.04 -36.98 5.90
CA THR A 343 -3.69 -37.23 7.30
C THR A 343 -3.45 -35.89 7.98
N ALA A 344 -4.48 -35.36 8.63
CA ALA A 344 -4.34 -34.14 9.41
C ALA A 344 -3.62 -34.47 10.71
N SER A 345 -2.40 -33.96 10.87
CA SER A 345 -1.58 -34.30 12.02
C SER A 345 -0.93 -33.05 12.58
N GLY A 346 -0.96 -32.93 13.91
CA GLY A 346 -0.44 -31.78 14.59
C GLY A 346 -0.96 -31.72 16.02
N PRO A 347 -0.22 -31.02 16.89
CA PRO A 347 -0.59 -31.00 18.31
C PRO A 347 -2.01 -30.52 18.57
N LEU A 348 -2.39 -29.37 18.00
CA LEU A 348 -3.71 -28.81 18.22
C LEU A 348 -4.76 -29.32 17.24
N VAL A 349 -4.40 -30.25 16.35
CA VAL A 349 -5.36 -30.79 15.40
C VAL A 349 -6.41 -31.59 16.15
N ARG A 350 -7.68 -31.37 15.79
CA ARG A 350 -8.79 -32.15 16.29
C ARG A 350 -9.59 -32.67 15.09
N SER A 351 -10.58 -33.53 15.38
CA SER A 351 -11.33 -34.19 14.32
C SER A 351 -11.95 -33.19 13.35
N SER A 352 -12.49 -32.08 13.88
CA SER A 352 -13.17 -31.08 13.05
C SER A 352 -12.28 -29.91 12.65
N TYR A 353 -11.06 -29.84 13.17
CA TYR A 353 -10.19 -28.68 12.92
C TYR A 353 -9.88 -28.50 11.44
N LYS A 354 -10.40 -27.41 10.85
CA LYS A 354 -10.18 -27.09 9.44
C LYS A 354 -10.55 -28.27 8.55
N ALA A 355 -11.62 -28.99 8.93
CA ALA A 355 -12.04 -30.15 8.16
C ALA A 355 -12.40 -29.79 6.73
N GLY A 356 -13.01 -28.61 6.55
CA GLY A 356 -13.34 -28.16 5.20
C GLY A 356 -12.11 -28.01 4.33
N GLU A 357 -11.08 -27.34 4.86
CA GLU A 357 -9.84 -27.16 4.11
C GLU A 357 -9.21 -28.49 3.75
N PHE A 358 -9.05 -29.37 4.75
CA PHE A 358 -8.44 -30.68 4.50
C PHE A 358 -9.21 -31.46 3.45
N PHE A 359 -10.55 -31.38 3.48
CA PHE A 359 -11.36 -32.10 2.50
C PHE A 359 -11.17 -31.52 1.11
N LEU A 360 -11.31 -30.20 0.97
CA LEU A 360 -11.29 -29.58 -0.35
C LEU A 360 -9.90 -29.63 -0.96
N LYS A 361 -8.86 -29.43 -0.16
CA LYS A 361 -7.50 -29.39 -0.69
C LYS A 361 -6.97 -30.78 -1.05
N ASN A 362 -7.55 -31.84 -0.49
CA ASN A 362 -7.05 -33.20 -0.72
C ASN A 362 -7.97 -34.07 -1.54
N LEU A 363 -9.29 -33.87 -1.46
CA LEU A 363 -10.24 -34.76 -2.10
C LEU A 363 -10.90 -34.20 -3.36
N VAL A 364 -10.94 -32.87 -3.49
CA VAL A 364 -11.27 -32.25 -4.77
C VAL A 364 -10.02 -31.73 -5.46
N ALA A 365 -9.00 -31.32 -4.70
CA ALA A 365 -7.65 -30.99 -5.19
C ALA A 365 -7.57 -30.42 -6.60
N VAL B 50 -15.98 -0.55 43.01
CA VAL B 50 -15.27 0.11 41.92
C VAL B 50 -14.19 -0.82 41.36
N ARG B 51 -14.48 -1.42 40.21
CA ARG B 51 -13.60 -2.39 39.58
C ARG B 51 -13.34 -1.98 38.14
N LYS B 52 -12.08 -1.76 37.80
CA LYS B 52 -11.65 -1.42 36.45
C LYS B 52 -11.01 -2.64 35.79
N PHE B 53 -10.99 -2.62 34.46
CA PHE B 53 -10.52 -3.76 33.68
C PHE B 53 -9.50 -3.31 32.63
N THR B 54 -8.67 -4.25 32.20
CA THR B 54 -7.72 -4.07 31.12
C THR B 54 -8.19 -4.82 29.89
N GLU B 55 -7.52 -4.55 28.77
CA GLU B 55 -7.87 -5.22 27.51
C GLU B 55 -7.50 -6.70 27.54
N LYS B 56 -6.51 -7.07 28.36
CA LYS B 56 -6.08 -8.45 28.51
C LYS B 56 -6.83 -9.19 29.61
N HIS B 57 -8.02 -8.71 29.99
CA HIS B 57 -8.94 -9.40 30.89
C HIS B 57 -8.38 -9.47 32.32
N GLU B 58 -7.77 -8.38 32.77
CA GLU B 58 -7.31 -8.24 34.15
C GLU B 58 -8.10 -7.13 34.82
N TRP B 59 -8.50 -7.37 36.07
CA TRP B 59 -9.21 -6.37 36.85
C TRP B 59 -8.34 -5.86 37.99
N VAL B 60 -8.74 -4.72 38.54
CA VAL B 60 -8.04 -4.11 39.66
C VAL B 60 -9.04 -3.31 40.48
N THR B 61 -8.90 -3.39 41.80
CA THR B 61 -9.67 -2.58 42.74
C THR B 61 -8.71 -1.95 43.73
N THR B 62 -8.99 -0.69 44.10
CA THR B 62 -8.11 0.07 44.97
C THR B 62 -8.76 0.31 46.32
N GLU B 63 -7.94 0.32 47.37
CA GLU B 63 -8.40 0.65 48.71
C GLU B 63 -7.19 1.04 49.54
N ASN B 64 -7.25 2.22 50.16
CA ASN B 64 -6.15 2.74 50.97
C ASN B 64 -4.84 2.79 50.19
N GLY B 65 -4.94 3.12 48.90
CA GLY B 65 -3.76 3.23 48.07
C GLY B 65 -3.13 1.91 47.67
N ILE B 66 -3.86 0.81 47.80
CA ILE B 66 -3.37 -0.51 47.42
C ILE B 66 -4.31 -1.08 46.36
N GLY B 67 -3.73 -1.54 45.25
CA GLY B 67 -4.49 -2.14 44.18
C GLY B 67 -4.43 -3.66 44.24
N THR B 68 -5.60 -4.28 44.20
CA THR B 68 -5.72 -5.74 44.18
C THR B 68 -6.00 -6.18 42.75
N VAL B 69 -5.15 -7.06 42.21
CA VAL B 69 -5.18 -7.43 40.80
C VAL B 69 -5.58 -8.89 40.67
N GLY B 70 -6.49 -9.16 39.73
CA GLY B 70 -6.90 -10.51 39.42
C GLY B 70 -7.35 -10.64 37.98
N ILE B 71 -7.94 -11.77 37.62
CA ILE B 71 -8.43 -12.00 36.26
C ILE B 71 -9.96 -12.03 36.30
N SER B 72 -10.57 -11.66 35.19
CA SER B 72 -12.03 -11.55 35.13
C SER B 72 -12.66 -12.94 35.10
N ASN B 73 -13.99 -12.95 35.30
CA ASN B 73 -14.73 -14.21 35.23
C ASN B 73 -14.75 -14.76 33.81
N PHE B 74 -14.75 -13.88 32.81
CA PHE B 74 -14.71 -14.32 31.43
C PHE B 74 -13.39 -15.01 31.11
N ALA B 75 -12.30 -14.56 31.72
CA ALA B 75 -10.99 -15.12 31.42
C ALA B 75 -10.81 -16.49 32.08
N GLN B 76 -11.20 -16.62 33.35
CA GLN B 76 -11.01 -17.89 34.05
C GLN B 76 -11.87 -18.98 33.41
N GLU B 77 -13.06 -18.63 32.93
CA GLU B 77 -13.89 -19.60 32.21
C GLU B 77 -13.18 -20.07 30.94
N ALA B 78 -12.54 -19.14 30.22
CA ALA B 78 -11.79 -19.52 29.04
C ALA B 78 -10.57 -20.35 29.39
N LEU B 79 -9.93 -20.08 30.54
CA LEU B 79 -8.70 -20.77 30.88
C LEU B 79 -8.96 -22.16 31.43
N GLY B 80 -9.97 -22.33 32.27
CA GLY B 80 -10.24 -23.62 32.88
C GLY B 80 -9.58 -23.75 34.23
N ASP B 81 -9.57 -24.99 34.73
CA ASP B 81 -9.01 -25.31 36.04
C ASP B 81 -7.54 -24.90 36.15
N VAL B 82 -7.26 -23.87 36.94
CA VAL B 82 -5.91 -23.38 37.10
C VAL B 82 -5.12 -24.33 38.00
N VAL B 83 -3.85 -24.54 37.67
CA VAL B 83 -3.00 -25.48 38.38
C VAL B 83 -1.80 -24.80 39.01
N TYR B 84 -1.13 -23.91 38.28
CA TYR B 84 0.03 -23.21 38.79
C TYR B 84 -0.06 -21.72 38.48
N CYS B 85 0.28 -20.90 39.45
CA CYS B 85 0.29 -19.44 39.30
C CYS B 85 1.71 -18.95 39.51
N SER B 86 2.32 -18.42 38.46
CA SER B 86 3.66 -17.84 38.55
C SER B 86 3.49 -16.38 38.96
N LEU B 87 3.78 -16.09 40.22
CA LEU B 87 3.60 -14.75 40.77
C LEU B 87 4.95 -14.13 41.11
N PRO B 88 5.08 -12.80 41.00
CA PRO B 88 6.37 -12.17 41.26
C PRO B 88 6.68 -12.07 42.74
N GLU B 89 7.96 -11.92 43.04
CA GLU B 89 8.39 -11.73 44.42
C GLU B 89 7.88 -10.39 44.95
N VAL B 90 7.59 -10.36 46.25
CA VAL B 90 7.19 -9.12 46.89
C VAL B 90 8.33 -8.12 46.81
N GLY B 91 8.01 -6.88 46.44
CA GLY B 91 8.99 -5.85 46.24
C GLY B 91 9.32 -5.56 44.79
N THR B 92 8.81 -6.38 43.87
CA THR B 92 9.03 -6.14 42.45
C THR B 92 8.38 -4.82 42.04
N LYS B 93 9.12 -4.02 41.27
CA LYS B 93 8.62 -2.75 40.75
C LYS B 93 8.12 -2.99 39.33
N LEU B 94 6.83 -2.75 39.11
CA LEU B 94 6.20 -2.99 37.82
C LEU B 94 5.81 -1.68 37.16
N ASN B 95 5.95 -1.63 35.85
CA ASN B 95 5.37 -0.58 35.03
C ASN B 95 4.05 -1.06 34.46
N LYS B 96 3.23 -0.11 34.00
CA LYS B 96 1.97 -0.47 33.39
C LYS B 96 2.21 -1.34 32.16
N GLN B 97 1.40 -2.39 32.02
CA GLN B 97 1.45 -3.38 30.96
C GLN B 97 2.70 -4.26 31.01
N ASP B 98 3.50 -4.15 32.06
CA ASP B 98 4.61 -5.09 32.24
C ASP B 98 4.06 -6.48 32.53
N GLU B 99 4.72 -7.50 31.97
CA GLU B 99 4.36 -8.88 32.23
C GLU B 99 4.92 -9.30 33.57
N PHE B 100 4.03 -9.53 34.55
CA PHE B 100 4.45 -9.82 35.92
C PHE B 100 4.25 -11.26 36.33
N GLY B 101 3.64 -12.08 35.50
CA GLY B 101 3.44 -13.47 35.87
C GLY B 101 2.76 -14.25 34.76
N ALA B 102 2.23 -15.41 35.13
CA ALA B 102 1.53 -16.26 34.19
C ALA B 102 0.66 -17.24 34.97
N LEU B 103 -0.36 -17.75 34.29
CA LEU B 103 -1.26 -18.76 34.84
C LEU B 103 -1.25 -19.98 33.93
N GLU B 104 -1.19 -21.16 34.53
CA GLU B 104 -1.27 -22.41 33.79
C GLU B 104 -2.47 -23.21 34.27
N SER B 105 -3.35 -23.54 33.35
CA SER B 105 -4.48 -24.42 33.60
C SER B 105 -4.20 -25.78 32.98
N VAL B 106 -5.13 -26.70 33.17
CA VAL B 106 -4.99 -28.06 32.68
C VAL B 106 -4.94 -28.08 31.14
N LYS B 107 -5.71 -27.20 30.52
CA LYS B 107 -5.80 -27.16 29.03
C LYS B 107 -5.51 -25.82 28.45
N ALA B 108 -4.81 -24.96 29.19
CA ALA B 108 -4.55 -23.60 28.73
C ALA B 108 -3.51 -22.89 29.58
N ALA B 109 -2.99 -21.78 29.04
CA ALA B 109 -2.02 -20.95 29.75
C ALA B 109 -2.12 -19.53 29.22
N SER B 110 -2.03 -18.56 30.12
CA SER B 110 -2.12 -17.15 29.76
C SER B 110 -1.12 -16.36 30.57
N GLU B 111 -0.64 -15.25 29.97
CA GLU B 111 0.27 -14.35 30.65
C GLU B 111 -0.50 -13.30 31.43
N LEU B 112 0.13 -12.80 32.49
CA LEU B 112 -0.44 -11.77 33.34
C LEU B 112 0.30 -10.47 33.13
N TYR B 113 -0.41 -9.42 32.73
CA TYR B 113 0.17 -8.13 32.45
C TYR B 113 -0.30 -7.11 33.47
N SER B 114 0.60 -6.22 33.86
CA SER B 114 0.32 -5.30 34.97
C SER B 114 -0.72 -4.27 34.54
N PRO B 115 -1.80 -4.09 35.31
CA PRO B 115 -2.73 -2.99 35.03
C PRO B 115 -2.24 -1.64 35.51
N LEU B 116 -1.22 -1.60 36.36
CA LEU B 116 -0.77 -0.36 36.98
C LEU B 116 0.75 -0.34 37.02
N SER B 117 1.28 0.85 37.29
CA SER B 117 2.67 1.04 37.65
C SER B 117 2.76 1.11 39.16
N GLY B 118 3.59 0.25 39.75
CA GLY B 118 3.73 0.24 41.20
C GLY B 118 4.61 -0.89 41.65
N GLU B 119 4.69 -1.03 42.97
CA GLU B 119 5.53 -2.00 43.65
C GLU B 119 4.66 -3.10 44.25
N VAL B 120 5.01 -4.36 43.95
CA VAL B 120 4.25 -5.50 44.45
C VAL B 120 4.39 -5.57 45.97
N THR B 121 3.26 -5.60 46.68
CA THR B 121 3.25 -5.61 48.13
C THR B 121 2.89 -6.96 48.73
N GLU B 122 2.11 -7.78 48.02
CA GLU B 122 1.66 -9.05 48.58
C GLU B 122 1.22 -9.96 47.44
N ILE B 123 1.41 -11.26 47.65
CA ILE B 123 0.95 -12.28 46.72
C ILE B 123 -0.02 -13.20 47.45
N ASN B 124 -1.00 -13.73 46.72
CA ASN B 124 -1.99 -14.63 47.29
C ASN B 124 -1.33 -15.97 47.59
N GLU B 125 -1.03 -16.21 48.86
CA GLU B 125 -0.35 -17.44 49.24
C GLU B 125 -1.27 -18.66 49.22
N ALA B 126 -2.58 -18.45 49.25
CA ALA B 126 -3.53 -19.56 49.17
C ALA B 126 -3.54 -20.24 47.81
N LEU B 127 -2.91 -19.63 46.79
CA LEU B 127 -2.89 -20.22 45.46
C LEU B 127 -1.92 -21.39 45.36
N ALA B 128 -0.99 -21.53 46.31
CA ALA B 128 -0.06 -22.66 46.26
C ALA B 128 -0.75 -23.97 46.60
N GLU B 129 -1.61 -23.96 47.63
CA GLU B 129 -2.34 -25.16 48.01
C GLU B 129 -3.68 -25.29 47.29
N ASN B 130 -4.32 -24.17 46.95
CA ASN B 130 -5.63 -24.17 46.31
C ASN B 130 -5.63 -23.20 45.13
N PRO B 131 -4.99 -23.57 44.03
CA PRO B 131 -5.00 -22.70 42.84
C PRO B 131 -6.36 -22.59 42.19
N GLY B 132 -7.29 -23.49 42.47
CA GLY B 132 -8.64 -23.40 41.96
C GLY B 132 -9.45 -22.24 42.49
N LEU B 133 -8.88 -21.44 43.40
CA LEU B 133 -9.58 -20.28 43.90
C LEU B 133 -9.83 -19.24 42.82
N VAL B 134 -8.88 -19.07 41.90
CA VAL B 134 -9.04 -18.04 40.87
C VAL B 134 -10.13 -18.42 39.89
N ASN B 135 -10.50 -19.70 39.80
CA ASN B 135 -11.59 -20.09 38.91
C ASN B 135 -12.94 -19.69 39.49
N LYS B 136 -13.21 -20.06 40.74
CA LYS B 136 -14.52 -19.84 41.36
C LYS B 136 -14.49 -18.76 42.44
N SER B 137 -13.49 -17.88 42.41
CA SER B 137 -13.50 -16.71 43.28
C SER B 137 -12.61 -15.63 42.66
N CYS B 138 -12.72 -15.45 41.35
CA CYS B 138 -11.80 -14.58 40.62
C CYS B 138 -11.84 -13.15 41.14
N TYR B 139 -12.97 -12.72 41.69
CA TYR B 139 -13.13 -11.35 42.17
C TYR B 139 -12.98 -11.21 43.68
N GLU B 140 -12.80 -12.31 44.41
CA GLU B 140 -12.69 -12.22 45.85
C GLU B 140 -11.50 -13.01 46.38
N ASP B 141 -11.68 -14.30 46.65
CA ASP B 141 -10.61 -15.11 47.21
C ASP B 141 -9.57 -15.54 46.18
N GLY B 142 -9.87 -15.38 44.89
CA GLY B 142 -8.96 -15.82 43.85
C GLY B 142 -8.10 -14.72 43.27
N TRP B 143 -7.94 -13.62 44.00
CA TRP B 143 -7.04 -12.56 43.56
C TRP B 143 -5.61 -13.09 43.48
N LEU B 144 -4.76 -12.35 42.77
CA LEU B 144 -3.40 -12.79 42.48
C LEU B 144 -2.37 -12.03 43.29
N ILE B 145 -2.25 -10.71 43.09
CA ILE B 145 -1.26 -9.90 43.78
C ILE B 145 -1.92 -8.62 44.29
N LYS B 146 -1.19 -7.92 45.16
CA LYS B 146 -1.54 -6.59 45.60
C LYS B 146 -0.33 -5.69 45.42
N MET B 147 -0.56 -4.47 44.95
CA MET B 147 0.53 -3.56 44.61
C MET B 147 0.15 -2.14 44.98
N THR B 148 1.15 -1.26 44.94
CA THR B 148 0.94 0.17 45.15
C THR B 148 0.56 0.83 43.83
N LEU B 149 0.36 2.15 43.87
CA LEU B 149 -0.02 2.92 42.69
C LEU B 149 0.97 4.07 42.53
N SER B 150 1.99 3.87 41.69
CA SER B 150 2.95 4.93 41.41
C SER B 150 2.30 6.07 40.65
N ASN B 151 1.29 5.78 39.83
CA ASN B 151 0.61 6.79 39.03
C ASN B 151 -0.88 6.49 39.06
N PRO B 152 -1.59 7.00 40.08
CA PRO B 152 -3.04 6.70 40.18
C PRO B 152 -3.85 7.16 38.99
N SER B 153 -3.33 8.10 38.20
CA SER B 153 -4.06 8.57 37.02
C SER B 153 -4.19 7.48 35.96
N GLU B 154 -3.42 6.41 36.04
CA GLU B 154 -3.53 5.31 35.09
C GLU B 154 -4.87 4.59 35.19
N LEU B 155 -5.59 4.76 36.31
CA LEU B 155 -6.91 4.16 36.44
C LEU B 155 -7.91 4.71 35.43
N ASP B 156 -7.69 5.93 34.93
CA ASP B 156 -8.54 6.48 33.90
C ASP B 156 -8.33 5.81 32.55
N GLU B 157 -7.16 5.18 32.34
CA GLU B 157 -6.89 4.45 31.12
C GLU B 157 -7.55 3.08 31.08
N LEU B 158 -8.06 2.60 32.22
CA LEU B 158 -8.76 1.33 32.28
C LEU B 158 -10.25 1.55 32.11
N MET B 159 -10.93 0.56 31.53
CA MET B 159 -12.35 0.65 31.29
C MET B 159 -13.14 0.21 32.52
N SER B 160 -14.34 0.76 32.66
CA SER B 160 -15.23 0.42 33.75
C SER B 160 -15.77 -0.99 33.55
N GLU B 161 -16.49 -1.48 34.58
CA GLU B 161 -17.02 -2.83 34.52
C GLU B 161 -18.08 -2.98 33.43
N GLU B 162 -18.89 -1.94 33.19
CA GLU B 162 -19.89 -2.03 32.14
C GLU B 162 -19.31 -1.76 30.75
N ALA B 163 -18.19 -1.06 30.66
CA ALA B 163 -17.50 -0.95 29.37
C ALA B 163 -16.80 -2.25 29.01
N TYR B 164 -16.35 -3.01 30.00
CA TYR B 164 -15.66 -4.27 29.75
C TYR B 164 -16.62 -5.37 29.30
N GLU B 165 -17.86 -5.37 29.82
CA GLU B 165 -18.83 -6.35 29.36
C GLU B 165 -19.18 -6.13 27.89
N LYS B 166 -19.29 -4.88 27.46
CA LYS B 166 -19.46 -4.59 26.05
C LYS B 166 -18.20 -4.93 25.26
N TYR B 167 -17.04 -4.85 25.90
CA TYR B 167 -15.78 -5.17 25.23
C TYR B 167 -15.71 -6.65 24.86
N ILE B 168 -16.16 -7.52 25.76
CA ILE B 168 -16.11 -8.95 25.48
C ILE B 168 -17.32 -9.43 24.68
N LYS B 169 -18.40 -8.66 24.63
CA LYS B 169 -19.60 -9.06 23.91
C LYS B 169 -19.74 -8.39 22.55
N SER B 170 -18.89 -7.44 22.21
CA SER B 170 -18.92 -6.81 20.90
C SER B 170 -17.58 -6.96 20.18
N LEU C 66 -21.70 11.65 -3.07
CA LEU C 66 -20.64 10.68 -3.29
C LEU C 66 -20.19 10.70 -4.76
N LYS C 67 -20.90 11.47 -5.58
CA LYS C 67 -20.52 11.67 -6.98
C LYS C 67 -19.78 12.99 -7.09
N ARG C 68 -18.66 12.99 -7.81
CA ARG C 68 -17.79 14.16 -7.90
C ARG C 68 -18.41 15.17 -8.86
N GLN C 69 -18.85 16.30 -8.33
CA GLN C 69 -19.20 17.43 -9.18
C GLN C 69 -17.96 17.93 -9.92
N LYS C 70 -18.12 18.22 -11.21
CA LYS C 70 -17.00 18.63 -12.04
C LYS C 70 -16.32 19.88 -11.48
N GLY C 71 -15.00 19.84 -11.38
CA GLY C 71 -14.24 20.94 -10.83
C GLY C 71 -14.05 20.91 -9.34
N GLU C 72 -14.32 19.77 -8.69
CA GLU C 72 -14.17 19.64 -7.26
C GLU C 72 -13.50 18.30 -6.96
N ARG C 73 -13.25 18.06 -5.68
CA ARG C 73 -12.67 16.81 -5.20
C ARG C 73 -13.63 16.15 -4.22
N LEU C 74 -13.72 14.82 -4.29
CA LEU C 74 -14.47 14.08 -3.29
C LEU C 74 -13.60 13.87 -2.06
N ARG C 75 -14.19 14.08 -0.89
CA ARG C 75 -13.52 13.80 0.36
C ARG C 75 -13.51 12.31 0.62
N LEU C 76 -12.46 11.84 1.27
CA LEU C 76 -12.32 10.41 1.57
C LEU C 76 -13.39 9.99 2.57
N PRO C 77 -14.25 9.03 2.24
CA PRO C 77 -15.24 8.56 3.21
C PRO C 77 -14.56 7.86 4.38
N PRO C 78 -15.23 7.78 5.53
CA PRO C 78 -14.57 7.20 6.72
C PRO C 78 -14.31 5.71 6.62
N TRP C 79 -15.01 4.99 5.75
CA TRP C 79 -14.81 3.55 5.64
C TRP C 79 -13.57 3.17 4.83
N LEU C 80 -12.81 4.16 4.34
CA LEU C 80 -11.59 3.91 3.58
C LEU C 80 -10.33 4.28 4.34
N LYS C 81 -10.46 4.62 5.63
CA LYS C 81 -9.32 5.06 6.42
C LYS C 81 -8.74 3.87 7.18
N THR C 82 -7.47 3.57 6.93
CA THR C 82 -6.73 2.51 7.61
C THR C 82 -5.61 3.12 8.43
N GLU C 83 -5.04 2.31 9.31
CA GLU C 83 -4.00 2.78 10.21
C GLU C 83 -2.63 2.66 9.54
N ILE C 84 -1.73 3.55 9.94
CA ILE C 84 -0.36 3.52 9.44
C ILE C 84 0.30 2.21 9.85
N PRO C 85 0.94 1.47 8.94
CA PRO C 85 1.43 0.13 9.28
C PRO C 85 2.56 0.19 10.31
N MET C 86 2.58 -0.82 11.18
CA MET C 86 3.57 -0.94 12.25
C MET C 86 3.46 -2.34 12.82
N GLY C 87 4.43 -2.70 13.64
CA GLY C 87 4.43 -3.96 14.35
C GLY C 87 5.58 -4.86 13.92
N LYS C 88 5.64 -6.02 14.59
CA LYS C 88 6.73 -6.97 14.35
C LYS C 88 6.59 -7.61 12.97
N ASN C 89 5.40 -8.11 12.63
CA ASN C 89 5.21 -8.80 11.36
C ASN C 89 5.49 -7.87 10.18
N TYR C 90 4.98 -6.64 10.24
CA TYR C 90 5.24 -5.68 9.17
C TYR C 90 6.73 -5.49 8.95
N ASN C 91 7.48 -5.29 10.03
CA ASN C 91 8.92 -5.09 9.89
C ASN C 91 9.64 -6.37 9.52
N LYS C 92 9.16 -7.53 9.99
CA LYS C 92 9.75 -8.80 9.59
C LYS C 92 9.64 -8.99 8.08
N LEU C 93 8.44 -8.76 7.53
CA LEU C 93 8.27 -8.86 6.08
C LEU C 93 9.10 -7.83 5.35
N LYS C 94 9.13 -6.59 5.86
CA LYS C 94 9.87 -5.53 5.18
C LYS C 94 11.37 -5.80 5.20
N ASN C 95 11.88 -6.36 6.30
CA ASN C 95 13.30 -6.68 6.36
C ASN C 95 13.66 -7.79 5.38
N THR C 96 12.81 -8.82 5.27
CA THR C 96 13.07 -9.90 4.32
C THR C 96 13.13 -9.38 2.89
N LEU C 97 12.23 -8.45 2.55
CA LEU C 97 12.17 -7.95 1.18
C LEU C 97 13.39 -7.11 0.84
N ARG C 98 13.84 -6.26 1.77
CA ARG C 98 14.97 -5.39 1.49
C ARG C 98 16.28 -6.18 1.46
N ASN C 99 16.42 -7.18 2.34
CA ASN C 99 17.62 -8.00 2.35
C ASN C 99 17.79 -8.77 1.05
N LEU C 100 16.69 -9.12 0.39
CA LEU C 100 16.72 -9.92 -0.82
C LEU C 100 16.45 -9.10 -2.08
N ASN C 101 16.37 -7.77 -1.95
CA ASN C 101 16.16 -6.86 -3.09
C ASN C 101 14.85 -7.19 -3.82
N LEU C 102 13.80 -7.39 -3.04
CA LEU C 102 12.49 -7.72 -3.58
C LEU C 102 11.53 -6.55 -3.43
N HIS C 103 10.48 -6.56 -4.25
CA HIS C 103 9.48 -5.50 -4.25
C HIS C 103 8.09 -6.11 -4.09
N THR C 104 7.15 -5.26 -3.69
CA THR C 104 5.76 -5.66 -3.51
C THR C 104 4.85 -4.64 -4.19
N VAL C 105 3.75 -5.13 -4.77
CA VAL C 105 2.73 -4.23 -5.27
C VAL C 105 2.09 -3.47 -4.13
N CYS C 106 2.08 -4.06 -2.93
CA CYS C 106 1.54 -3.39 -1.75
C CYS C 106 2.20 -2.03 -1.54
N GLU C 107 3.53 -1.99 -1.68
CA GLU C 107 4.27 -0.75 -1.44
C GLU C 107 4.17 0.21 -2.62
N GLU C 108 4.47 -0.28 -3.84
CA GLU C 108 4.56 0.61 -4.98
C GLU C 108 3.20 1.16 -5.40
N ALA C 109 2.14 0.36 -5.26
CA ALA C 109 0.79 0.83 -5.53
C ALA C 109 0.15 1.51 -4.33
N ARG C 110 0.80 1.46 -3.16
CA ARG C 110 0.37 2.18 -1.95
C ARG C 110 -0.97 1.66 -1.44
N CYS C 111 -1.06 0.35 -1.25
CA CYS C 111 -2.32 -0.25 -0.83
C CYS C 111 -2.70 0.23 0.56
N PRO C 112 -3.99 0.49 0.82
CA PRO C 112 -4.42 0.81 2.19
C PRO C 112 -4.44 -0.39 3.13
N ASN C 113 -4.29 -1.61 2.63
CA ASN C 113 -4.39 -2.80 3.46
C ASN C 113 -3.05 -3.31 3.97
N ILE C 114 -1.95 -2.57 3.75
CA ILE C 114 -0.63 -3.05 4.12
C ILE C 114 -0.59 -3.42 5.61
N GLY C 115 -1.10 -2.52 6.46
CA GLY C 115 -1.08 -2.79 7.89
C GLY C 115 -1.83 -4.06 8.25
N GLU C 116 -2.93 -4.35 7.56
CA GLU C 116 -3.69 -5.57 7.84
C GLU C 116 -3.02 -6.80 7.25
N CYS C 117 -2.62 -6.74 5.98
CA CYS C 117 -2.04 -7.90 5.32
C CYS C 117 -0.66 -8.23 5.89
N TRP C 118 0.21 -7.21 5.99
CA TRP C 118 1.57 -7.45 6.48
C TRP C 118 1.62 -7.62 7.98
N GLY C 119 0.71 -6.97 8.72
CA GLY C 119 0.64 -7.17 10.15
C GLY C 119 0.04 -8.49 10.55
N GLY C 120 -0.75 -9.10 9.67
CA GLY C 120 -1.43 -10.34 9.96
C GLY C 120 -2.30 -10.25 11.20
N GLY C 121 -1.87 -10.92 12.26
CA GLY C 121 -2.62 -10.93 13.50
C GLY C 121 -2.27 -12.18 14.30
N GLU C 122 -3.20 -12.57 15.15
CA GLU C 122 -3.03 -13.77 15.96
C GLU C 122 -3.54 -15.03 15.26
N TYR C 123 -4.43 -14.89 14.29
CA TYR C 123 -5.01 -16.04 13.60
C TYR C 123 -4.85 -15.98 12.09
N ALA C 124 -4.29 -14.91 11.54
CA ALA C 124 -4.01 -14.81 10.12
C ALA C 124 -2.50 -14.64 9.93
N THR C 125 -1.94 -15.42 9.01
CA THR C 125 -0.50 -15.34 8.73
C THR C 125 -0.19 -14.05 7.98
N ALA C 126 0.86 -13.35 8.41
CA ALA C 126 1.28 -12.13 7.75
C ALA C 126 1.73 -12.43 6.32
N THR C 127 1.26 -11.64 5.37
CA THR C 127 1.48 -11.93 3.96
C THR C 127 1.64 -10.65 3.17
N ALA C 128 2.29 -10.76 2.02
CA ALA C 128 2.50 -9.65 1.11
C ALA C 128 2.58 -10.20 -0.31
N THR C 129 2.18 -9.37 -1.27
CA THR C 129 2.15 -9.75 -2.69
C THR C 129 3.43 -9.23 -3.36
N ILE C 130 4.40 -10.12 -3.55
CA ILE C 130 5.66 -9.75 -4.16
C ILE C 130 5.41 -9.36 -5.61
N MET C 131 6.00 -8.25 -6.03
CA MET C 131 5.91 -7.77 -7.40
C MET C 131 7.23 -8.02 -8.11
N LEU C 132 7.19 -8.87 -9.12
CA LEU C 132 8.40 -9.32 -9.81
C LEU C 132 8.82 -8.33 -10.89
N MET C 133 10.08 -8.44 -11.29
CA MET C 133 10.66 -7.73 -12.43
C MET C 133 10.85 -6.23 -12.14
N GLY C 134 11.05 -5.88 -10.87
CA GLY C 134 11.42 -4.52 -10.50
C GLY C 134 10.24 -3.68 -10.08
N ASP C 135 10.54 -2.44 -9.72
CA ASP C 135 9.52 -1.49 -9.28
C ASP C 135 9.19 -0.45 -10.36
N THR C 136 9.65 -0.66 -11.58
CA THR C 136 9.44 0.29 -12.67
C THR C 136 8.77 -0.43 -13.83
N CYS C 137 7.61 0.05 -14.23
CA CYS C 137 6.79 -0.57 -15.26
C CYS C 137 7.00 0.11 -16.61
N THR C 138 6.79 -0.64 -17.69
CA THR C 138 6.87 -0.07 -19.02
C THR C 138 5.60 0.64 -19.46
N ARG C 139 4.55 0.59 -18.64
CA ARG C 139 3.28 1.22 -18.96
C ARG C 139 2.96 2.31 -17.94
N GLY C 140 2.03 3.18 -18.33
CA GLY C 140 1.61 4.26 -17.46
C GLY C 140 0.11 4.32 -17.30
N CYS C 141 -0.46 3.32 -16.65
CA CYS C 141 -1.89 3.34 -16.35
C CYS C 141 -2.19 4.50 -15.41
N ARG C 142 -3.29 5.19 -15.70
CA ARG C 142 -3.59 6.46 -15.02
C ARG C 142 -4.14 6.26 -13.62
N PHE C 143 -4.35 5.02 -13.19
CA PHE C 143 -4.82 4.70 -11.84
C PHE C 143 -3.73 4.16 -10.94
N CYS C 144 -2.55 3.87 -11.47
CA CYS C 144 -1.51 3.10 -10.80
C CYS C 144 -0.32 4.00 -10.51
N SER C 145 0.20 3.93 -9.29
CA SER C 145 1.31 4.78 -8.88
C SER C 145 2.68 4.13 -9.08
N VAL C 146 2.74 2.96 -9.73
CA VAL C 146 4.02 2.33 -10.02
C VAL C 146 4.76 3.16 -11.05
N LYS C 147 6.08 3.30 -10.86
CA LYS C 147 6.88 4.14 -11.73
C LYS C 147 6.85 3.63 -13.17
N THR C 148 7.24 4.51 -14.09
CA THR C 148 7.16 4.25 -15.52
C THR C 148 8.49 4.57 -16.17
N ALA C 149 8.92 3.70 -17.08
CA ALA C 149 10.08 3.96 -17.92
C ALA C 149 9.98 3.10 -19.17
N ARG C 150 10.52 3.63 -20.28
CA ARG C 150 10.56 2.87 -21.51
C ARG C 150 11.45 1.65 -21.37
N ASN C 151 12.63 1.81 -20.77
CA ASN C 151 13.59 0.73 -20.55
C ASN C 151 14.00 0.72 -19.09
N PRO C 152 13.24 0.03 -18.23
CA PRO C 152 13.66 -0.11 -16.83
C PRO C 152 14.89 -0.99 -16.72
N PRO C 153 15.52 -1.07 -15.55
CA PRO C 153 16.75 -1.87 -15.41
C PRO C 153 16.49 -3.32 -15.75
N PRO C 154 17.53 -4.07 -16.12
CA PRO C 154 17.34 -5.47 -16.54
C PRO C 154 16.84 -6.33 -15.40
N LEU C 155 16.39 -7.52 -15.77
CA LEU C 155 15.80 -8.43 -14.80
C LEU C 155 16.86 -9.03 -13.89
N ASP C 156 16.56 -9.05 -12.59
CA ASP C 156 17.39 -9.75 -11.61
C ASP C 156 17.08 -11.24 -11.72
N ALA C 157 18.04 -12.01 -12.21
CA ALA C 157 17.83 -13.43 -12.44
C ALA C 157 17.63 -14.20 -11.14
N SER C 158 18.06 -13.65 -10.00
CA SER C 158 17.88 -14.29 -8.71
C SER C 158 16.52 -13.97 -8.09
N GLU C 159 15.74 -13.08 -8.68
CA GLU C 159 14.43 -12.75 -8.14
C GLU C 159 13.51 -13.97 -7.97
N PRO C 160 13.40 -14.88 -8.94
CA PRO C 160 12.57 -16.09 -8.70
C PRO C 160 13.08 -16.95 -7.56
N TYR C 161 14.40 -17.01 -7.35
CA TYR C 161 14.97 -17.81 -6.27
C TYR C 161 14.78 -17.13 -4.92
N ASN C 162 15.06 -15.82 -4.86
CA ASN C 162 14.89 -15.07 -3.61
C ASN C 162 13.43 -15.00 -3.18
N THR C 163 12.50 -15.07 -4.14
CA THR C 163 11.08 -15.06 -3.77
C THR C 163 10.73 -16.29 -2.95
N ALA C 164 11.27 -17.46 -3.32
CA ALA C 164 11.00 -18.67 -2.56
C ALA C 164 11.69 -18.65 -1.20
N LYS C 165 12.82 -17.96 -1.09
CA LYS C 165 13.46 -17.77 0.22
C LYS C 165 12.55 -16.96 1.14
N ALA C 166 12.01 -15.85 0.62
CA ALA C 166 11.14 -15.00 1.42
C ALA C 166 9.87 -15.73 1.83
N ILE C 167 9.24 -16.42 0.86
CA ILE C 167 8.01 -17.16 1.16
C ILE C 167 8.28 -18.26 2.18
N ALA C 168 9.42 -18.93 2.06
CA ALA C 168 9.76 -19.97 3.03
C ALA C 168 9.97 -19.37 4.42
N GLU C 169 10.63 -18.21 4.49
CA GLU C 169 10.85 -17.58 5.79
C GLU C 169 9.53 -17.18 6.44
N TRP C 170 8.57 -16.73 5.64
CA TRP C 170 7.28 -16.33 6.18
C TRP C 170 6.37 -17.53 6.44
N GLY C 171 6.75 -18.73 6.02
CA GLY C 171 5.93 -19.90 6.26
C GLY C 171 4.57 -19.84 5.60
N LEU C 172 4.50 -19.34 4.37
CA LEU C 172 3.24 -19.24 3.66
C LEU C 172 2.91 -20.57 2.99
N ASP C 173 1.64 -20.97 3.09
CA ASP C 173 1.11 -22.08 2.31
C ASP C 173 0.32 -21.61 1.10
N TYR C 174 0.06 -20.31 1.00
CA TYR C 174 -0.58 -19.70 -0.17
C TYR C 174 0.18 -18.44 -0.48
N VAL C 175 0.71 -18.34 -1.69
CA VAL C 175 1.52 -17.20 -2.12
C VAL C 175 0.85 -16.56 -3.34
N VAL C 176 0.73 -15.23 -3.31
CA VAL C 176 0.25 -14.45 -4.44
C VAL C 176 1.45 -13.69 -5.02
N LEU C 177 1.61 -13.80 -6.33
CA LEU C 177 2.65 -13.10 -7.06
C LEU C 177 2.02 -12.14 -8.06
N THR C 178 2.78 -11.12 -8.42
CA THR C 178 2.40 -10.22 -9.50
C THR C 178 3.67 -9.63 -10.09
N SER C 179 3.52 -8.69 -11.01
CA SER C 179 4.68 -8.11 -11.67
C SER C 179 4.28 -6.81 -12.35
N VAL C 180 5.30 -6.02 -12.70
CA VAL C 180 5.12 -4.93 -13.63
C VAL C 180 5.10 -5.48 -15.05
N ASP C 181 4.57 -4.69 -15.97
CA ASP C 181 4.63 -5.06 -17.38
C ASP C 181 6.02 -4.76 -17.92
N ARG C 182 6.56 -5.68 -18.70
CA ARG C 182 7.89 -5.56 -19.29
C ARG C 182 7.76 -5.71 -20.80
N ASP C 183 7.12 -4.72 -21.43
CA ASP C 183 7.00 -4.71 -22.88
C ASP C 183 8.34 -4.71 -23.58
N ASP C 184 9.40 -4.26 -22.89
CA ASP C 184 10.75 -4.32 -23.46
C ASP C 184 11.29 -5.74 -23.53
N MET C 185 10.70 -6.67 -22.79
CA MET C 185 11.13 -8.07 -22.87
C MET C 185 10.47 -8.75 -24.07
N PRO C 186 11.20 -9.63 -24.77
CA PRO C 186 10.60 -10.28 -25.95
C PRO C 186 9.39 -11.14 -25.60
N ASP C 187 9.43 -11.83 -24.46
CA ASP C 187 8.30 -12.64 -24.01
C ASP C 187 7.50 -11.95 -22.92
N GLY C 188 7.69 -10.65 -22.71
CA GLY C 188 6.98 -9.92 -21.67
C GLY C 188 7.27 -10.39 -20.27
N GLY C 189 8.32 -11.17 -20.07
CA GLY C 189 8.67 -11.68 -18.75
C GLY C 189 7.99 -12.95 -18.34
N ALA C 190 7.26 -13.61 -19.24
CA ALA C 190 6.49 -14.79 -18.87
C ALA C 190 7.40 -15.91 -18.36
N GLU C 191 8.58 -16.08 -18.96
CA GLU C 191 9.52 -17.07 -18.47
C GLU C 191 10.00 -16.72 -17.07
N HIS C 192 10.31 -15.44 -16.84
CA HIS C 192 10.75 -14.98 -15.53
C HIS C 192 9.70 -15.28 -14.46
N ILE C 193 8.42 -15.09 -14.80
CA ILE C 193 7.35 -15.40 -13.86
C ILE C 193 7.25 -16.90 -13.64
N ALA C 194 7.32 -17.68 -14.72
CA ALA C 194 7.17 -19.13 -14.61
C ALA C 194 8.31 -19.75 -13.82
N LYS C 195 9.51 -19.18 -13.91
CA LYS C 195 10.60 -19.65 -13.05
C LYS C 195 10.26 -19.48 -11.58
N THR C 196 9.60 -18.38 -11.23
CA THR C 196 9.25 -18.14 -9.84
C THR C 196 8.24 -19.15 -9.32
N VAL C 197 7.25 -19.50 -10.14
CA VAL C 197 6.28 -20.51 -9.74
C VAL C 197 6.96 -21.87 -9.57
N SER C 198 7.96 -22.15 -10.42
CA SER C 198 8.63 -23.44 -10.36
C SER C 198 9.47 -23.58 -9.09
N TYR C 199 10.29 -22.58 -8.79
CA TYR C 199 11.10 -22.61 -7.56
C TYR C 199 10.22 -22.81 -6.33
N LEU C 200 9.05 -22.15 -6.31
CA LEU C 200 8.12 -22.33 -5.20
C LEU C 200 7.66 -23.79 -5.11
N LYS C 201 7.17 -24.34 -6.21
CA LYS C 201 6.73 -25.74 -6.23
C LYS C 201 7.90 -26.69 -5.97
N GLU C 202 9.09 -26.36 -6.46
CA GLU C 202 10.26 -27.20 -6.20
C GLU C 202 10.54 -27.29 -4.70
N ARG C 203 10.55 -26.15 -4.03
CA ARG C 203 10.84 -26.12 -2.59
C ARG C 203 9.72 -26.73 -1.76
N ASN C 204 8.49 -26.74 -2.27
CA ASN C 204 7.34 -27.23 -1.51
C ASN C 204 6.20 -27.54 -2.47
N PRO C 205 6.04 -28.81 -2.88
CA PRO C 205 4.99 -29.13 -3.86
C PRO C 205 3.58 -28.91 -3.34
N LYS C 206 3.39 -28.76 -2.03
CA LYS C 206 2.07 -28.57 -1.44
C LYS C 206 1.64 -27.11 -1.40
N ILE C 207 2.51 -26.18 -1.80
CA ILE C 207 2.16 -24.77 -1.76
C ILE C 207 1.21 -24.46 -2.90
N LEU C 208 0.36 -23.46 -2.68
CA LEU C 208 -0.59 -22.97 -3.67
C LEU C 208 -0.14 -21.61 -4.16
N VAL C 209 -0.05 -21.44 -5.49
CA VAL C 209 0.48 -20.23 -6.09
C VAL C 209 -0.61 -19.57 -6.93
N GLU C 210 -0.76 -18.26 -6.75
CA GLU C 210 -1.63 -17.43 -7.57
C GLU C 210 -0.79 -16.30 -8.15
N CYS C 211 -0.94 -16.06 -9.45
N CYS C 211 -0.94 -16.04 -9.44
CA CYS C 211 -0.19 -15.02 -10.15
CA CYS C 211 -0.18 -15.00 -10.11
C CYS C 211 -1.16 -14.01 -10.73
C CYS C 211 -1.11 -14.01 -10.78
N LEU C 212 -0.88 -12.72 -10.52
CA LEU C 212 -1.60 -11.63 -11.16
C LEU C 212 -0.72 -11.18 -12.33
N THR C 213 -1.07 -11.58 -13.46
CA THR C 213 -0.36 -11.66 -14.72
C THR C 213 -0.62 -10.42 -15.58
N PRO C 214 0.39 -9.95 -16.32
CA PRO C 214 0.16 -8.95 -17.36
C PRO C 214 -0.41 -9.56 -18.63
N ASP C 215 -1.03 -8.71 -19.45
CA ASP C 215 -1.68 -9.25 -20.65
C ASP C 215 -0.70 -9.74 -21.70
N PHE C 216 0.60 -9.45 -21.56
CA PHE C 216 1.65 -9.90 -22.48
C PHE C 216 1.37 -9.49 -23.92
N ARG C 217 0.58 -8.43 -24.12
CA ARG C 217 0.13 -8.00 -25.45
C ARG C 217 -0.60 -9.13 -26.19
N GLY C 218 -1.25 -10.02 -25.45
CA GLY C 218 -1.98 -11.12 -26.04
C GLY C 218 -1.13 -12.25 -26.57
N ASP C 219 0.19 -12.22 -26.34
CA ASP C 219 1.09 -13.26 -26.80
C ASP C 219 0.65 -14.61 -26.25
N LEU C 220 0.14 -15.47 -27.13
CA LEU C 220 -0.43 -16.75 -26.70
C LEU C 220 0.62 -17.64 -26.05
N LYS C 221 1.81 -17.71 -26.64
CA LYS C 221 2.87 -18.55 -26.08
C LYS C 221 3.33 -18.04 -24.72
N ALA C 222 3.34 -16.72 -24.53
CA ALA C 222 3.69 -16.17 -23.21
C ALA C 222 2.65 -16.56 -22.17
N ILE C 223 1.37 -16.48 -22.53
CA ILE C 223 0.31 -16.86 -21.61
C ILE C 223 0.43 -18.33 -21.22
N GLU C 224 0.78 -19.18 -22.19
CA GLU C 224 0.93 -20.60 -21.90
C GLU C 224 2.07 -20.86 -20.93
N LYS C 225 3.20 -20.16 -21.10
CA LYS C 225 4.34 -20.35 -20.21
C LYS C 225 3.96 -20.15 -18.76
N VAL C 226 3.12 -19.14 -18.49
CA VAL C 226 2.68 -18.88 -17.11
C VAL C 226 1.58 -19.85 -16.71
N ALA C 227 0.60 -20.08 -17.60
CA ALA C 227 -0.53 -20.91 -17.25
C ALA C 227 -0.12 -22.36 -16.99
N LEU C 228 0.98 -22.81 -17.59
CA LEU C 228 1.46 -24.16 -17.43
C LEU C 228 2.60 -24.27 -16.42
N SER C 229 3.00 -23.17 -15.79
CA SER C 229 4.08 -23.17 -14.81
C SER C 229 3.76 -23.99 -13.56
N GLY C 230 2.52 -24.40 -13.39
CA GLY C 230 2.13 -25.15 -12.21
C GLY C 230 1.34 -24.40 -11.18
N LEU C 231 0.84 -23.21 -11.51
CA LEU C 231 0.09 -22.42 -10.55
C LEU C 231 -1.36 -22.89 -10.50
N ASP C 232 -2.05 -22.44 -9.45
CA ASP C 232 -3.42 -22.85 -9.20
C ASP C 232 -4.44 -21.79 -9.60
N VAL C 233 -4.11 -20.52 -9.43
CA VAL C 233 -4.99 -19.41 -9.80
C VAL C 233 -4.26 -18.55 -10.81
N TYR C 234 -4.87 -18.35 -11.98
CA TYR C 234 -4.36 -17.43 -12.98
C TYR C 234 -5.24 -16.19 -12.96
N ALA C 235 -4.68 -15.08 -12.51
CA ALA C 235 -5.42 -13.83 -12.40
C ALA C 235 -4.90 -12.81 -13.40
N HIS C 236 -5.83 -12.12 -14.06
CA HIS C 236 -5.51 -10.96 -14.89
C HIS C 236 -6.69 -10.00 -14.83
N ASN C 237 -6.42 -8.74 -14.53
CA ASN C 237 -7.45 -7.78 -14.20
C ASN C 237 -7.88 -6.98 -15.42
N VAL C 238 -9.20 -6.88 -15.63
CA VAL C 238 -9.73 -5.99 -16.66
C VAL C 238 -9.77 -4.54 -16.17
N GLU C 239 -9.67 -4.33 -14.85
CA GLU C 239 -9.52 -3.03 -14.22
C GLU C 239 -10.79 -2.18 -14.25
N THR C 240 -11.38 -1.99 -15.43
CA THR C 240 -12.57 -1.16 -15.57
C THR C 240 -13.46 -1.72 -16.65
N VAL C 241 -14.64 -1.12 -16.80
CA VAL C 241 -15.61 -1.52 -17.83
C VAL C 241 -15.02 -1.23 -19.20
N PRO C 242 -15.51 -1.86 -20.27
CA PRO C 242 -14.89 -1.65 -21.59
C PRO C 242 -14.91 -0.20 -22.05
N GLU C 243 -15.93 0.57 -21.70
CA GLU C 243 -16.05 1.95 -22.17
C GLU C 243 -15.02 2.89 -21.56
N LEU C 244 -14.32 2.48 -20.49
CA LEU C 244 -13.34 3.33 -19.82
C LEU C 244 -11.92 2.81 -19.95
N GLN C 245 -11.68 1.81 -20.80
CA GLN C 245 -10.36 1.20 -20.90
C GLN C 245 -9.31 2.21 -21.35
N SER C 246 -9.61 2.99 -22.40
CA SER C 246 -8.63 3.91 -22.95
C SER C 246 -8.41 5.13 -22.07
N LYS C 247 -9.32 5.43 -21.15
CA LYS C 247 -9.13 6.50 -20.18
C LYS C 247 -8.39 6.03 -18.94
N VAL C 248 -8.62 4.80 -18.52
CA VAL C 248 -8.07 4.30 -17.26
C VAL C 248 -6.75 3.59 -17.45
N ARG C 249 -6.60 2.80 -18.52
CA ARG C 249 -5.45 1.93 -18.68
C ARG C 249 -4.48 2.48 -19.72
N ASP C 250 -3.27 1.94 -19.68
CA ASP C 250 -2.29 2.20 -20.73
C ASP C 250 -2.85 1.80 -22.08
N PRO C 251 -2.56 2.56 -23.14
CA PRO C 251 -3.15 2.23 -24.46
C PRO C 251 -2.77 0.86 -25.01
N ARG C 252 -1.78 0.19 -24.43
CA ARG C 252 -1.43 -1.15 -24.88
C ARG C 252 -2.34 -2.23 -24.29
N ALA C 253 -3.23 -1.87 -23.39
CA ALA C 253 -4.17 -2.81 -22.78
C ALA C 253 -5.60 -2.43 -23.16
N ASN C 254 -6.44 -3.44 -23.37
CA ASN C 254 -7.85 -3.21 -23.68
C ASN C 254 -8.66 -4.38 -23.17
N PHE C 255 -9.98 -4.20 -23.18
CA PHE C 255 -10.87 -5.19 -22.58
C PHE C 255 -10.86 -6.50 -23.34
N ASP C 256 -11.00 -6.43 -24.67
CA ASP C 256 -11.01 -7.65 -25.48
C ASP C 256 -9.72 -8.45 -25.31
N GLN C 257 -8.58 -7.74 -25.27
CA GLN C 257 -7.31 -8.43 -25.10
C GLN C 257 -7.20 -9.09 -23.74
N SER C 258 -7.71 -8.45 -22.69
CA SER C 258 -7.64 -9.02 -21.35
C SER C 258 -8.50 -10.28 -21.23
N LEU C 259 -9.63 -10.32 -21.95
CA LEU C 259 -10.46 -11.54 -21.93
C LEU C 259 -9.77 -12.67 -22.66
N ARG C 260 -9.06 -12.36 -23.75
CA ARG C 260 -8.33 -13.39 -24.48
C ARG C 260 -7.28 -14.05 -23.58
N VAL C 261 -6.65 -13.26 -22.70
CA VAL C 261 -5.69 -13.81 -21.76
C VAL C 261 -6.35 -14.82 -20.84
N LEU C 262 -7.47 -14.43 -20.22
CA LEU C 262 -8.18 -15.31 -19.31
C LEU C 262 -8.73 -16.54 -20.03
N LYS C 263 -9.23 -16.34 -21.25
CA LYS C 263 -9.76 -17.46 -22.02
C LYS C 263 -8.66 -18.43 -22.43
N HIS C 264 -7.47 -17.91 -22.75
CA HIS C 264 -6.42 -18.80 -23.25
C HIS C 264 -5.76 -19.59 -22.13
N ALA C 265 -5.59 -18.98 -20.96
CA ALA C 265 -5.02 -19.71 -19.83
C ALA C 265 -5.92 -20.87 -19.43
N LYS C 266 -7.24 -20.67 -19.48
CA LYS C 266 -8.16 -21.74 -19.14
C LYS C 266 -8.28 -22.78 -20.26
N LYS C 267 -8.04 -22.36 -21.51
CA LYS C 267 -8.04 -23.31 -22.61
C LYS C 267 -6.81 -24.21 -22.57
N VAL C 268 -5.64 -23.62 -22.34
CA VAL C 268 -4.40 -24.41 -22.30
C VAL C 268 -4.30 -25.21 -21.01
N GLN C 269 -4.80 -24.69 -19.90
CA GLN C 269 -4.71 -25.34 -18.59
C GLN C 269 -6.11 -25.35 -17.97
N PRO C 270 -6.93 -26.35 -18.32
CA PRO C 270 -8.33 -26.33 -17.86
C PRO C 270 -8.50 -26.46 -16.36
N ASP C 271 -7.55 -27.06 -15.65
CA ASP C 271 -7.69 -27.25 -14.21
C ASP C 271 -7.28 -26.02 -13.40
N VAL C 272 -6.96 -24.92 -14.05
CA VAL C 272 -6.55 -23.71 -13.35
C VAL C 272 -7.77 -22.85 -13.09
N ILE C 273 -7.67 -22.02 -12.06
CA ILE C 273 -8.71 -21.05 -11.73
C ILE C 273 -8.37 -19.74 -12.42
N SER C 274 -9.35 -19.19 -13.14
CA SER C 274 -9.21 -17.86 -13.72
C SER C 274 -9.93 -16.84 -12.85
N LYS C 275 -9.36 -15.65 -12.77
CA LYS C 275 -9.76 -14.65 -11.79
C LYS C 275 -9.42 -13.27 -12.32
N THR C 276 -10.29 -12.30 -12.02
CA THR C 276 -10.09 -10.94 -12.52
C THR C 276 -10.68 -9.96 -11.51
N SER C 277 -10.42 -8.67 -11.75
CA SER C 277 -10.80 -7.62 -10.82
C SER C 277 -11.24 -6.38 -11.58
N ILE C 278 -12.21 -5.68 -11.00
CA ILE C 278 -12.69 -4.40 -11.51
C ILE C 278 -12.58 -3.38 -10.39
N MET C 279 -12.28 -2.15 -10.76
CA MET C 279 -12.29 -1.02 -9.84
C MET C 279 -13.53 -0.18 -10.11
N LEU C 280 -14.28 0.12 -9.07
CA LEU C 280 -15.45 0.99 -9.19
C LEU C 280 -15.09 2.39 -8.72
N GLY C 281 -15.84 3.36 -9.24
CA GLY C 281 -15.62 4.76 -8.90
C GLY C 281 -14.91 5.58 -9.94
N LEU C 282 -14.74 5.07 -11.16
CA LEU C 282 -14.03 5.78 -12.22
C LEU C 282 -14.97 6.43 -13.23
N GLY C 283 -16.28 6.36 -13.00
CA GLY C 283 -17.25 6.98 -13.88
C GLY C 283 -18.19 6.03 -14.58
N GLU C 284 -18.10 4.72 -14.35
CA GLU C 284 -19.01 3.76 -14.95
C GLU C 284 -20.37 3.79 -14.26
N ASN C 285 -21.38 3.30 -14.97
CA ASN C 285 -22.71 3.13 -14.40
C ASN C 285 -22.99 1.66 -14.17
N ASP C 286 -24.11 1.39 -13.48
CA ASP C 286 -24.43 0.01 -13.09
C ASP C 286 -24.66 -0.88 -14.30
N GLU C 287 -25.21 -0.34 -15.38
CA GLU C 287 -25.45 -1.13 -16.57
C GLU C 287 -24.14 -1.61 -17.18
N GLN C 288 -23.12 -0.74 -17.21
CA GLN C 288 -21.82 -1.14 -17.72
C GLN C 288 -21.13 -2.16 -16.83
N VAL C 289 -21.32 -2.04 -15.50
CA VAL C 289 -20.72 -3.02 -14.58
C VAL C 289 -21.36 -4.39 -14.79
N TYR C 290 -22.68 -4.44 -14.90
CA TYR C 290 -23.35 -5.71 -15.12
C TYR C 290 -22.98 -6.31 -16.47
N ALA C 291 -22.93 -5.48 -17.51
CA ALA C 291 -22.50 -5.97 -18.82
C ALA C 291 -21.10 -6.56 -18.76
N THR C 292 -20.23 -6.01 -17.91
CA THR C 292 -18.87 -6.54 -17.79
C THR C 292 -18.86 -7.88 -17.07
N MET C 293 -19.51 -7.95 -15.90
CA MET C 293 -19.58 -9.21 -15.17
C MET C 293 -20.17 -10.31 -16.03
N LYS C 294 -21.21 -9.99 -16.80
CA LYS C 294 -21.84 -10.96 -17.68
C LYS C 294 -20.89 -11.43 -18.77
N ALA C 295 -20.11 -10.51 -19.34
CA ALA C 295 -19.13 -10.88 -20.36
C ALA C 295 -18.02 -11.75 -19.77
N LEU C 296 -17.68 -11.54 -18.50
CA LEU C 296 -16.64 -12.34 -17.88
C LEU C 296 -17.10 -13.79 -17.68
N ARG C 297 -18.37 -13.99 -17.31
CA ARG C 297 -18.89 -15.34 -17.15
C ARG C 297 -18.93 -16.07 -18.49
N GLU C 298 -19.22 -15.36 -19.57
CA GLU C 298 -19.25 -16.00 -20.89
C GLU C 298 -17.85 -16.43 -21.32
N ALA C 299 -16.81 -15.78 -20.79
CA ALA C 299 -15.43 -16.17 -21.03
C ALA C 299 -14.93 -17.19 -20.02
N ASP C 300 -15.83 -17.75 -19.20
CA ASP C 300 -15.52 -18.82 -18.25
C ASP C 300 -14.54 -18.35 -17.17
N VAL C 301 -14.66 -17.09 -16.76
CA VAL C 301 -13.90 -16.60 -15.61
C VAL C 301 -14.54 -17.14 -14.34
N ASP C 302 -13.72 -17.72 -13.46
CA ASP C 302 -14.25 -18.46 -12.32
C ASP C 302 -14.73 -17.54 -11.20
N CYS C 303 -13.96 -16.50 -10.88
CA CYS C 303 -14.26 -15.65 -9.74
C CYS C 303 -13.84 -14.22 -10.04
N LEU C 304 -14.29 -13.31 -9.18
CA LEU C 304 -14.19 -11.89 -9.44
C LEU C 304 -14.03 -11.14 -8.12
N THR C 305 -13.28 -10.04 -8.16
CA THR C 305 -13.19 -9.13 -7.03
C THR C 305 -13.54 -7.73 -7.50
N LEU C 306 -14.30 -7.01 -6.65
CA LEU C 306 -14.66 -5.63 -6.91
C LEU C 306 -14.23 -4.78 -5.73
N GLY C 307 -13.63 -3.63 -6.02
CA GLY C 307 -13.14 -2.73 -5.00
C GLY C 307 -13.26 -1.29 -5.46
N GLN C 308 -13.01 -0.38 -4.53
CA GLN C 308 -13.08 1.06 -4.81
C GLN C 308 -11.74 1.56 -5.34
N TYR C 309 -11.78 2.26 -6.47
CA TYR C 309 -10.60 2.99 -6.91
C TYR C 309 -10.32 4.14 -5.97
N MET C 310 -9.06 4.30 -5.60
CA MET C 310 -8.61 5.39 -4.75
C MET C 310 -7.39 6.04 -5.37
N GLN C 311 -7.33 7.36 -5.30
CA GLN C 311 -6.30 8.13 -5.99
C GLN C 311 -4.94 7.89 -5.34
N PRO C 312 -3.97 7.32 -6.07
CA PRO C 312 -2.69 6.93 -5.42
C PRO C 312 -1.71 8.08 -5.27
N THR C 313 -1.68 9.01 -6.22
CA THR C 313 -0.94 10.26 -6.07
C THR C 313 -1.78 11.40 -6.62
N ARG C 314 -1.32 12.63 -6.40
CA ARG C 314 -2.06 13.80 -6.86
C ARG C 314 -2.09 13.93 -8.38
N ARG C 315 -1.16 13.29 -9.08
CA ARG C 315 -1.08 13.37 -10.54
C ARG C 315 -1.94 12.33 -11.24
N HIS C 316 -2.61 11.46 -10.50
CA HIS C 316 -3.41 10.41 -11.11
C HIS C 316 -4.88 10.78 -11.13
N LEU C 317 -5.68 9.90 -11.74
CA LEU C 317 -7.10 10.16 -11.91
C LEU C 317 -7.78 10.44 -10.58
N LYS C 318 -8.60 11.48 -10.54
CA LYS C 318 -9.43 11.74 -9.38
C LYS C 318 -10.57 10.73 -9.32
N VAL C 319 -10.98 10.38 -8.10
CA VAL C 319 -12.10 9.49 -7.89
C VAL C 319 -13.38 10.18 -8.36
N GLU C 320 -14.12 9.53 -9.25
CA GLU C 320 -15.37 10.09 -9.76
C GLU C 320 -16.56 9.79 -8.86
N GLU C 321 -16.49 8.73 -8.07
CA GLU C 321 -17.59 8.33 -7.21
C GLU C 321 -17.06 7.40 -6.14
N TYR C 322 -17.52 7.59 -4.91
CA TYR C 322 -17.23 6.67 -3.82
C TYR C 322 -18.43 5.74 -3.65
N ILE C 323 -18.23 4.48 -3.98
CA ILE C 323 -19.31 3.49 -3.92
C ILE C 323 -19.57 3.12 -2.47
N THR C 324 -20.84 3.12 -2.08
CA THR C 324 -21.20 2.84 -0.70
C THR C 324 -20.97 1.36 -0.37
N PRO C 325 -20.67 1.05 0.89
CA PRO C 325 -20.47 -0.37 1.27
C PRO C 325 -21.64 -1.26 0.92
N GLU C 326 -22.87 -0.77 1.06
CA GLU C 326 -24.04 -1.57 0.72
C GLU C 326 -24.10 -1.89 -0.76
N LYS C 327 -23.65 -0.97 -1.62
CA LYS C 327 -23.66 -1.24 -3.06
C LYS C 327 -22.67 -2.33 -3.43
N PHE C 328 -21.54 -2.43 -2.71
CA PHE C 328 -20.63 -3.55 -2.93
C PHE C 328 -21.28 -4.87 -2.51
N LYS C 329 -22.02 -4.87 -1.41
CA LYS C 329 -22.75 -6.05 -1.01
C LYS C 329 -23.74 -6.48 -2.09
N TYR C 330 -24.30 -5.53 -2.83
CA TYR C 330 -25.22 -5.89 -3.90
C TYR C 330 -24.49 -6.53 -5.08
N TRP C 331 -23.32 -6.00 -5.46
CA TRP C 331 -22.60 -6.57 -6.59
C TRP C 331 -22.13 -7.99 -6.29
N GLU C 332 -21.91 -8.31 -5.02
CA GLU C 332 -21.60 -9.69 -4.65
C GLU C 332 -22.80 -10.60 -4.91
N LYS C 333 -24.00 -10.13 -4.57
CA LYS C 333 -25.22 -10.90 -4.85
C LYS C 333 -25.42 -11.11 -6.34
N VAL C 334 -25.05 -10.13 -7.17
CA VAL C 334 -25.15 -10.29 -8.62
C VAL C 334 -24.14 -11.31 -9.11
N GLY C 335 -22.93 -11.31 -8.54
CA GLY C 335 -21.95 -12.31 -8.91
C GLY C 335 -22.40 -13.71 -8.58
N ASN C 336 -23.03 -13.88 -7.42
CA ASN C 336 -23.51 -15.21 -7.01
C ASN C 336 -24.56 -15.74 -7.97
N GLU C 337 -25.52 -14.90 -8.36
CA GLU C 337 -26.55 -15.36 -9.28
C GLU C 337 -26.03 -15.53 -10.71
N LEU C 338 -24.90 -14.92 -11.05
CA LEU C 338 -24.24 -15.21 -12.32
C LEU C 338 -23.43 -16.50 -12.27
N GLY C 339 -23.17 -17.04 -11.09
CA GLY C 339 -22.49 -18.31 -10.95
C GLY C 339 -21.00 -18.23 -10.69
N PHE C 340 -20.46 -17.06 -10.40
CA PHE C 340 -19.07 -16.97 -9.99
C PHE C 340 -18.82 -17.84 -8.77
N HIS C 341 -17.66 -18.50 -8.73
CA HIS C 341 -17.29 -19.27 -7.55
C HIS C 341 -17.36 -18.40 -6.30
N TYR C 342 -16.89 -17.16 -6.42
CA TYR C 342 -17.08 -16.17 -5.38
C TYR C 342 -16.97 -14.80 -6.03
N THR C 343 -17.52 -13.80 -5.34
CA THR C 343 -17.44 -12.41 -5.78
C THR C 343 -17.01 -11.60 -4.56
N ALA C 344 -15.70 -11.46 -4.39
CA ALA C 344 -15.14 -10.69 -3.28
C ALA C 344 -15.35 -9.21 -3.55
N SER C 345 -16.34 -8.62 -2.89
CA SER C 345 -16.78 -7.27 -3.20
C SER C 345 -16.77 -6.42 -1.94
N GLY C 346 -16.12 -5.27 -2.02
CA GLY C 346 -16.00 -4.37 -0.90
C GLY C 346 -15.09 -3.20 -1.23
N PRO C 347 -15.21 -2.10 -0.47
CA PRO C 347 -14.45 -0.88 -0.81
C PRO C 347 -12.95 -1.09 -0.80
N LEU C 348 -12.41 -1.76 0.22
CA LEU C 348 -10.99 -1.99 0.32
C LEU C 348 -10.57 -3.37 -0.18
N VAL C 349 -11.49 -4.13 -0.77
CA VAL C 349 -11.13 -5.43 -1.33
C VAL C 349 -10.23 -5.21 -2.54
N ARG C 350 -9.13 -5.97 -2.59
CA ARG C 350 -8.22 -5.96 -3.71
C ARG C 350 -8.02 -7.38 -4.22
N SER C 351 -7.36 -7.49 -5.37
CA SER C 351 -7.22 -8.78 -6.04
C SER C 351 -6.55 -9.82 -5.14
N SER C 352 -5.61 -9.40 -4.30
CA SER C 352 -4.89 -10.33 -3.44
C SER C 352 -5.50 -10.46 -2.05
N TYR C 353 -6.42 -9.57 -1.68
CA TYR C 353 -6.94 -9.51 -0.31
C TYR C 353 -7.59 -10.83 0.11
N LYS C 354 -6.97 -11.51 1.08
CA LYS C 354 -7.48 -12.78 1.61
C LYS C 354 -7.57 -13.85 0.52
N ALA C 355 -6.65 -13.81 -0.44
CA ALA C 355 -6.73 -14.73 -1.58
C ALA C 355 -6.70 -16.18 -1.14
N GLY C 356 -6.00 -16.48 -0.05
CA GLY C 356 -5.96 -17.86 0.42
C GLY C 356 -7.31 -18.36 0.90
N GLU C 357 -8.09 -17.49 1.54
CA GLU C 357 -9.42 -17.90 1.99
C GLU C 357 -10.36 -18.07 0.82
N PHE C 358 -10.45 -17.07 -0.04
CA PHE C 358 -11.37 -17.15 -1.17
C PHE C 358 -11.08 -18.32 -2.09
N PHE C 359 -9.90 -18.94 -1.97
CA PHE C 359 -9.56 -20.05 -2.84
C PHE C 359 -10.37 -21.30 -2.48
N LEU C 360 -10.78 -21.44 -1.20
CA LEU C 360 -11.67 -22.53 -0.82
C LEU C 360 -12.96 -22.49 -1.63
N LYS C 361 -13.56 -21.31 -1.76
CA LYS C 361 -14.78 -21.15 -2.55
C LYS C 361 -14.59 -21.62 -3.99
N ASN C 362 -13.37 -21.56 -4.53
CA ASN C 362 -13.09 -22.19 -5.81
C ASN C 362 -13.24 -23.71 -5.70
N LEU C 363 -12.64 -24.31 -4.66
CA LEU C 363 -12.74 -25.76 -4.49
C LEU C 363 -14.16 -26.19 -4.17
N VAL C 364 -14.93 -25.35 -3.48
CA VAL C 364 -16.34 -25.66 -3.22
C VAL C 364 -17.10 -25.79 -4.53
N ALA C 365 -16.82 -24.90 -5.48
CA ALA C 365 -17.58 -24.87 -6.74
C ALA C 365 -17.12 -25.95 -7.71
N LYS C 366 -15.84 -26.35 -7.67
CA LYS C 366 -15.35 -27.36 -8.60
C LYS C 366 -15.71 -28.78 -8.19
N ARG C 367 -16.25 -28.98 -6.98
CA ARG C 367 -16.47 -30.33 -6.49
C ARG C 367 -17.59 -31.01 -7.27
N ALA C 368 -17.29 -32.18 -7.82
CA ALA C 368 -18.20 -33.07 -8.55
C ALA C 368 -19.51 -32.45 -9.03
N LEU D 47 19.25 26.90 21.01
CA LEU D 47 17.87 27.30 21.27
C LEU D 47 16.89 26.16 21.04
N LEU D 48 16.57 25.92 19.76
CA LEU D 48 15.61 24.89 19.42
C LEU D 48 16.10 23.52 19.86
N SER D 49 15.20 22.75 20.46
CA SER D 49 15.57 21.49 21.10
C SER D 49 15.57 20.36 20.08
N VAL D 50 15.76 19.13 20.56
CA VAL D 50 15.73 17.96 19.70
C VAL D 50 14.28 17.48 19.57
N ARG D 51 13.99 16.80 18.46
CA ARG D 51 12.63 16.33 18.22
C ARG D 51 12.27 15.21 19.19
N LYS D 52 11.03 15.23 19.66
CA LYS D 52 10.49 14.17 20.49
C LYS D 52 9.16 13.72 19.89
N PHE D 53 8.93 12.41 19.86
CA PHE D 53 7.87 11.80 19.08
C PHE D 53 6.84 11.14 19.97
N THR D 54 5.59 11.17 19.52
CA THR D 54 4.51 10.44 20.16
C THR D 54 4.38 9.05 19.55
N GLU D 55 3.51 8.23 20.15
CA GLU D 55 3.21 6.92 19.61
C GLU D 55 2.34 6.99 18.36
N LYS D 56 1.75 8.15 18.06
CA LYS D 56 0.98 8.34 16.84
C LYS D 56 1.75 9.13 15.79
N HIS D 57 3.08 9.17 15.89
CA HIS D 57 3.98 9.66 14.84
C HIS D 57 3.93 11.17 14.68
N GLU D 58 3.58 11.90 15.74
CA GLU D 58 3.73 13.35 15.78
C GLU D 58 5.01 13.71 16.49
N TRP D 59 5.70 14.74 16.01
CA TRP D 59 6.92 15.23 16.63
C TRP D 59 6.71 16.65 17.15
N VAL D 60 7.57 17.05 18.08
CA VAL D 60 7.49 18.39 18.66
C VAL D 60 8.90 18.86 18.99
N THR D 61 9.17 20.13 18.70
CA THR D 61 10.39 20.81 19.10
C THR D 61 10.04 22.06 19.89
N THR D 62 10.78 22.32 20.97
CA THR D 62 10.51 23.44 21.86
C THR D 62 11.58 24.50 21.69
N GLU D 63 11.14 25.74 21.52
CA GLU D 63 12.03 26.89 21.44
C GLU D 63 11.32 28.08 22.04
N ASN D 64 11.97 28.73 23.01
CA ASN D 64 11.42 29.93 23.67
C ASN D 64 10.04 29.65 24.25
N GLY D 65 9.85 28.44 24.79
CA GLY D 65 8.58 28.08 25.38
C GLY D 65 7.47 27.83 24.37
N ILE D 66 7.81 27.57 23.12
CA ILE D 66 6.83 27.30 22.07
C ILE D 66 7.14 25.95 21.44
N GLY D 67 6.13 25.09 21.36
CA GLY D 67 6.27 23.78 20.76
C GLY D 67 5.75 23.77 19.34
N THR D 68 6.60 23.35 18.41
CA THR D 68 6.24 23.23 17.00
C THR D 68 5.95 21.77 16.70
N VAL D 69 4.77 21.50 16.16
CA VAL D 69 4.24 20.14 16.01
C VAL D 69 4.12 19.80 14.54
N GLY D 70 4.57 18.60 14.17
CA GLY D 70 4.40 18.07 12.83
C GLY D 70 4.25 16.56 12.85
N ILE D 71 4.35 15.92 11.69
CA ILE D 71 4.32 14.47 11.61
C ILE D 71 5.68 13.98 11.14
N SER D 72 5.99 12.73 11.48
CA SER D 72 7.28 12.14 11.17
C SER D 72 7.37 11.78 9.69
N ASN D 73 8.61 11.58 9.23
CA ASN D 73 8.82 11.20 7.84
C ASN D 73 8.27 9.81 7.56
N PHE D 74 8.30 8.92 8.54
CA PHE D 74 7.66 7.62 8.40
C PHE D 74 6.16 7.75 8.21
N ALA D 75 5.54 8.74 8.86
CA ALA D 75 4.09 8.93 8.76
C ALA D 75 3.71 9.50 7.39
N GLN D 76 4.38 10.59 6.98
CA GLN D 76 4.01 11.23 5.71
C GLN D 76 4.22 10.30 4.53
N GLU D 77 5.19 9.38 4.62
CA GLU D 77 5.36 8.38 3.56
C GLU D 77 4.16 7.44 3.51
N ALA D 78 3.60 7.09 4.66
CA ALA D 78 2.43 6.21 4.68
C ALA D 78 1.18 6.92 4.20
N LEU D 79 1.08 8.23 4.42
CA LEU D 79 -0.11 8.96 4.03
C LEU D 79 -0.13 9.24 2.53
N GLY D 80 1.01 9.61 1.96
CA GLY D 80 1.05 10.02 0.57
C GLY D 80 0.75 11.49 0.41
N ASP D 81 0.49 11.87 -0.84
CA ASP D 81 0.32 13.27 -1.21
C ASP D 81 -0.82 13.95 -0.44
N VAL D 82 -0.46 14.78 0.55
CA VAL D 82 -1.46 15.49 1.34
C VAL D 82 -2.17 16.51 0.46
N VAL D 83 -3.50 16.59 0.61
CA VAL D 83 -4.31 17.50 -0.17
C VAL D 83 -5.10 18.48 0.68
N TYR D 84 -5.39 18.17 1.94
CA TYR D 84 -6.14 19.08 2.80
C TYR D 84 -5.73 18.88 4.24
N CYS D 85 -5.42 19.97 4.94
CA CYS D 85 -5.00 19.94 6.32
C CYS D 85 -6.08 20.61 7.17
N SER D 86 -6.74 19.81 8.02
CA SER D 86 -7.74 20.31 8.95
C SER D 86 -7.04 20.67 10.25
N LEU D 87 -6.78 21.96 10.45
CA LEU D 87 -6.04 22.46 11.59
C LEU D 87 -6.96 23.26 12.52
N PRO D 88 -6.60 23.37 13.80
CA PRO D 88 -7.45 24.11 14.74
C PRO D 88 -7.22 25.61 14.64
N GLU D 89 -8.11 26.36 15.28
CA GLU D 89 -8.00 27.81 15.30
C GLU D 89 -7.03 28.26 16.40
N VAL D 90 -6.40 29.41 16.17
CA VAL D 90 -5.52 29.99 17.18
C VAL D 90 -6.33 30.26 18.45
N GLY D 91 -5.75 29.92 19.59
CA GLY D 91 -6.41 30.06 20.87
C GLY D 91 -7.06 28.79 21.39
N THR D 92 -7.15 27.74 20.56
CA THR D 92 -7.69 26.46 21.00
C THR D 92 -6.87 25.93 22.17
N LYS D 93 -7.53 25.70 23.30
CA LYS D 93 -6.88 25.07 24.44
C LYS D 93 -6.86 23.55 24.23
N LEU D 94 -5.69 22.96 24.38
CA LEU D 94 -5.51 21.54 24.15
C LEU D 94 -4.95 20.86 25.39
N ASN D 95 -5.48 19.69 25.70
CA ASN D 95 -4.86 18.77 26.62
C ASN D 95 -3.99 17.78 25.85
N LYS D 96 -3.11 17.09 26.57
CA LYS D 96 -2.28 16.08 25.94
C LYS D 96 -3.17 14.97 25.39
N GLN D 97 -2.82 14.48 24.20
CA GLN D 97 -3.51 13.43 23.46
C GLN D 97 -4.89 13.85 22.94
N ASP D 98 -5.19 15.14 22.93
CA ASP D 98 -6.44 15.62 22.36
C ASP D 98 -6.36 15.62 20.84
N GLU D 99 -7.47 15.27 20.20
CA GLU D 99 -7.56 15.31 18.75
C GLU D 99 -7.72 16.75 18.31
N PHE D 100 -6.68 17.33 17.72
CA PHE D 100 -6.69 18.73 17.34
C PHE D 100 -6.85 18.96 15.84
N GLY D 101 -6.90 17.90 15.04
CA GLY D 101 -7.08 18.07 13.62
C GLY D 101 -6.89 16.77 12.88
N ALA D 102 -6.85 16.88 11.55
CA ALA D 102 -6.71 15.72 10.70
C ALA D 102 -5.97 16.11 9.43
N LEU D 103 -5.25 15.13 8.87
CA LEU D 103 -4.63 15.25 7.56
C LEU D 103 -5.33 14.30 6.60
N GLU D 104 -5.62 14.78 5.41
CA GLU D 104 -6.21 13.94 4.36
C GLU D 104 -5.33 14.02 3.12
N SER D 105 -4.86 12.86 2.68
CA SER D 105 -4.10 12.72 1.44
C SER D 105 -4.98 12.01 0.41
N VAL D 106 -4.38 11.70 -0.74
CA VAL D 106 -5.13 11.18 -1.87
C VAL D 106 -5.70 9.77 -1.63
N LYS D 107 -4.85 8.85 -1.17
CA LYS D 107 -5.29 7.44 -0.90
C LYS D 107 -5.57 7.20 0.56
N ALA D 108 -5.32 8.18 1.42
CA ALA D 108 -5.37 7.96 2.87
C ALA D 108 -5.66 9.22 3.69
N ALA D 109 -5.99 9.02 4.97
CA ALA D 109 -6.19 10.12 5.91
C ALA D 109 -5.76 9.66 7.29
N SER D 110 -5.56 10.64 8.19
CA SER D 110 -5.05 10.34 9.52
C SER D 110 -5.43 11.47 10.48
N GLU D 111 -5.72 11.11 11.72
CA GLU D 111 -5.99 12.10 12.76
C GLU D 111 -4.68 12.63 13.36
N LEU D 112 -4.79 13.81 13.96
CA LEU D 112 -3.66 14.46 14.63
C LEU D 112 -3.99 14.62 16.10
N TYR D 113 -3.12 14.12 16.97
CA TYR D 113 -3.30 14.19 18.40
C TYR D 113 -2.24 15.07 19.04
N SER D 114 -2.64 15.78 20.10
CA SER D 114 -1.76 16.78 20.69
C SER D 114 -0.64 16.11 21.47
N PRO D 115 0.63 16.45 21.20
CA PRO D 115 1.72 15.91 22.02
C PRO D 115 1.86 16.57 23.37
N LEU D 116 1.27 17.76 23.55
CA LEU D 116 1.46 18.54 24.77
C LEU D 116 0.13 19.18 25.15
N SER D 117 0.09 19.71 26.37
CA SER D 117 -1.01 20.54 26.82
C SER D 117 -0.60 22.00 26.67
N GLY D 118 -1.48 22.80 26.06
CA GLY D 118 -1.18 24.20 25.83
C GLY D 118 -2.17 24.82 24.89
N GLU D 119 -1.92 26.09 24.57
CA GLU D 119 -2.80 26.88 23.72
C GLU D 119 -2.17 26.98 22.33
N VAL D 120 -2.97 26.71 21.30
CA VAL D 120 -2.49 26.83 19.93
C VAL D 120 -2.07 28.27 19.67
N THR D 121 -0.81 28.45 19.30
CA THR D 121 -0.27 29.78 19.06
C THR D 121 -0.37 30.17 17.59
N GLU D 122 -0.21 29.21 16.69
CA GLU D 122 -0.03 29.50 15.28
C GLU D 122 -0.28 28.24 14.48
N ILE D 123 -0.72 28.42 13.24
CA ILE D 123 -0.91 27.32 12.30
C ILE D 123 -0.21 27.66 11.00
N ASN D 124 0.24 26.63 10.30
CA ASN D 124 1.01 26.81 9.07
C ASN D 124 0.07 27.29 7.96
N GLU D 125 0.13 28.58 7.65
CA GLU D 125 -0.76 29.14 6.63
C GLU D 125 -0.36 28.72 5.22
N ALA D 126 0.91 28.33 5.01
CA ALA D 126 1.36 27.94 3.68
C ALA D 126 0.76 26.60 3.23
N LEU D 127 0.19 25.83 4.16
CA LEU D 127 -0.38 24.53 3.81
C LEU D 127 -1.71 24.64 3.07
N ALA D 128 -2.34 25.81 3.08
CA ALA D 128 -3.61 25.97 2.37
C ALA D 128 -3.40 25.93 0.87
N GLU D 129 -2.35 26.59 0.37
CA GLU D 129 -2.06 26.60 -1.06
C GLU D 129 -1.02 25.56 -1.46
N ASN D 130 -0.26 25.02 -0.51
CA ASN D 130 0.80 24.04 -0.80
C ASN D 130 0.81 22.99 0.30
N PRO D 131 -0.21 22.12 0.36
CA PRO D 131 -0.26 21.11 1.42
C PRO D 131 0.84 20.06 1.31
N GLY D 132 1.41 19.88 0.12
CA GLY D 132 2.47 18.91 -0.10
C GLY D 132 3.73 19.17 0.69
N LEU D 133 3.85 20.34 1.32
CA LEU D 133 5.00 20.60 2.19
C LEU D 133 5.11 19.57 3.31
N VAL D 134 3.98 19.02 3.76
CA VAL D 134 4.01 17.97 4.76
C VAL D 134 4.79 16.76 4.25
N ASN D 135 4.70 16.48 2.94
CA ASN D 135 5.50 15.41 2.36
C ASN D 135 6.92 15.89 2.08
N LYS D 136 7.06 17.06 1.48
CA LYS D 136 8.37 17.53 1.02
C LYS D 136 9.29 17.89 2.17
N SER D 137 8.75 18.40 3.27
CA SER D 137 9.57 18.89 4.37
C SER D 137 8.83 18.70 5.70
N CYS D 138 8.56 17.45 6.05
CA CYS D 138 7.76 17.15 7.24
C CYS D 138 8.40 17.64 8.52
N TYR D 139 9.71 17.90 8.52
CA TYR D 139 10.42 18.34 9.71
C TYR D 139 10.73 19.83 9.73
N GLU D 140 10.48 20.54 8.64
CA GLU D 140 10.85 21.95 8.57
C GLU D 140 9.71 22.81 8.03
N ASP D 141 9.61 22.92 6.70
CA ASP D 141 8.59 23.77 6.09
C ASP D 141 7.19 23.18 6.19
N GLY D 142 7.07 21.91 6.56
CA GLY D 142 5.77 21.27 6.61
C GLY D 142 5.24 21.06 8.02
N TRP D 143 5.68 21.90 8.96
CA TRP D 143 5.13 21.86 10.30
C TRP D 143 3.64 22.20 10.25
N LEU D 144 2.92 21.78 11.29
CA LEU D 144 1.47 21.92 11.30
C LEU D 144 1.01 23.09 12.16
N ILE D 145 1.21 22.99 13.47
CA ILE D 145 0.78 24.02 14.39
C ILE D 145 1.92 24.35 15.34
N LYS D 146 1.78 25.49 16.01
CA LYS D 146 2.66 25.91 17.09
C LYS D 146 1.81 26.14 18.34
N MET D 147 2.32 25.74 19.50
CA MET D 147 1.55 25.83 20.72
C MET D 147 2.48 26.06 21.90
N THR D 148 1.88 26.55 22.99
CA THR D 148 2.60 26.75 24.24
C THR D 148 2.64 25.44 25.04
N LEU D 149 3.25 25.49 26.22
CA LEU D 149 3.45 24.32 27.07
C LEU D 149 2.88 24.61 28.46
N SER D 150 1.61 24.30 28.67
CA SER D 150 1.01 24.52 29.99
C SER D 150 1.51 23.53 31.02
N ASN D 151 2.04 22.39 30.60
CA ASN D 151 2.66 21.40 31.49
C ASN D 151 3.91 20.89 30.79
N PRO D 152 5.03 21.62 30.91
CA PRO D 152 6.20 21.33 30.06
C PRO D 152 6.88 20.01 30.34
N SER D 153 6.63 19.37 31.48
CA SER D 153 7.24 18.07 31.78
C SER D 153 6.53 16.92 31.09
N GLU D 154 5.52 17.21 30.26
CA GLU D 154 4.98 16.18 29.37
C GLU D 154 6.03 15.76 28.34
N LEU D 155 6.98 16.64 28.02
CA LEU D 155 8.09 16.31 27.14
C LEU D 155 8.86 15.08 27.62
N ASP D 156 8.80 14.78 28.93
CA ASP D 156 9.51 13.64 29.50
C ASP D 156 8.89 12.29 29.17
N GLU D 157 7.63 12.26 28.72
CA GLU D 157 6.99 11.01 28.35
C GLU D 157 7.01 10.78 26.85
N LEU D 158 7.66 11.66 26.09
CA LEU D 158 7.81 11.46 24.67
C LEU D 158 9.08 10.65 24.39
N MET D 159 9.20 10.16 23.17
CA MET D 159 10.35 9.39 22.76
C MET D 159 11.41 10.30 22.14
N SER D 160 12.67 9.99 22.40
CA SER D 160 13.73 10.62 21.63
C SER D 160 13.68 10.13 20.19
N GLU D 161 14.45 10.81 19.33
CA GLU D 161 14.42 10.44 17.91
C GLU D 161 14.96 9.02 17.71
N GLU D 162 16.04 8.67 18.41
CA GLU D 162 16.57 7.31 18.30
C GLU D 162 15.63 6.29 18.94
N ALA D 163 14.93 6.68 20.01
CA ALA D 163 13.93 5.79 20.58
C ALA D 163 12.74 5.61 19.65
N TYR D 164 12.41 6.62 18.86
CA TYR D 164 11.32 6.53 17.91
C TYR D 164 11.69 5.68 16.70
N GLU D 165 12.95 5.70 16.28
CA GLU D 165 13.38 4.85 15.17
C GLU D 165 13.31 3.38 15.55
N LYS D 166 13.70 3.03 16.79
CA LYS D 166 13.51 1.67 17.27
C LYS D 166 12.02 1.34 17.39
N TYR D 167 11.19 2.35 17.62
CA TYR D 167 9.76 2.13 17.79
C TYR D 167 9.09 1.74 16.47
N ILE D 168 9.42 2.46 15.39
CA ILE D 168 8.82 2.16 14.09
C ILE D 168 9.47 0.97 13.39
N LYS D 169 10.55 0.43 13.95
CA LYS D 169 11.22 -0.73 13.38
C LYS D 169 11.12 -1.96 14.28
N SER D 170 10.37 -1.88 15.38
CA SER D 170 10.13 -2.99 16.29
C SER D 170 11.45 -3.59 16.80
N ILE D 171 12.17 -2.78 17.57
CA ILE D 171 13.43 -3.20 18.15
C ILE D 171 13.37 -3.02 19.66
N LYS E 67 -0.14 44.97 -25.54
CA LYS E 67 -1.56 44.79 -25.77
C LYS E 67 -2.24 46.16 -25.99
N ARG E 68 -1.48 47.23 -25.80
CA ARG E 68 -2.07 48.56 -25.82
C ARG E 68 -1.03 49.67 -25.95
N GLN E 69 -1.24 50.57 -26.90
CA GLN E 69 -0.70 51.92 -27.01
C GLN E 69 0.74 51.99 -27.53
N LYS E 70 1.45 50.88 -27.69
CA LYS E 70 2.85 50.88 -28.13
C LYS E 70 3.73 51.70 -27.20
N GLY E 71 3.22 52.10 -26.04
CA GLY E 71 4.01 52.83 -25.07
C GLY E 71 4.15 52.06 -23.78
N GLU E 72 3.02 51.61 -23.23
CA GLU E 72 3.02 50.80 -22.03
C GLU E 72 3.10 49.32 -22.38
N ARG E 73 3.65 48.54 -21.46
CA ARG E 73 3.83 47.10 -21.62
C ARG E 73 2.87 46.36 -20.70
N LEU E 74 2.94 45.03 -20.76
CA LEU E 74 2.08 44.17 -19.96
C LEU E 74 2.83 43.68 -18.72
N ARG E 75 2.08 43.48 -17.64
CA ARG E 75 2.64 42.99 -16.39
C ARG E 75 2.65 41.47 -16.37
N LEU E 76 3.67 40.92 -15.72
CA LEU E 76 3.83 39.47 -15.67
C LEU E 76 2.72 38.84 -14.85
N PRO E 77 1.98 37.89 -15.38
CA PRO E 77 0.91 37.23 -14.61
C PRO E 77 1.50 36.36 -13.51
N PRO E 78 0.74 36.08 -12.45
CA PRO E 78 1.28 35.29 -11.34
C PRO E 78 1.57 33.85 -11.70
N TRP E 79 0.80 33.26 -12.62
CA TRP E 79 1.02 31.88 -13.01
C TRP E 79 2.27 31.70 -13.87
N LEU E 80 3.01 32.77 -14.15
CA LEU E 80 4.12 32.74 -15.08
C LEU E 80 5.44 33.08 -14.40
N LYS E 81 5.53 32.80 -13.09
CA LYS E 81 6.73 33.07 -12.31
C LYS E 81 7.20 31.78 -11.65
N THR E 82 8.52 31.62 -11.58
CA THR E 82 9.14 30.44 -10.97
C THR E 82 10.18 30.91 -9.96
N GLU E 83 10.79 29.94 -9.28
CA GLU E 83 11.80 30.22 -8.27
C GLU E 83 13.19 30.24 -8.90
N ILE E 84 14.13 30.80 -8.15
CA ILE E 84 15.53 30.83 -8.60
C ILE E 84 16.09 29.42 -8.58
N PRO E 85 16.75 28.95 -9.64
CA PRO E 85 17.25 27.57 -9.66
C PRO E 85 18.35 27.37 -8.61
N MET E 86 18.31 26.20 -7.97
CA MET E 86 19.19 25.90 -6.85
C MET E 86 18.97 24.45 -6.45
N GLY E 87 19.97 23.87 -5.80
CA GLY E 87 19.88 22.53 -5.27
C GLY E 87 21.04 21.67 -5.72
N LYS E 88 21.06 20.44 -5.20
CA LYS E 88 22.13 19.51 -5.53
C LYS E 88 22.02 19.01 -6.97
N ASN E 89 20.81 18.60 -7.38
CA ASN E 89 20.61 18.17 -8.76
C ASN E 89 20.87 19.29 -9.75
N TYR E 90 20.58 20.53 -9.36
CA TYR E 90 20.83 21.66 -10.25
C TYR E 90 22.33 21.87 -10.49
N ASN E 91 23.16 21.54 -9.51
CA ASN E 91 24.60 21.68 -9.65
C ASN E 91 25.30 20.39 -10.07
N LYS E 92 24.67 19.22 -9.85
CA LYS E 92 25.21 17.99 -10.42
C LYS E 92 25.24 18.06 -11.94
N LEU E 93 24.11 18.43 -12.55
CA LEU E 93 24.05 18.59 -14.00
C LEU E 93 24.93 19.75 -14.47
N LYS E 94 24.95 20.84 -13.70
CA LYS E 94 25.66 22.04 -14.13
C LYS E 94 27.17 21.84 -14.12
N ASN E 95 27.68 21.10 -13.13
CA ASN E 95 29.11 20.80 -13.11
C ASN E 95 29.52 19.96 -14.31
N THR E 96 28.64 19.05 -14.74
CA THR E 96 28.93 18.23 -15.92
C THR E 96 29.06 19.10 -17.17
N LEU E 97 28.28 20.17 -17.25
CA LEU E 97 28.29 21.01 -18.45
C LEU E 97 29.54 21.87 -18.50
N ARG E 98 29.93 22.46 -17.37
CA ARG E 98 31.09 23.34 -17.36
C ARG E 98 32.40 22.58 -17.52
N ASN E 99 32.47 21.35 -16.99
CA ASN E 99 33.68 20.55 -17.15
C ASN E 99 33.83 20.04 -18.57
N LEU E 100 32.72 19.78 -19.26
CA LEU E 100 32.73 19.20 -20.58
C LEU E 100 32.61 20.25 -21.69
N ASN E 101 32.62 21.53 -21.34
CA ASN E 101 32.54 22.62 -22.32
C ASN E 101 31.25 22.56 -23.11
N LEU E 102 30.16 22.19 -22.44
CA LEU E 102 28.86 22.03 -23.07
C LEU E 102 27.96 23.23 -22.80
N HIS E 103 26.90 23.34 -23.60
CA HIS E 103 25.92 24.40 -23.48
C HIS E 103 24.51 23.80 -23.46
N THR E 104 23.57 24.56 -22.89
CA THR E 104 22.16 24.18 -22.89
C THR E 104 21.31 25.35 -23.34
N VAL E 105 20.19 25.02 -24.00
CA VAL E 105 19.21 26.05 -24.35
C VAL E 105 18.50 26.56 -23.10
N CYS E 106 18.48 25.76 -22.02
CA CYS E 106 17.85 26.19 -20.78
C CYS E 106 18.49 27.47 -20.26
N GLU E 107 19.82 27.56 -20.33
CA GLU E 107 20.53 28.72 -19.81
C GLU E 107 20.50 29.89 -20.78
N GLU E 108 20.67 29.62 -22.08
CA GLU E 108 20.84 30.70 -23.05
C GLU E 108 19.51 31.36 -23.41
N ALA E 109 18.45 30.58 -23.59
CA ALA E 109 17.13 31.14 -23.85
C ALA E 109 16.46 31.65 -22.57
N ARG E 110 17.06 31.40 -21.40
CA ARG E 110 16.57 31.88 -20.12
C ARG E 110 15.22 31.27 -19.76
N CYS E 111 15.16 29.95 -19.79
CA CYS E 111 13.90 29.27 -19.51
C CYS E 111 13.54 29.42 -18.03
N PRO E 112 12.28 29.75 -17.72
CA PRO E 112 11.87 29.79 -16.30
C PRO E 112 11.75 28.41 -15.66
N ASN E 113 11.78 27.34 -16.44
CA ASN E 113 11.66 25.99 -15.92
C ASN E 113 12.99 25.37 -15.53
N ILE E 114 14.05 26.16 -15.42
CA ILE E 114 15.37 25.63 -15.04
C ILE E 114 15.30 24.97 -13.67
N GLY E 115 14.67 25.64 -12.71
CA GLY E 115 14.59 25.08 -11.37
C GLY E 115 13.86 23.74 -11.34
N GLU E 116 12.75 23.64 -12.05
CA GLU E 116 11.98 22.40 -12.04
C GLU E 116 12.67 21.31 -12.85
N CYS E 117 13.08 21.64 -14.07
CA CYS E 117 13.64 20.61 -14.96
C CYS E 117 15.00 20.12 -14.48
N TRP E 118 15.88 21.03 -14.05
CA TRP E 118 17.19 20.63 -13.58
C TRP E 118 17.14 20.06 -12.17
N GLY E 119 16.20 20.54 -11.34
CA GLY E 119 16.13 20.10 -9.96
C GLY E 119 15.55 18.72 -9.77
N GLY E 120 14.80 18.21 -10.73
CA GLY E 120 14.16 16.92 -10.60
C GLY E 120 12.93 16.97 -9.71
N GLY E 121 12.28 15.82 -9.59
CA GLY E 121 11.08 15.72 -8.79
C GLY E 121 10.91 14.37 -8.11
N GLU E 122 9.71 14.13 -7.56
CA GLU E 122 9.45 12.88 -6.88
C GLU E 122 9.52 11.70 -7.83
N TYR E 123 9.00 11.86 -9.04
CA TYR E 123 9.04 10.82 -10.06
C TYR E 123 9.75 11.24 -11.33
N ALA E 124 10.17 12.50 -11.45
CA ALA E 124 10.86 12.99 -12.63
C ALA E 124 12.34 13.14 -12.32
N THR E 125 13.18 12.59 -13.20
CA THR E 125 14.62 12.69 -13.01
C THR E 125 15.12 14.03 -13.57
N ALA E 126 16.27 14.46 -13.04
CA ALA E 126 16.84 15.74 -13.44
C ALA E 126 17.30 15.69 -14.89
N THR E 127 16.77 16.58 -15.71
CA THR E 127 17.05 16.58 -17.14
C THR E 127 17.26 18.01 -17.63
N ALA E 128 18.13 18.14 -18.64
CA ALA E 128 18.35 19.41 -19.30
C ALA E 128 18.48 19.16 -20.79
N THR E 129 18.23 20.20 -21.58
CA THR E 129 18.30 20.12 -23.04
C THR E 129 19.62 20.71 -23.49
N ILE E 130 20.53 19.85 -23.93
CA ILE E 130 21.83 20.31 -24.42
C ILE E 130 21.63 21.10 -25.70
N MET E 131 22.29 22.25 -25.81
CA MET E 131 22.28 23.06 -27.03
C MET E 131 23.63 22.91 -27.69
N LEU E 132 23.64 22.20 -28.82
CA LEU E 132 24.87 21.88 -29.53
C LEU E 132 25.38 23.10 -30.30
N MET E 133 26.64 22.99 -30.76
CA MET E 133 27.24 23.92 -31.72
C MET E 133 27.43 25.32 -31.14
N GLY E 134 27.62 25.42 -29.82
CA GLY E 134 27.99 26.67 -29.20
C GLY E 134 26.79 27.44 -28.66
N ASP E 135 27.10 28.61 -28.09
CA ASP E 135 26.10 29.50 -27.49
C ASP E 135 25.87 30.75 -28.33
N THR E 136 26.33 30.75 -29.59
CA THR E 136 26.21 31.91 -30.47
C THR E 136 25.61 31.47 -31.79
N CYS E 137 24.45 32.04 -32.12
CA CYS E 137 23.68 31.65 -33.29
C CYS E 137 23.91 32.62 -34.44
N THR E 138 23.83 32.10 -35.67
CA THR E 138 23.96 32.95 -36.84
C THR E 138 22.67 33.70 -37.17
N ARG E 139 21.58 33.38 -36.49
CA ARG E 139 20.29 34.04 -36.72
C ARG E 139 19.95 34.96 -35.56
N GLY E 140 19.09 35.92 -35.85
CA GLY E 140 18.66 36.87 -34.85
C GLY E 140 17.15 36.95 -34.72
N CYS E 141 16.54 35.89 -34.20
CA CYS E 141 15.10 35.91 -33.96
C CYS E 141 14.77 36.96 -32.91
N ARG E 142 13.60 37.59 -33.09
CA ARG E 142 13.19 38.67 -32.20
C ARG E 142 12.66 38.18 -30.87
N PHE E 143 12.51 36.87 -30.68
CA PHE E 143 12.01 36.32 -29.43
C PHE E 143 13.07 35.57 -28.64
N CYS E 144 14.23 35.31 -29.23
CA CYS E 144 15.24 34.42 -28.65
C CYS E 144 16.40 35.25 -28.13
N SER E 145 16.82 34.97 -26.89
CA SER E 145 17.91 35.71 -26.25
C SER E 145 19.27 35.08 -26.50
N VAL E 146 19.36 34.06 -27.36
CA VAL E 146 20.65 33.48 -27.70
C VAL E 146 21.47 34.48 -28.49
N LYS E 147 22.78 34.50 -28.24
CA LYS E 147 23.67 35.47 -28.89
C LYS E 147 23.64 35.30 -30.40
N THR E 148 23.90 36.41 -31.10
CA THR E 148 23.96 36.46 -32.55
C THR E 148 25.35 36.90 -32.98
N ALA E 149 25.81 36.36 -34.10
CA ALA E 149 27.10 36.75 -34.66
C ALA E 149 27.17 36.29 -36.11
N ARG E 150 27.88 37.08 -36.93
CA ARG E 150 28.03 36.73 -38.33
C ARG E 150 28.90 35.49 -38.52
N ASN E 151 29.91 35.32 -37.66
CA ASN E 151 30.79 34.16 -37.71
C ASN E 151 31.07 33.70 -36.28
N PRO E 152 30.33 32.72 -35.78
CA PRO E 152 30.55 32.22 -34.42
C PRO E 152 31.81 31.39 -34.32
N PRO E 153 32.22 31.00 -33.11
CA PRO E 153 33.41 30.17 -32.97
C PRO E 153 33.25 28.84 -33.67
N PRO E 154 34.34 28.23 -34.10
CA PRO E 154 34.24 26.96 -34.83
C PRO E 154 33.77 25.82 -33.92
N LEU E 155 33.26 24.77 -34.57
CA LEU E 155 32.67 23.65 -33.86
C LEU E 155 33.72 22.88 -33.07
N ASP E 156 33.40 22.61 -31.80
CA ASP E 156 34.18 21.67 -30.99
C ASP E 156 33.80 20.26 -31.41
N ALA E 157 34.72 19.57 -32.10
CA ALA E 157 34.41 18.24 -32.60
C ALA E 157 34.16 17.23 -31.49
N SER E 158 34.61 17.53 -30.27
CA SER E 158 34.39 16.64 -29.14
C SER E 158 33.02 16.82 -28.51
N GLU E 159 32.25 17.84 -28.93
CA GLU E 159 30.93 18.04 -28.35
C GLU E 159 30.00 16.84 -28.53
N PRO E 160 29.93 16.17 -29.69
CA PRO E 160 29.12 14.95 -29.76
C PRO E 160 29.55 13.88 -28.76
N TYR E 161 30.85 13.77 -28.49
CA TYR E 161 31.33 12.74 -27.58
C TYR E 161 31.11 13.13 -26.12
N ASN E 162 31.31 14.40 -25.79
CA ASN E 162 31.12 14.84 -24.41
C ASN E 162 29.66 14.85 -24.01
N THR E 163 28.75 15.05 -24.97
CA THR E 163 27.33 14.98 -24.66
C THR E 163 26.93 13.57 -24.24
N ALA E 164 27.44 12.56 -24.92
CA ALA E 164 27.20 11.18 -24.49
C ALA E 164 27.77 10.91 -23.11
N LYS E 165 28.87 11.58 -22.75
CA LYS E 165 29.43 11.42 -21.42
C LYS E 165 28.55 12.11 -20.38
N ALA E 166 27.93 13.24 -20.75
CA ALA E 166 27.04 13.93 -19.82
C ALA E 166 25.73 13.16 -19.62
N ILE E 167 25.21 12.57 -20.70
CA ILE E 167 23.95 11.83 -20.61
C ILE E 167 24.13 10.58 -19.76
N ALA E 168 25.31 9.94 -19.86
CA ALA E 168 25.55 8.75 -19.06
C ALA E 168 25.73 9.09 -17.58
N GLU E 169 26.31 10.25 -17.28
CA GLU E 169 26.45 10.67 -15.89
C GLU E 169 25.09 11.01 -15.28
N TRP E 170 24.16 11.51 -16.08
CA TRP E 170 22.84 11.89 -15.59
C TRP E 170 21.84 10.74 -15.58
N GLY E 171 22.21 9.58 -16.11
CA GLY E 171 21.34 8.42 -16.07
C GLY E 171 20.02 8.59 -16.77
N LEU E 172 19.96 9.46 -17.79
CA LEU E 172 18.71 9.70 -18.48
C LEU E 172 18.33 8.52 -19.37
N ASP E 173 17.04 8.19 -19.38
CA ASP E 173 16.50 7.28 -20.38
C ASP E 173 16.13 8.02 -21.66
N TYR E 174 15.67 9.25 -21.53
CA TYR E 174 15.11 10.03 -22.63
C TYR E 174 15.90 11.33 -22.77
N VAL E 175 16.47 11.56 -23.96
CA VAL E 175 17.35 12.68 -24.21
C VAL E 175 16.69 13.62 -25.20
N VAL E 176 16.80 14.93 -24.94
CA VAL E 176 16.29 15.96 -25.83
C VAL E 176 17.45 16.88 -26.20
N LEU E 177 17.76 16.95 -27.48
CA LEU E 177 18.87 17.75 -27.98
C LEU E 177 18.34 18.92 -28.81
N THR E 178 19.12 20.00 -28.81
CA THR E 178 18.85 21.14 -29.67
C THR E 178 20.19 21.81 -29.98
N SER E 179 20.13 22.90 -30.74
CA SER E 179 21.34 23.63 -31.10
C SER E 179 20.95 25.02 -31.57
N VAL E 180 21.97 25.88 -31.68
CA VAL E 180 21.81 27.15 -32.37
C VAL E 180 21.86 26.83 -33.86
N ASP E 181 21.57 27.83 -34.69
CA ASP E 181 21.67 27.63 -36.13
C ASP E 181 23.09 27.94 -36.58
N ARG E 182 23.60 27.11 -37.49
CA ARG E 182 24.95 27.30 -38.02
C ARG E 182 24.89 27.53 -39.52
N ASP E 183 24.26 28.63 -39.93
CA ASP E 183 24.20 28.98 -41.35
C ASP E 183 25.59 29.15 -41.96
N ASP E 184 26.60 29.44 -41.13
CA ASP E 184 27.97 29.52 -41.63
C ASP E 184 28.53 28.18 -42.04
N MET E 185 27.94 27.08 -41.56
CA MET E 185 28.41 25.74 -41.91
C MET E 185 27.81 25.32 -43.24
N PRO E 186 28.57 24.61 -44.09
CA PRO E 186 28.03 24.19 -45.38
C PRO E 186 26.82 23.28 -45.28
N ASP E 187 26.73 22.47 -44.21
CA ASP E 187 25.58 21.62 -43.97
C ASP E 187 24.73 22.09 -42.81
N GLY E 188 25.04 23.24 -42.22
CA GLY E 188 24.31 23.72 -41.07
C GLY E 188 24.54 22.94 -39.80
N GLY E 189 25.52 22.04 -39.78
CA GLY E 189 25.78 21.22 -38.61
C GLY E 189 25.00 19.94 -38.53
N ALA E 190 24.38 19.51 -39.63
CA ALA E 190 23.62 18.27 -39.62
C ALA E 190 24.50 17.08 -39.26
N GLU E 191 25.72 17.02 -39.82
CA GLU E 191 26.66 15.97 -39.46
C GLU E 191 27.08 16.08 -38.00
N HIS E 192 27.22 17.31 -37.50
CA HIS E 192 27.59 17.50 -36.09
C HIS E 192 26.48 17.04 -35.16
N ILE E 193 25.21 17.25 -35.55
CA ILE E 193 24.10 16.75 -34.76
C ILE E 193 24.00 15.24 -34.87
N ALA E 194 24.17 14.71 -36.09
CA ALA E 194 24.08 13.27 -36.31
C ALA E 194 25.16 12.52 -35.53
N LYS E 195 26.34 13.13 -35.35
CA LYS E 195 27.38 12.49 -34.56
C LYS E 195 27.02 12.41 -33.09
N THR E 196 26.29 13.40 -32.58
CA THR E 196 25.90 13.37 -31.18
C THR E 196 24.86 12.28 -30.93
N VAL E 197 23.91 12.11 -31.85
CA VAL E 197 22.92 11.04 -31.71
C VAL E 197 23.60 9.68 -31.77
N SER E 198 24.60 9.53 -32.66
CA SER E 198 25.28 8.26 -32.81
C SER E 198 26.10 7.91 -31.57
N TYR E 199 26.75 8.91 -30.96
CA TYR E 199 27.51 8.65 -29.74
C TYR E 199 26.60 8.28 -28.58
N LEU E 200 25.37 8.79 -28.57
CA LEU E 200 24.41 8.37 -27.55
C LEU E 200 23.95 6.94 -27.79
N LYS E 201 23.66 6.60 -29.05
CA LYS E 201 23.12 5.27 -29.34
C LYS E 201 24.16 4.17 -29.11
N GLU E 202 25.43 4.45 -29.44
CA GLU E 202 26.46 3.44 -29.18
C GLU E 202 26.71 3.28 -27.69
N ARG E 203 26.56 4.36 -26.90
CA ARG E 203 26.78 4.25 -25.47
C ARG E 203 25.60 3.57 -24.78
N ASN E 204 24.41 3.62 -25.40
CA ASN E 204 23.22 2.95 -24.90
C ASN E 204 22.21 2.82 -26.02
N PRO E 205 22.11 1.65 -26.67
CA PRO E 205 21.16 1.50 -27.79
C PRO E 205 19.71 1.68 -27.40
N LYS E 206 19.34 1.36 -26.15
CA LYS E 206 17.96 1.48 -25.73
C LYS E 206 17.53 2.92 -25.51
N ILE E 207 18.45 3.88 -25.62
CA ILE E 207 18.16 5.27 -25.28
C ILE E 207 17.15 5.85 -26.27
N LEU E 208 16.39 6.83 -25.80
CA LEU E 208 15.46 7.60 -26.64
C LEU E 208 16.00 9.02 -26.77
N VAL E 209 16.17 9.46 -28.02
CA VAL E 209 16.76 10.76 -28.32
C VAL E 209 15.76 11.59 -29.10
N GLU E 210 15.54 12.83 -28.66
CA GLU E 210 14.70 13.79 -29.36
C GLU E 210 15.55 14.98 -29.78
N CYS E 211 15.48 15.35 -31.04
CA CYS E 211 16.28 16.43 -31.59
C CYS E 211 15.39 17.60 -31.97
N LEU E 212 15.70 18.79 -31.46
CA LEU E 212 15.07 20.03 -31.86
C LEU E 212 16.03 20.74 -32.82
N THR E 213 15.88 20.46 -34.11
CA THR E 213 16.83 20.88 -35.12
C THR E 213 16.42 22.21 -35.73
N PRO E 214 17.37 22.93 -36.33
CA PRO E 214 17.03 24.09 -37.16
C PRO E 214 16.38 23.65 -38.47
N ASP E 215 15.89 24.64 -39.21
CA ASP E 215 15.28 24.33 -40.51
C ASP E 215 16.33 23.94 -41.54
N PHE E 216 17.61 24.23 -41.28
CA PHE E 216 18.72 23.97 -42.20
C PHE E 216 18.52 24.67 -43.54
N ARG E 217 17.75 25.75 -43.56
CA ARG E 217 17.36 26.46 -44.79
C ARG E 217 16.71 25.52 -45.81
N GLY E 218 16.10 24.44 -45.36
CA GLY E 218 15.39 23.53 -46.23
C GLY E 218 16.24 22.50 -46.95
N ASP E 219 17.56 22.51 -46.75
CA ASP E 219 18.42 21.54 -47.40
C ASP E 219 18.02 20.12 -47.01
N LEU E 220 17.54 19.35 -47.99
CA LEU E 220 16.95 18.05 -47.69
C LEU E 220 18.01 17.05 -47.21
N LYS E 221 19.17 17.00 -47.87
CA LYS E 221 20.20 16.06 -47.44
C LYS E 221 20.78 16.44 -46.08
N ALA E 222 20.62 17.70 -45.65
CA ALA E 222 20.97 18.06 -44.28
C ALA E 222 19.93 17.53 -43.31
N ILE E 223 18.65 17.69 -43.64
CA ILE E 223 17.58 17.13 -42.82
C ILE E 223 17.67 15.60 -42.80
N GLU E 224 17.95 15.02 -43.97
CA GLU E 224 18.06 13.56 -44.07
C GLU E 224 19.21 13.02 -43.24
N LYS E 225 20.26 13.81 -43.04
CA LYS E 225 21.41 13.33 -42.29
C LYS E 225 21.07 13.09 -40.83
N VAL E 226 20.41 14.06 -40.18
CA VAL E 226 20.09 13.89 -38.76
C VAL E 226 18.87 12.99 -38.58
N ALA E 227 17.95 12.98 -39.55
CA ALA E 227 16.79 12.10 -39.44
C ALA E 227 17.19 10.63 -39.51
N LEU E 228 18.21 10.29 -40.31
CA LEU E 228 18.73 8.94 -40.40
C LEU E 228 19.81 8.65 -39.37
N SER E 229 20.07 9.58 -38.45
CA SER E 229 21.12 9.39 -37.44
C SER E 229 20.70 8.44 -36.33
N GLY E 230 19.48 7.95 -36.34
CA GLY E 230 19.00 7.08 -35.31
C GLY E 230 18.25 7.74 -34.18
N LEU E 231 17.61 8.87 -34.42
CA LEU E 231 16.83 9.51 -33.37
C LEU E 231 15.41 8.95 -33.35
N ASP E 232 14.70 9.24 -32.26
CA ASP E 232 13.35 8.74 -32.04
C ASP E 232 12.27 9.78 -32.25
N VAL E 233 12.55 11.05 -31.94
CA VAL E 233 11.59 12.14 -32.12
C VAL E 233 12.31 13.28 -32.82
N TYR E 234 11.84 13.64 -34.01
CA TYR E 234 12.37 14.78 -34.75
C TYR E 234 11.48 15.98 -34.49
N ALA E 235 11.99 16.96 -33.76
CA ALA E 235 11.24 18.17 -33.41
C ALA E 235 11.82 19.36 -34.17
N HIS E 236 10.92 20.19 -34.70
CA HIS E 236 11.29 21.47 -35.30
C HIS E 236 10.09 22.40 -35.19
N ASN E 237 10.32 23.59 -34.64
CA ASN E 237 9.26 24.45 -34.15
C ASN E 237 8.90 25.53 -35.17
N VAL E 238 7.61 25.66 -35.44
CA VAL E 238 7.12 26.74 -36.30
C VAL E 238 7.08 28.08 -35.60
N GLU E 239 7.13 28.10 -34.26
CA GLU E 239 7.26 29.28 -33.43
C GLU E 239 6.01 30.15 -33.38
N THR E 240 5.43 30.49 -34.52
CA THR E 240 4.22 31.32 -34.53
C THR E 240 3.41 30.97 -35.77
N VAL E 241 2.31 31.71 -35.97
CA VAL E 241 1.39 31.52 -37.08
C VAL E 241 2.07 32.01 -38.37
N PRO E 242 1.64 31.54 -39.54
CA PRO E 242 2.31 31.94 -40.79
C PRO E 242 2.26 33.44 -41.05
N GLU E 243 1.26 34.15 -40.54
CA GLU E 243 1.15 35.58 -40.80
C GLU E 243 2.19 36.39 -40.04
N LEU E 244 2.80 35.83 -38.99
CA LEU E 244 3.75 36.57 -38.17
C LEU E 244 5.18 36.03 -38.28
N GLN E 245 5.42 35.09 -39.19
CA GLN E 245 6.74 34.48 -39.32
C GLN E 245 7.79 35.55 -39.62
N SER E 246 7.51 36.42 -40.60
CA SER E 246 8.49 37.42 -41.01
C SER E 246 8.73 38.47 -39.94
N LYS E 247 7.82 38.64 -38.99
CA LYS E 247 7.96 39.64 -37.93
C LYS E 247 8.42 39.05 -36.60
N VAL E 248 8.40 37.73 -36.45
CA VAL E 248 8.77 37.07 -35.21
C VAL E 248 10.11 36.36 -35.34
N ARG E 249 10.31 35.62 -36.43
CA ARG E 249 11.51 34.82 -36.59
C ARG E 249 12.53 35.53 -37.47
N ASP E 250 13.72 34.95 -37.51
CA ASP E 250 14.72 35.36 -38.49
C ASP E 250 14.16 35.15 -39.89
N PRO E 251 14.36 36.10 -40.81
CA PRO E 251 13.77 35.94 -42.16
C PRO E 251 14.28 34.72 -42.92
N ARG E 252 15.32 34.04 -42.44
CA ARG E 252 15.77 32.81 -43.08
C ARG E 252 14.81 31.65 -42.79
N ALA E 253 13.97 31.76 -41.77
CA ALA E 253 12.98 30.76 -41.45
C ALA E 253 11.61 31.23 -41.89
N ASN E 254 10.81 30.30 -42.43
CA ASN E 254 9.42 30.59 -42.78
C ASN E 254 8.60 29.33 -42.56
N PHE E 255 7.27 29.49 -42.69
CA PHE E 255 6.36 28.42 -42.32
C PHE E 255 6.43 27.24 -43.28
N ASP E 256 6.34 27.51 -44.58
CA ASP E 256 6.38 26.41 -45.55
C ASP E 256 7.73 25.68 -45.51
N GLN E 257 8.79 26.37 -45.08
CA GLN E 257 10.08 25.70 -44.93
C GLN E 257 10.08 24.82 -43.68
N SER E 258 9.47 25.29 -42.60
CA SER E 258 9.41 24.48 -41.38
C SER E 258 8.59 23.22 -41.58
N LEU E 259 7.50 23.31 -42.35
CA LEU E 259 6.68 22.13 -42.62
C LEU E 259 7.42 21.14 -43.52
N ARG E 260 8.23 21.64 -44.46
CA ARG E 260 9.01 20.74 -45.31
C ARG E 260 10.07 20.00 -44.52
N VAL E 261 10.61 20.62 -43.46
CA VAL E 261 11.55 19.94 -42.58
C VAL E 261 10.86 18.76 -41.90
N LEU E 262 9.68 18.99 -41.35
CA LEU E 262 8.94 17.93 -40.67
C LEU E 262 8.44 16.88 -41.65
N LYS E 263 7.97 17.30 -42.83
CA LYS E 263 7.49 16.36 -43.83
C LYS E 263 8.62 15.47 -44.33
N HIS E 264 9.77 16.06 -44.68
CA HIS E 264 10.86 15.28 -45.24
C HIS E 264 11.50 14.37 -44.20
N ALA E 265 11.46 14.74 -42.93
CA ALA E 265 11.98 13.87 -41.89
C ALA E 265 11.13 12.60 -41.77
N LYS E 266 9.81 12.73 -41.90
CA LYS E 266 8.94 11.56 -41.90
C LYS E 266 9.13 10.73 -43.16
N LYS E 267 9.30 11.38 -44.31
CA LYS E 267 9.50 10.66 -45.56
C LYS E 267 10.80 9.85 -45.52
N VAL E 268 11.86 10.46 -44.98
CA VAL E 268 13.17 9.81 -44.98
C VAL E 268 13.25 8.72 -43.92
N GLN E 269 12.59 8.89 -42.78
CA GLN E 269 12.51 7.86 -41.75
C GLN E 269 11.10 7.86 -41.18
N PRO E 270 10.19 7.07 -41.77
CA PRO E 270 8.80 7.04 -41.27
C PRO E 270 8.66 6.54 -39.84
N ASP E 271 9.73 6.03 -39.24
CA ASP E 271 9.64 5.51 -37.89
C ASP E 271 9.65 6.60 -36.83
N VAL E 272 10.28 7.74 -37.14
CA VAL E 272 10.43 8.79 -36.13
C VAL E 272 9.09 9.45 -35.86
N ILE E 273 9.04 10.24 -34.79
CA ILE E 273 7.85 10.95 -34.37
C ILE E 273 8.05 12.44 -34.65
N SER E 274 7.16 13.01 -35.45
CA SER E 274 7.19 14.45 -35.70
C SER E 274 6.82 15.22 -34.45
N LYS E 275 7.36 16.42 -34.32
CA LYS E 275 7.05 17.28 -33.19
C LYS E 275 7.30 18.73 -33.56
N THR E 276 6.41 19.61 -33.11
CA THR E 276 6.53 21.04 -33.37
C THR E 276 5.97 21.81 -32.19
N SER E 277 6.36 23.08 -32.08
CA SER E 277 5.94 23.92 -30.97
C SER E 277 5.64 25.33 -31.47
N ILE E 278 4.74 26.01 -30.77
CA ILE E 278 4.31 27.35 -31.12
C ILE E 278 4.24 28.20 -29.85
N MET E 279 4.43 29.51 -30.02
CA MET E 279 4.32 30.47 -28.94
C MET E 279 3.08 31.34 -29.15
N LEU E 280 2.37 31.61 -28.07
CA LEU E 280 1.20 32.47 -28.09
C LEU E 280 1.49 33.78 -27.36
N GLY E 281 0.76 34.82 -27.74
CA GLY E 281 0.96 36.14 -27.18
C GLY E 281 1.77 37.09 -28.02
N LEU E 282 1.99 36.78 -29.30
CA LEU E 282 2.75 37.63 -30.20
C LEU E 282 1.88 38.49 -31.09
N GLY E 283 0.56 38.44 -30.92
CA GLY E 283 -0.38 39.21 -31.72
C GLY E 283 -1.34 38.37 -32.54
N GLU E 284 -1.14 37.07 -32.63
CA GLU E 284 -2.02 36.19 -33.39
C GLU E 284 -3.41 36.11 -32.77
N ASN E 285 -4.39 35.78 -33.59
CA ASN E 285 -5.75 35.51 -33.13
C ASN E 285 -6.01 34.01 -33.17
N ASP E 286 -7.17 33.62 -32.64
CA ASP E 286 -7.50 32.20 -32.55
C ASP E 286 -7.67 31.56 -33.93
N GLU E 287 -8.19 32.32 -34.91
CA GLU E 287 -8.39 31.76 -36.23
C GLU E 287 -7.08 31.33 -36.87
N GLN E 288 -6.03 32.14 -36.69
CA GLN E 288 -4.73 31.77 -37.24
C GLN E 288 -4.14 30.57 -36.52
N VAL E 289 -4.35 30.46 -35.21
CA VAL E 289 -3.81 29.33 -34.45
C VAL E 289 -4.42 28.02 -34.93
N TYR E 290 -5.75 27.98 -35.07
CA TYR E 290 -6.41 26.74 -35.49
C TYR E 290 -6.00 26.35 -36.90
N ALA E 291 -5.90 27.32 -37.81
CA ALA E 291 -5.47 27.00 -39.17
C ALA E 291 -4.05 26.46 -39.20
N THR E 292 -3.19 26.94 -38.31
CA THR E 292 -1.84 26.41 -38.21
C THR E 292 -1.88 24.95 -37.75
N MET E 293 -2.70 24.66 -36.75
CA MET E 293 -2.77 23.29 -36.21
C MET E 293 -3.37 22.34 -37.24
N LYS E 294 -4.33 22.81 -38.04
CA LYS E 294 -4.86 21.98 -39.11
C LYS E 294 -3.80 21.69 -40.17
N ALA E 295 -3.01 22.71 -40.53
CA ALA E 295 -1.97 22.51 -41.52
C ALA E 295 -0.89 21.56 -41.01
N LEU E 296 -0.61 21.59 -39.71
CA LEU E 296 0.38 20.65 -39.16
C LEU E 296 -0.15 19.22 -39.17
N ARG E 297 -1.46 19.03 -39.05
CA ARG E 297 -2.01 17.68 -39.05
C ARG E 297 -2.05 17.07 -40.45
N GLU E 298 -2.36 17.87 -41.47
CA GLU E 298 -2.26 17.35 -42.84
C GLU E 298 -0.84 17.38 -43.39
N ALA E 299 0.12 17.86 -42.60
CA ALA E 299 1.53 17.59 -42.83
C ALA E 299 2.01 16.39 -42.02
N ASP E 300 1.11 15.76 -41.26
CA ASP E 300 1.40 14.59 -40.44
C ASP E 300 2.47 14.88 -39.39
N VAL E 301 2.28 15.97 -38.66
CA VAL E 301 3.09 16.27 -37.48
C VAL E 301 2.43 15.60 -36.30
N ASP E 302 3.16 14.72 -35.62
CA ASP E 302 2.55 13.84 -34.62
C ASP E 302 2.23 14.61 -33.34
N CYS E 303 3.14 15.46 -32.87
CA CYS E 303 3.02 16.06 -31.56
C CYS E 303 3.14 17.58 -31.66
N LEU E 304 2.48 18.26 -30.73
CA LEU E 304 2.42 19.72 -30.71
C LEU E 304 2.50 20.20 -29.27
N THR E 305 3.26 21.28 -29.05
CA THR E 305 3.29 21.95 -27.76
C THR E 305 3.00 23.42 -27.95
N LEU E 306 2.18 23.98 -27.07
CA LEU E 306 1.84 25.39 -27.07
C LEU E 306 2.27 26.00 -25.74
N GLY E 307 2.79 27.23 -25.80
CA GLY E 307 3.28 27.88 -24.61
C GLY E 307 3.25 29.39 -24.75
N GLN E 308 3.21 30.06 -23.60
CA GLN E 308 3.17 31.52 -23.58
C GLN E 308 4.53 32.11 -23.92
N TYR E 309 4.55 33.00 -24.89
CA TYR E 309 5.77 33.76 -25.16
C TYR E 309 6.08 34.67 -23.98
N MET E 310 7.34 34.67 -23.55
CA MET E 310 7.79 35.50 -22.46
C MET E 310 9.03 36.25 -22.92
N GLN E 311 9.02 37.57 -22.77
CA GLN E 311 10.12 38.42 -23.25
C GLN E 311 11.40 38.11 -22.48
N PRO E 312 12.48 37.71 -23.16
CA PRO E 312 13.71 37.36 -22.46
C PRO E 312 14.71 38.48 -22.28
N THR E 313 14.53 39.62 -22.95
CA THR E 313 15.45 40.74 -22.87
C THR E 313 14.69 42.02 -23.19
N ARG E 314 15.09 43.12 -22.54
CA ARG E 314 14.47 44.41 -22.78
C ARG E 314 14.52 44.80 -24.26
N ARG E 315 15.50 44.28 -25.00
CA ARG E 315 15.65 44.60 -26.41
C ARG E 315 14.81 43.72 -27.33
N HIS E 316 14.21 42.64 -26.81
CA HIS E 316 13.44 41.73 -27.63
C HIS E 316 11.99 42.17 -27.73
N LEU E 317 11.18 41.37 -28.39
CA LEU E 317 9.78 41.72 -28.63
C LEU E 317 8.99 41.74 -27.33
N LYS E 318 8.21 42.81 -27.14
CA LYS E 318 7.33 42.89 -25.99
C LYS E 318 6.15 41.94 -26.14
N VAL E 319 5.72 41.36 -25.04
CA VAL E 319 4.58 40.44 -25.06
C VAL E 319 3.33 41.21 -25.44
N GLU E 320 2.60 40.71 -26.44
CA GLU E 320 1.40 41.38 -26.93
C GLU E 320 0.14 40.93 -26.20
N GLU E 321 0.17 39.78 -25.54
CA GLU E 321 -0.98 39.26 -24.82
C GLU E 321 -0.53 38.10 -23.93
N TYR E 322 -1.06 38.04 -22.72
CA TYR E 322 -0.85 36.91 -21.82
C TYR E 322 -2.10 36.05 -21.85
N ILE E 323 -1.99 34.88 -22.46
CA ILE E 323 -3.14 33.99 -22.65
C ILE E 323 -3.46 33.31 -21.32
N THR E 324 -4.75 33.25 -21.00
CA THR E 324 -5.18 32.66 -19.74
C THR E 324 -4.87 31.17 -19.70
N PRO E 325 -4.64 30.62 -18.50
CA PRO E 325 -4.42 29.16 -18.40
C PRO E 325 -5.57 28.33 -18.91
N GLU E 326 -6.81 28.85 -18.83
CA GLU E 326 -7.95 28.11 -19.33
C GLU E 326 -7.97 28.07 -20.85
N LYS E 327 -7.45 29.12 -21.50
CA LYS E 327 -7.36 29.13 -22.96
C LYS E 327 -6.34 28.10 -23.45
N PHE E 328 -5.28 27.86 -22.67
CA PHE E 328 -4.36 26.78 -23.01
C PHE E 328 -5.02 25.42 -22.84
N LYS E 329 -5.86 25.28 -21.82
CA LYS E 329 -6.63 24.04 -21.68
C LYS E 329 -7.49 23.78 -22.91
N TYR E 330 -8.10 24.84 -23.46
CA TYR E 330 -8.88 24.69 -24.68
C TYR E 330 -8.02 24.20 -25.84
N TRP E 331 -6.82 24.76 -25.98
CA TRP E 331 -5.98 24.41 -27.12
C TRP E 331 -5.50 22.96 -27.06
N GLU E 332 -5.46 22.36 -25.88
CA GLU E 332 -5.11 20.94 -25.79
C GLU E 332 -6.20 20.07 -26.42
N LYS E 333 -7.47 20.33 -26.05
CA LYS E 333 -8.56 19.52 -26.57
C LYS E 333 -8.71 19.69 -28.08
N VAL E 334 -8.36 20.86 -28.62
CA VAL E 334 -8.36 21.05 -30.07
C VAL E 334 -7.33 20.15 -30.71
N GLY E 335 -6.16 20.00 -30.08
CA GLY E 335 -5.17 19.07 -30.58
C GLY E 335 -5.65 17.63 -30.55
N ASN E 336 -6.40 17.27 -29.51
CA ASN E 336 -6.96 15.93 -29.43
C ASN E 336 -8.07 15.72 -30.45
N GLU E 337 -8.79 16.79 -30.81
CA GLU E 337 -9.80 16.69 -31.85
C GLU E 337 -9.15 16.51 -33.23
N LEU E 338 -8.10 17.28 -33.52
CA LEU E 338 -7.47 17.22 -34.83
C LEU E 338 -6.71 15.91 -35.05
N GLY E 339 -6.24 15.29 -33.98
CA GLY E 339 -5.59 14.00 -34.06
C GLY E 339 -4.13 13.94 -33.66
N PHE E 340 -3.61 14.95 -32.96
CA PHE E 340 -2.26 14.86 -32.45
C PHE E 340 -2.15 13.76 -31.40
N HIS E 341 -1.08 12.96 -31.49
CA HIS E 341 -0.90 11.88 -30.53
C HIS E 341 -0.84 12.41 -29.11
N TYR E 342 -0.29 13.60 -28.92
CA TYR E 342 -0.47 14.36 -27.69
C TYR E 342 -0.33 15.84 -28.02
N THR E 343 -0.92 16.66 -27.15
CA THR E 343 -0.84 18.11 -27.29
C THR E 343 -0.57 18.70 -25.91
N ALA E 344 0.69 18.99 -25.64
CA ALA E 344 1.09 19.56 -24.36
C ALA E 344 0.88 21.07 -24.41
N SER E 345 -0.07 21.58 -23.64
CA SER E 345 -0.45 22.98 -23.70
C SER E 345 -0.49 23.57 -22.30
N GLY E 346 0.11 24.75 -22.14
CA GLY E 346 0.14 25.43 -20.87
C GLY E 346 1.00 26.67 -20.95
N PRO E 347 0.81 27.61 -20.01
CA PRO E 347 1.61 28.85 -20.06
C PRO E 347 3.11 28.64 -19.97
N LEU E 348 3.56 27.73 -19.11
CA LEU E 348 4.99 27.47 -18.94
C LEU E 348 5.46 26.28 -19.77
N VAL E 349 4.62 25.72 -20.61
CA VAL E 349 5.02 24.56 -21.40
C VAL E 349 5.97 24.99 -22.50
N ARG E 350 7.12 24.33 -22.58
CA ARG E 350 8.11 24.54 -23.62
C ARG E 350 8.24 23.27 -24.46
N SER E 351 9.11 23.32 -25.46
CA SER E 351 9.22 22.22 -26.41
C SER E 351 9.77 20.96 -25.74
N SER E 352 10.68 21.12 -24.79
CA SER E 352 11.30 19.99 -24.10
C SER E 352 10.67 19.70 -22.75
N TYR E 353 9.72 20.52 -22.31
CA TYR E 353 9.16 20.40 -20.97
C TYR E 353 8.51 19.04 -20.74
N LYS E 354 9.18 18.18 -19.96
CA LYS E 354 8.69 16.85 -19.62
C LYS E 354 8.37 16.03 -20.88
N ALA E 355 9.21 16.20 -21.90
CA ALA E 355 8.98 15.51 -23.17
C ALA E 355 9.06 13.99 -23.02
N GLY E 356 9.82 13.52 -22.03
CA GLY E 356 9.94 12.08 -21.84
C GLY E 356 8.66 11.44 -21.33
N GLU E 357 7.96 12.11 -20.41
CA GLU E 357 6.75 11.53 -19.85
C GLU E 357 5.52 11.83 -20.70
N PHE E 358 5.54 12.91 -21.47
CA PHE E 358 4.53 13.06 -22.52
C PHE E 358 4.67 11.97 -23.56
N PHE E 359 5.91 11.52 -23.81
CA PHE E 359 6.14 10.39 -24.70
C PHE E 359 5.57 9.10 -24.13
N LEU E 360 5.78 8.87 -22.82
CA LEU E 360 5.33 7.64 -22.19
C LEU E 360 3.81 7.58 -22.03
N LYS E 361 3.14 8.73 -22.01
CA LYS E 361 1.69 8.72 -21.85
C LYS E 361 0.97 8.37 -23.14
N ASN E 362 1.49 8.85 -24.27
CA ASN E 362 0.74 8.81 -25.53
C ASN E 362 1.46 8.11 -26.67
N LEU E 363 2.77 8.33 -26.82
CA LEU E 363 3.49 7.84 -28.00
C LEU E 363 3.87 6.37 -27.91
N VAL E 364 3.33 5.62 -26.94
CA VAL E 364 3.54 4.17 -26.89
C VAL E 364 2.39 3.41 -27.55
N ALA E 365 1.52 4.11 -28.28
CA ALA E 365 0.39 3.48 -28.95
C ALA E 365 0.69 3.27 -30.43
N ARG F 51 29.58 43.15 3.87
CA ARG F 51 28.30 42.72 3.30
C ARG F 51 27.97 41.29 3.72
N LYS F 52 26.68 41.01 3.91
CA LYS F 52 26.21 39.68 4.27
C LYS F 52 25.01 39.32 3.40
N PHE F 53 24.70 38.03 3.37
CA PHE F 53 23.63 37.52 2.51
C PHE F 53 22.62 36.73 3.32
N THR F 54 21.46 36.50 2.71
CA THR F 54 20.43 35.61 3.21
C THR F 54 20.30 34.42 2.27
N GLU F 55 19.45 33.48 2.63
CA GLU F 55 19.19 32.34 1.77
C GLU F 55 18.15 32.62 0.70
N LYS F 56 17.60 33.84 0.67
CA LYS F 56 16.75 34.29 -0.43
C LYS F 56 17.49 35.23 -1.37
N HIS F 57 18.83 35.28 -1.28
CA HIS F 57 19.70 35.94 -2.26
C HIS F 57 19.62 37.47 -2.17
N GLU F 58 19.46 38.00 -0.96
CA GLU F 58 19.56 39.43 -0.72
C GLU F 58 20.86 39.73 0.01
N TRP F 59 21.39 40.94 -0.20
CA TRP F 59 22.58 41.38 0.51
C TRP F 59 22.30 42.67 1.27
N VAL F 60 23.12 42.92 2.28
CA VAL F 60 22.99 44.11 3.11
C VAL F 60 24.38 44.51 3.62
N THR F 61 24.68 45.80 3.55
CA THR F 61 25.90 46.36 4.11
C THR F 61 25.52 47.30 5.27
N THR F 62 26.44 47.44 6.21
CA THR F 62 26.18 48.26 7.39
C THR F 62 27.14 49.43 7.49
N ASN F 64 27.26 53.28 9.61
CA ASN F 64 26.76 54.21 10.61
C ASN F 64 25.57 53.62 11.36
N GLY F 65 25.49 52.29 11.39
CA GLY F 65 24.41 51.62 12.08
C GLY F 65 23.13 51.47 11.28
N ILE F 66 23.13 51.86 10.00
CA ILE F 66 21.99 51.63 9.12
C ILE F 66 22.45 50.75 7.96
N GLY F 67 21.47 50.09 7.34
CA GLY F 67 21.75 49.08 6.34
C GLY F 67 21.22 49.44 4.97
N THR F 68 21.96 49.03 3.93
CA THR F 68 21.57 49.21 2.54
C THR F 68 21.40 47.83 1.92
N VAL F 69 20.23 47.58 1.32
CA VAL F 69 19.82 46.25 0.91
C VAL F 69 19.83 46.16 -0.61
N GLY F 70 20.21 44.99 -1.14
CA GLY F 70 20.17 44.70 -2.55
C GLY F 70 19.96 43.22 -2.84
N ILE F 71 20.32 42.76 -4.04
CA ILE F 71 20.26 41.36 -4.39
C ILE F 71 21.61 40.94 -4.97
N SER F 72 21.96 39.66 -4.77
CA SER F 72 23.26 39.17 -5.15
C SER F 72 23.38 39.09 -6.68
N ASN F 73 24.59 38.74 -7.15
CA ASN F 73 24.81 38.61 -8.58
C ASN F 73 24.18 37.35 -9.15
N PHE F 74 24.15 36.26 -8.37
CA PHE F 74 23.46 35.06 -8.82
C PHE F 74 21.96 35.28 -8.92
N ALA F 75 21.42 36.19 -8.09
CA ALA F 75 19.99 36.49 -8.16
C ALA F 75 19.65 37.30 -9.39
N GLN F 76 20.42 38.35 -9.67
CA GLN F 76 20.18 39.16 -10.86
C GLN F 76 20.49 38.39 -12.13
N GLU F 77 21.33 37.36 -12.06
CA GLU F 77 21.58 36.51 -13.23
C GLU F 77 20.34 35.68 -13.56
N ALA F 78 19.74 35.06 -12.54
CA ALA F 78 18.54 34.24 -12.75
C ALA F 78 17.30 35.07 -13.03
N LEU F 79 17.34 36.38 -12.82
CA LEU F 79 16.17 37.24 -13.02
C LEU F 79 16.10 37.79 -14.44
N GLY F 80 17.22 38.31 -14.95
CA GLY F 80 17.21 38.98 -16.23
C GLY F 80 17.05 40.47 -16.08
N ASP F 81 16.88 41.14 -17.23
CA ASP F 81 16.78 42.59 -17.26
C ASP F 81 15.59 43.08 -16.44
N VAL F 82 15.88 43.80 -15.35
CA VAL F 82 14.82 44.33 -14.50
C VAL F 82 14.12 45.48 -15.22
N VAL F 83 12.80 45.52 -15.09
CA VAL F 83 12.00 46.55 -15.73
C VAL F 83 11.16 47.36 -14.73
N TYR F 84 10.88 46.82 -13.54
CA TYR F 84 10.12 47.54 -12.52
C TYR F 84 10.66 47.19 -11.14
N CYS F 85 10.38 48.07 -10.18
CA CYS F 85 10.82 47.88 -8.80
C CYS F 85 9.76 48.43 -7.86
N SER F 86 9.13 47.55 -7.08
CA SER F 86 8.22 47.95 -6.02
C SER F 86 8.99 47.94 -4.70
N LEU F 87 9.04 49.09 -4.03
CA LEU F 87 9.90 49.29 -2.88
C LEU F 87 9.10 49.85 -1.71
N PRO F 88 9.51 49.54 -0.47
CA PRO F 88 8.77 50.03 0.70
C PRO F 88 8.89 51.55 0.84
N GLU F 89 7.91 52.11 1.54
CA GLU F 89 7.83 53.55 1.72
C GLU F 89 8.78 54.00 2.83
N VAL F 90 9.07 55.30 2.83
CA VAL F 90 9.94 55.90 3.83
C VAL F 90 9.17 55.97 5.15
N GLY F 91 9.58 55.16 6.12
CA GLY F 91 8.88 55.05 7.40
C GLY F 91 8.26 53.70 7.66
N THR F 92 8.45 52.71 6.78
CA THR F 92 7.83 51.40 6.93
C THR F 92 8.59 50.59 7.97
N LYS F 93 7.93 50.30 9.10
CA LYS F 93 8.49 49.40 10.09
C LYS F 93 8.30 47.95 9.64
N LEU F 94 9.38 47.17 9.71
CA LEU F 94 9.31 45.78 9.26
C LEU F 94 10.23 44.94 10.13
N ASN F 95 9.95 43.63 10.15
CA ASN F 95 10.76 42.68 10.88
C ASN F 95 11.71 41.94 9.94
N LYS F 96 12.49 41.03 10.50
CA LYS F 96 13.37 40.19 9.70
C LYS F 96 12.55 39.21 8.88
N GLN F 97 13.02 38.93 7.67
CA GLN F 97 12.35 38.03 6.72
C GLN F 97 10.96 38.52 6.35
N ASP F 98 10.74 39.83 6.42
CA ASP F 98 9.47 40.41 6.01
C ASP F 98 9.53 40.82 4.55
N GLU F 99 8.41 40.61 3.85
CA GLU F 99 8.29 40.92 2.43
C GLU F 99 8.16 42.42 2.26
N PHE F 100 9.27 43.10 1.95
CA PHE F 100 9.26 44.55 1.85
C PHE F 100 9.03 45.07 0.44
N GLY F 101 9.33 44.28 -0.59
CA GLY F 101 9.19 44.76 -1.94
C GLY F 101 9.13 43.62 -2.94
N ALA F 102 9.30 43.99 -4.21
CA ALA F 102 9.21 43.02 -5.29
C ALA F 102 10.04 43.50 -6.48
N LEU F 103 10.55 42.54 -7.25
CA LEU F 103 11.33 42.80 -8.45
C LEU F 103 10.71 42.03 -9.61
N GLU F 104 10.46 42.74 -10.72
CA GLU F 104 9.93 42.14 -11.93
C GLU F 104 10.88 42.43 -13.08
N SER F 105 11.28 41.39 -13.80
CA SER F 105 12.13 41.49 -14.96
C SER F 105 11.30 41.21 -16.22
N VAL F 106 11.98 40.89 -17.31
CA VAL F 106 11.29 40.67 -18.57
C VAL F 106 10.63 39.28 -18.60
N LYS F 107 11.34 38.21 -18.24
CA LYS F 107 10.62 36.90 -18.09
C LYS F 107 10.87 36.16 -16.80
N ALA F 108 10.87 36.90 -15.68
CA ALA F 108 10.80 36.32 -14.33
C ALA F 108 10.55 37.44 -13.31
N ALA F 109 9.88 37.09 -12.22
CA ALA F 109 9.69 37.96 -11.07
C ALA F 109 10.37 37.34 -9.87
N SER F 110 10.53 38.14 -8.82
CA SER F 110 11.17 37.63 -7.61
C SER F 110 10.66 38.40 -6.40
N GLU F 111 10.90 37.81 -5.23
CA GLU F 111 10.46 38.35 -3.95
C GLU F 111 11.62 38.97 -3.20
N LEU F 112 11.32 40.01 -2.43
CA LEU F 112 12.32 40.74 -1.64
C LEU F 112 11.93 40.63 -0.17
N TYR F 113 12.77 39.94 0.60
CA TYR F 113 12.57 39.78 2.03
C TYR F 113 13.68 40.51 2.79
N SER F 114 13.31 41.13 3.89
CA SER F 114 14.24 41.97 4.61
C SER F 114 15.29 41.12 5.32
N PRO F 115 16.58 41.41 5.12
CA PRO F 115 17.61 40.65 5.85
C PRO F 115 17.70 40.99 7.32
N LEU F 116 17.18 42.14 7.75
CA LEU F 116 17.24 42.57 9.14
C LEU F 116 15.94 43.27 9.50
N SER F 117 15.79 43.55 10.79
CA SER F 117 14.63 44.26 11.31
C SER F 117 14.95 45.75 11.38
N GLY F 118 14.03 46.59 10.89
CA GLY F 118 14.24 48.01 10.94
C GLY F 118 13.16 48.77 10.20
N GLU F 119 13.44 50.05 9.94
CA GLU F 119 12.50 50.97 9.32
C GLU F 119 13.20 51.69 8.17
N VAL F 120 12.47 51.85 7.06
CA VAL F 120 13.07 52.39 5.84
C VAL F 120 13.35 53.87 6.00
N THR F 121 14.53 54.29 5.55
CA THR F 121 14.91 55.70 5.49
C THR F 121 14.85 56.25 4.07
N GLU F 122 15.49 55.57 3.13
CA GLU F 122 15.56 56.04 1.74
C GLU F 122 15.42 54.84 0.80
N ILE F 123 15.00 55.13 -0.42
CA ILE F 123 14.91 54.15 -1.49
C ILE F 123 15.59 54.72 -2.72
N ASN F 124 16.11 53.82 -3.57
CA ASN F 124 16.84 54.22 -4.76
C ASN F 124 15.88 54.86 -5.75
N GLU F 125 15.92 56.20 -5.84
CA GLU F 125 15.03 56.91 -6.76
C GLU F 125 15.46 56.76 -8.21
N ALA F 126 16.68 56.32 -8.47
CA ALA F 126 17.15 56.14 -9.83
C ALA F 126 16.62 54.87 -10.48
N LEU F 127 16.12 53.92 -9.67
CA LEU F 127 15.60 52.67 -10.21
C LEU F 127 14.25 52.87 -10.89
N GLU F 129 13.48 55.19 -13.29
CA GLU F 129 13.67 55.46 -14.72
C GLU F 129 14.90 54.73 -15.26
N ASN F 130 15.61 54.02 -14.39
CA ASN F 130 16.75 53.20 -14.77
C ASN F 130 16.72 51.90 -13.96
N PRO F 131 15.75 51.03 -14.23
CA PRO F 131 15.67 49.77 -13.47
C PRO F 131 16.82 48.82 -13.73
N GLY F 132 17.53 48.98 -14.85
CA GLY F 132 18.60 48.07 -15.21
C GLY F 132 19.84 48.17 -14.35
N LEU F 133 19.91 49.16 -13.46
CA LEU F 133 21.06 49.27 -12.56
C LEU F 133 21.16 48.08 -11.62
N VAL F 134 20.05 47.36 -11.38
CA VAL F 134 20.09 46.19 -10.51
C VAL F 134 20.91 45.07 -11.14
N ASN F 135 20.64 44.78 -12.42
CA ASN F 135 21.41 43.75 -13.12
C ASN F 135 22.85 44.22 -13.35
N LYS F 136 23.03 45.47 -13.78
CA LYS F 136 24.36 45.92 -14.15
C LYS F 136 25.23 46.24 -12.93
N SER F 137 24.62 46.64 -11.81
CA SER F 137 25.35 46.92 -10.58
C SER F 137 24.51 46.43 -9.42
N CYS F 138 24.66 45.14 -9.08
CA CYS F 138 23.86 44.57 -8.02
C CYS F 138 24.41 44.91 -6.64
N TYR F 139 25.72 45.08 -6.53
CA TYR F 139 26.33 45.39 -5.24
C TYR F 139 26.51 46.88 -5.01
N GLU F 140 26.33 47.71 -6.03
CA GLU F 140 26.36 49.16 -5.91
C GLU F 140 25.19 49.72 -6.71
N ASP F 141 25.21 51.04 -6.95
CA ASP F 141 24.22 51.72 -7.80
C ASP F 141 22.77 51.28 -7.54
N TRP F 143 21.49 48.93 -5.58
CA TRP F 143 20.85 48.84 -4.27
C TRP F 143 19.41 49.34 -4.35
N LEU F 144 18.53 48.79 -3.51
CA LEU F 144 17.11 49.09 -3.57
C LEU F 144 16.63 49.98 -2.44
N ILE F 145 16.97 49.67 -1.18
CA ILE F 145 16.46 50.41 -0.04
C ILE F 145 17.57 50.67 0.97
N LYS F 146 17.39 51.73 1.76
CA LYS F 146 18.26 52.07 2.88
C LYS F 146 17.39 52.18 4.12
N MET F 147 17.57 51.28 5.08
CA MET F 147 16.71 51.24 6.25
C MET F 147 17.51 51.40 7.54
N THR F 148 16.82 51.85 8.58
CA THR F 148 17.39 51.81 9.92
C THR F 148 17.64 50.36 10.32
N LEU F 149 18.74 50.14 11.03
CA LEU F 149 19.04 48.83 11.60
C LEU F 149 18.67 48.86 13.07
N SER F 150 17.71 48.02 13.46
CA SER F 150 17.17 48.05 14.82
C SER F 150 17.74 46.98 15.74
N ASN F 151 18.26 45.88 15.18
CA ASN F 151 18.82 44.79 15.99
C ASN F 151 20.05 44.24 15.28
N PRO F 152 21.24 44.70 15.66
CA PRO F 152 22.46 44.20 15.00
C PRO F 152 22.82 42.77 15.37
N SER F 153 22.11 42.16 16.33
CA SER F 153 22.39 40.78 16.71
C SER F 153 21.94 39.79 15.64
N GLU F 154 21.00 40.19 14.77
CA GLU F 154 20.60 39.34 13.66
C GLU F 154 21.65 39.26 12.57
N LEU F 155 22.72 40.05 12.68
CA LEU F 155 23.77 40.01 11.65
C LEU F 155 24.41 38.64 11.57
N ASP F 156 24.63 37.99 12.72
CA ASP F 156 25.18 36.64 12.72
C ASP F 156 24.13 35.58 12.39
N GLU F 157 22.86 35.95 12.32
CA GLU F 157 21.84 35.07 11.77
C GLU F 157 21.84 35.06 10.25
N LEU F 158 22.71 35.85 9.63
CA LEU F 158 22.83 35.91 8.18
C LEU F 158 23.96 35.00 7.71
N MET F 159 24.28 35.09 6.42
CA MET F 159 25.23 34.19 5.77
C MET F 159 26.43 34.98 5.27
N SER F 160 27.62 34.44 5.45
CA SER F 160 28.82 35.11 4.97
C SER F 160 28.91 35.00 3.46
N GLU F 161 29.75 35.87 2.87
CA GLU F 161 29.92 35.86 1.42
C GLU F 161 30.54 34.56 0.94
N GLU F 162 31.57 34.08 1.66
CA GLU F 162 32.20 32.82 1.28
C GLU F 162 31.25 31.65 1.48
N ALA F 163 30.47 31.67 2.56
CA ALA F 163 29.54 30.58 2.85
C ALA F 163 28.23 30.69 2.06
N TYR F 164 28.00 31.82 1.38
CA TYR F 164 26.84 31.95 0.50
C TYR F 164 27.13 31.43 -0.90
N GLU F 165 28.34 31.65 -1.38
CA GLU F 165 28.72 31.10 -2.69
C GLU F 165 28.94 29.59 -2.60
N LYS F 166 29.44 29.11 -1.46
CA LYS F 166 29.46 27.67 -1.19
C LYS F 166 28.04 27.12 -1.06
N TYR F 167 27.07 27.97 -0.72
CA TYR F 167 25.71 27.52 -0.47
C TYR F 167 24.91 27.35 -1.76
N ILE F 168 25.13 28.22 -2.75
CA ILE F 168 24.39 28.10 -4.00
C ILE F 168 24.92 26.95 -4.83
N LYS F 169 26.24 26.72 -4.80
CA LYS F 169 26.87 25.61 -5.51
C LYS F 169 26.61 24.27 -4.85
N SER F 170 25.82 24.22 -3.78
CA SER F 170 25.58 23.01 -2.99
C SER F 170 26.89 22.48 -2.41
N ILE F 171 27.55 23.34 -1.64
CA ILE F 171 28.76 22.99 -0.89
C ILE F 171 29.92 22.65 -1.82
N1 5AD G . -8.19 -33.62 24.24
C2 5AD G . -7.99 -33.97 22.94
N3 5AD G . -9.03 -34.29 22.15
C4 5AD G . -10.29 -34.28 22.65
N9 5AD G . -11.49 -34.55 22.11
C8 5AD G . -12.42 -34.37 23.05
N7 5AD G . -11.80 -34.01 24.17
C5 5AD G . -10.49 -33.94 23.93
C6 5AD G . -9.42 -33.60 24.73
N6 5AD G . -9.36 -33.22 26.13
C1' 5AD G . -11.55 -34.91 20.84
C2' 5AD G . -12.03 -36.37 20.71
C3' 5AD G . -13.32 -36.30 20.42
C4' 5AD G . -13.52 -34.90 19.60
C5' 5AD G . -14.93 -34.39 19.80
O4' 5AD G . -12.66 -34.05 20.09
O2' 5AD G . -11.28 -37.05 19.64
O3' 5AD G . -13.72 -37.41 19.60
FE1 SF4 H . -17.51 -39.98 25.25
FE2 SF4 H . -18.42 -38.57 23.07
FE3 SF4 H . -17.55 -37.25 25.31
FE4 SF4 H . -19.91 -38.67 25.38
S1 SF4 H . -19.45 -36.82 24.11
S2 SF4 H . -18.25 -38.68 26.96
S3 SF4 H . -19.38 -40.42 24.03
S4 SF4 H . -16.31 -38.56 23.92
FE1 F3S I . -12.43 -26.04 16.04
FE3 F3S I . -12.11 -27.40 18.39
FE4 F3S I . -14.60 -26.67 17.59
S1 F3S I . -11.11 -27.87 16.41
S2 F3S I . -14.41 -26.94 15.34
S3 F3S I . -12.88 -25.28 18.14
C1 PEG J . -29.79 -15.08 14.82
O1 PEG J . -28.90 -14.59 15.80
C2 PEG J . -30.50 -16.32 15.28
O2 PEG J . -31.90 -16.16 15.10
C3 PEG J . -32.66 -16.82 16.11
C4 PEG J . -33.80 -15.95 16.52
O4 PEG J . -34.16 -16.16 17.87
O1 PG4 K . -16.20 -5.66 2.76
C1 PG4 K . -16.38 -7.05 2.53
C2 PG4 K . -15.07 -7.78 2.46
O2 PG4 K . -15.30 -9.18 2.43
C3 PG4 K . -14.24 -9.93 2.99
C4 PG4 K . -14.62 -11.36 3.10
O3 PG4 K . -13.66 -12.07 3.86
C5 PG4 K . -14.22 -13.34 4.19
C6 PG4 K . -13.61 -14.42 3.34
O4 PG4 K . -13.93 -15.70 3.87
C7 PG4 K . -14.79 -16.34 2.93
C8 PG4 K . -14.05 -17.40 2.19
O5 PG4 K . -13.86 -18.52 3.03
N MET L . -20.28 -38.65 21.02
CA MET L . -19.64 -39.22 19.85
C MET L . -18.65 -40.34 20.21
O MET L . -18.54 -41.32 19.46
CB MET L . -18.93 -38.15 19.04
CG MET L . -17.60 -37.72 19.61
SD MET L . -17.77 -37.18 21.32
CE MET L . -18.36 -35.50 21.10
OXT MET L . -17.95 -40.34 21.21
C8 YVI M . -14.13 -32.19 17.05
C7 YVI M . -13.76 -30.75 17.31
C6 YVI M . -13.78 -30.41 18.80
S6 YVI M . -13.92 -28.63 18.97
C5 YVI M . -12.49 -30.87 19.48
C4 YVI M . -12.59 -30.71 20.99
C3 YVI M . -11.22 -30.81 21.68
C2 YVI M . -11.33 -30.55 23.18
C1 YVI M . -9.95 -30.44 23.81
O1 YVI M . -8.96 -30.79 23.19
N1 5AD N . -6.94 1.91 -6.41
C2 5AD N . -7.64 0.76 -6.42
N3 5AD N . -7.10 -0.37 -6.93
C4 5AD N . -5.86 -0.34 -7.45
N9 5AD N . -5.09 -1.28 -8.02
C8 5AD N . -3.93 -0.73 -8.35
N7 5AD N . -3.96 0.56 -8.00
C5 5AD N . -5.16 0.79 -7.45
C6 5AD N . -5.71 1.94 -6.92
N6 5AD N . -5.18 3.29 -6.79
C1' 5AD N . -5.58 -2.51 -8.12
C2' 5AD N . -5.70 -2.94 -9.59
C3' 5AD N . -4.54 -3.55 -9.85
C4' 5AD N . -4.20 -4.33 -8.44
C5' 5AD N . -2.73 -4.55 -8.25
O4' 5AD N . -4.60 -3.56 -7.48
O2' 5AD N . -6.82 -3.87 -9.74
O3' 5AD N . -4.69 -4.46 -10.94
FE1 SF4 O . -0.48 -0.68 -15.50
FE2 SF4 O . 0.47 -0.44 -12.95
FE3 SF4 O . 2.17 -1.18 -14.98
FE4 SF4 O . 0.24 -2.91 -14.12
S1 SF4 O . 2.01 -2.12 -12.90
S2 SF4 O . 0.75 -2.43 -16.27
S3 SF4 O . -1.46 -1.48 -13.61
S4 SF4 O . 1.08 0.82 -14.75
FE1 F3S P . -0.76 -6.24 -0.72
FE3 F3S P . -2.87 -6.85 0.93
FE4 F3S P . -2.99 -4.67 -0.71
S1 F3S P . -1.70 -8.29 -0.39
S3 F3S P . -1.57 -5.00 1.03
S4 F3S P . -4.62 -6.21 -0.39
O1 2PE Q . 25.43 -13.81 7.53
C2 2PE Q . 25.14 -12.52 8.05
C3 2PE Q . 24.70 -11.58 6.96
O4 2PE Q . 23.92 -10.54 7.52
C5 2PE Q . 23.91 -9.36 6.71
C6 2PE Q . 23.20 -9.63 5.42
O7 2PE Q . 21.80 -9.66 5.62
C8 2PE Q . 21.20 -10.89 5.23
C9 2PE Q . 20.64 -10.76 3.86
O10 2PE Q . 19.88 -11.92 3.51
C11 2PE Q . 18.83 -12.20 4.43
C12 2PE Q . 17.69 -12.85 3.72
O13 2PE Q . 16.70 -13.26 4.66
C14 2PE Q . 16.05 -12.17 5.30
C15 2PE Q . 15.96 -12.42 6.77
O16 2PE Q . 15.66 -11.22 7.45
C17 2PE Q . 16.65 -10.86 8.40
C18 2PE Q . 16.22 -9.62 9.13
O19 2PE Q . 17.32 -8.73 9.28
C20 2PE Q . 16.92 -7.37 9.23
C21 2PE Q . 17.86 -6.52 10.02
O22 2PE Q . 18.72 -5.79 9.16
C23 2PE Q . 18.07 -4.71 8.49
C24 2PE Q . 17.83 -3.59 9.44
O25 2PE Q . 17.27 -2.48 8.75
C26 2PE Q . 17.59 -1.23 9.35
C27 2PE Q . 17.25 -0.13 8.40
O28 2PE Q . 15.86 -0.13 8.08
C1 PGE R . 8.22 -23.23 -16.62
O1 PGE R . 9.63 -23.18 -16.59
C2 PGE R . 7.77 -24.19 -17.71
O2 PGE R . 6.37 -24.10 -17.86
C3 PGE R . 5.82 -24.85 -18.92
C4 PGE R . 6.14 -24.15 -20.24
O4 PGE R . 5.75 -21.93 -23.65
C6 PGE R . 5.98 -23.20 -23.06
C5 PGE R . 4.86 -23.50 -22.09
O3 PGE R . 5.24 -24.57 -21.25
N MET S . 1.16 -5.82 -14.33
CA MET S . -0.18 -6.39 -14.19
C MET S . -1.15 -5.76 -15.21
O MET S . -1.49 -6.37 -16.22
CB MET S . -0.68 -6.23 -12.76
CG MET S . -0.76 -4.79 -12.32
SD MET S . -0.56 -4.29 -10.60
CE MET S . 1.21 -4.34 -10.33
OXT MET S . -1.63 -4.63 -15.08
P PO4 T . -11.59 18.32 -13.82
O1 PO4 T . -10.57 17.24 -13.57
O2 PO4 T . -11.82 19.12 -12.55
O3 PO4 T . -11.08 19.26 -14.89
O4 PO4 T . -12.89 17.70 -14.28
C8 YVI U . -3.27 -6.57 -5.59
C7 YVI U . -2.96 -6.27 -4.14
C6 YVI U . -2.39 -4.87 -3.93
S6 YVI U . -1.74 -4.86 -2.27
C5 YVI U . -3.47 -3.83 -4.17
C4 YVI U . -2.92 -2.41 -4.36
C3 YVI U . -4.02 -1.37 -4.58
C2 YVI U . -3.54 0.08 -4.41
C1 YVI U . -4.65 0.87 -3.76
O1 YVI U . -5.46 0.27 -3.11
FE1 SF4 V . 17.15 29.28 -32.77
FE2 SF4 V . 19.05 31.16 -33.29
FE3 SF4 V . 17.34 31.50 -31.17
FE4 SF4 V . 16.41 31.73 -33.73
S1 SF4 V . 17.94 33.07 -32.72
S2 SF4 V . 15.43 30.58 -32.01
S3 SF4 V . 17.67 30.17 -34.80
S4 SF4 V . 18.89 29.85 -31.43
N1 5AD W . 9.54 32.39 -24.79
C2 5AD W . 8.84 31.26 -25.02
N3 5AD W . 9.37 30.26 -25.76
C4 5AD W . 10.62 30.40 -26.26
N9 5AD W . 11.38 29.59 -27.01
C8 5AD W . 12.54 30.19 -27.24
N7 5AD W . 12.51 31.38 -26.64
C5 5AD W . 11.32 31.51 -26.03
C6 5AD W . 10.77 32.52 -25.28
N6 5AD W . 11.30 33.82 -24.89
C1' 5AD W . 10.89 28.41 -27.36
C2' 5AD W . 10.88 28.26 -28.89
C3' 5AD W . 11.87 27.43 -29.19
C4' 5AD W . 12.22 26.58 -27.84
C5' 5AD W . 13.70 26.37 -27.68
O4' 5AD W . 11.82 27.27 -26.81
O2' 5AD W . 9.59 27.67 -29.32
O3' 5AD W . 11.45 26.54 -30.23
FE1 F3S X . 15.26 23.17 -20.39
FE3 F3S X . 13.04 22.31 -19.03
FE4 F3S X . 13.09 24.78 -20.21
S1 F3S X . 14.28 21.11 -20.52
S3 F3S X . 14.39 24.06 -18.48
S4 F3S X . 11.40 23.24 -20.30
N MET Y . 17.90 25.94 -33.67
CA MET Y . 16.46 25.68 -33.63
C MET Y . 15.72 26.73 -34.52
O MET Y . 15.06 27.69 -34.11
CB MET Y . 15.99 25.70 -32.17
CG MET Y . 16.09 27.08 -31.51
SD MET Y . 16.07 27.35 -29.76
CE MET Y . 17.78 27.05 -29.32
OXT MET Y . 15.82 26.64 -35.73
C8 YVI Z . 12.68 23.91 -25.32
C7 YVI Z . 13.39 23.85 -23.98
C6 YVI Z . 13.92 25.20 -23.53
S6 YVI Z . 14.60 24.98 -21.90
C5 YVI Z . 12.82 26.27 -23.49
C4 YVI Z . 13.36 27.70 -23.47
C3 YVI Z . 12.36 28.75 -22.97
C2 YVI Z . 12.97 30.17 -22.93
C1 YVI Z . 12.10 31.21 -22.24
O1 YVI Z . 10.92 30.98 -22.01
#